data_5LJP
# 
_entry.id   5LJP 
# 
_audit_conform.dict_name       mmcif_pdbx.dic 
_audit_conform.dict_version    5.383 
_audit_conform.dict_location   http://mmcif.pdb.org/dictionaries/ascii/mmcif_pdbx.dic 
# 
loop_
_database_2.database_id 
_database_2.database_code 
_database_2.pdbx_database_accession 
_database_2.pdbx_DOI 
PDB   5LJP         pdb_00005ljp 10.2210/pdb5ljp/pdb 
WWPDB D_1200000775 ?            ?                   
# 
loop_
_pdbx_audit_revision_history.ordinal 
_pdbx_audit_revision_history.data_content_type 
_pdbx_audit_revision_history.major_revision 
_pdbx_audit_revision_history.minor_revision 
_pdbx_audit_revision_history.revision_date 
1 'Structure model' 1 0 2017-08-02 
2 'Structure model' 1 1 2024-01-10 
# 
_pdbx_audit_revision_details.ordinal             1 
_pdbx_audit_revision_details.revision_ordinal    1 
_pdbx_audit_revision_details.data_content_type   'Structure model' 
_pdbx_audit_revision_details.provider            repository 
_pdbx_audit_revision_details.type                'Initial release' 
_pdbx_audit_revision_details.description         ? 
_pdbx_audit_revision_details.details             ? 
# 
loop_
_pdbx_audit_revision_group.ordinal 
_pdbx_audit_revision_group.revision_ordinal 
_pdbx_audit_revision_group.data_content_type 
_pdbx_audit_revision_group.group 
1 2 'Structure model' 'Data collection'        
2 2 'Structure model' 'Database references'    
3 2 'Structure model' 'Refinement description' 
# 
loop_
_pdbx_audit_revision_category.ordinal 
_pdbx_audit_revision_category.revision_ordinal 
_pdbx_audit_revision_category.data_content_type 
_pdbx_audit_revision_category.category 
1 2 'Structure model' chem_comp_atom                
2 2 'Structure model' chem_comp_bond                
3 2 'Structure model' database_2                    
4 2 'Structure model' pdbx_initial_refinement_model 
# 
loop_
_pdbx_audit_revision_item.ordinal 
_pdbx_audit_revision_item.revision_ordinal 
_pdbx_audit_revision_item.data_content_type 
_pdbx_audit_revision_item.item 
1 2 'Structure model' '_database_2.pdbx_DOI'                
2 2 'Structure model' '_database_2.pdbx_database_accession' 
# 
_pdbx_database_status.status_code                     REL 
_pdbx_database_status.status_code_sf                  REL 
_pdbx_database_status.status_code_mr                  ? 
_pdbx_database_status.entry_id                        5LJP 
_pdbx_database_status.recvd_initial_deposition_date   2016-07-19 
_pdbx_database_status.SG_entry                        N 
_pdbx_database_status.deposit_site                    PDBE 
_pdbx_database_status.process_site                    PDBE 
_pdbx_database_status.status_code_cs                  ? 
_pdbx_database_status.methods_development_category    ? 
_pdbx_database_status.pdb_format_compatible           Y 
_pdbx_database_status.status_code_nmr_data            ? 
# 
loop_
_audit_author.name 
_audit_author.pdbx_ordinal 
'Martinez-Julvez, M.' 1 
'Sancho, J.'          2 
'Lamazares, E.'       3 
# 
_citation.abstract                  ? 
_citation.abstract_id_CAS           ? 
_citation.book_id_ISBN              ? 
_citation.book_publisher            ? 
_citation.book_publisher_city       ? 
_citation.book_title                ? 
_citation.coordinate_linkage        ? 
_citation.country                   UK 
_citation.database_id_Medline       ? 
_citation.details                   ? 
_citation.id                        primary 
_citation.journal_abbrev            'Phys Chem Chem Phys' 
_citation.journal_id_ASTM           ? 
_citation.journal_id_CSD            ? 
_citation.journal_id_ISSN           1463-9084 
_citation.journal_full              ? 
_citation.journal_issue             ? 
_citation.journal_volume            19 
_citation.language                  ? 
_citation.page_first                19021 
_citation.page_last                 19031 
_citation.title                     
'Direct examination of the relevance for folding, binding and electron transfer of a conserved protein folding intermediate.' 
_citation.year                      2017 
_citation.database_id_CSD           ? 
_citation.pdbx_database_id_DOI      10.1039/c7cp02606d 
_citation.pdbx_database_id_PubMed   28702545 
_citation.unpublished_flag          ? 
# 
loop_
_citation_author.citation_id 
_citation_author.name 
_citation_author.ordinal 
_citation_author.identifier_ORCID 
primary 'Lamazares, E.'        1 ? 
primary 'Vega, S.'             2 ? 
primary 'Ferreira, P.'         3 ? 
primary 'Medina, M.'           4 ? 
primary 'Galano-Frutos, J.J.'  5 ? 
primary 'Martinez-Julvez, M.'  6 ? 
primary 'Velazquez-Campoy, A.' 7 ? 
primary 'Sancho, J.'           8 ? 
# 
loop_
_entity.id 
_entity.type 
_entity.src_method 
_entity.pdbx_description 
_entity.formula_weight 
_entity.pdbx_number_of_molecules 
_entity.pdbx_ec 
_entity.pdbx_mutation 
_entity.pdbx_fragment 
_entity.details 
1 polymer     man Flavodoxin              18805.646 1   ? E20K/I59A/E72K/I92A/D126K/A142V ? ? 
2 non-polymer syn 'FLAVIN MONONUCLEOTIDE' 456.344   1   ? ?                               ? ? 
3 water       nat water                   18.015    123 ? ?                               ? ? 
# 
_entity_poly.entity_id                      1 
_entity_poly.type                           'polypeptide(L)' 
_entity_poly.nstd_linkage                   no 
_entity_poly.nstd_monomer                   no 
_entity_poly.pdbx_seq_one_letter_code       
;SKKIGLFYGTQTGKTESVAKIIRDEFGNDVVTLHDVSQAEVTDLNDYQYLIIGCPTWNAGELQSDWEGLYSKLDDVDFNG
KLVAYFGTGDQAGYADNFQDAIGILEEKISQRGGKTVGYWSTDGYKFNDSKALRNGKFVGLVLDEDNQSDLTDDRIKSWV
AQLKSEFGL
;
_entity_poly.pdbx_seq_one_letter_code_can   
;SKKIGLFYGTQTGKTESVAKIIRDEFGNDVVTLHDVSQAEVTDLNDYQYLIIGCPTWNAGELQSDWEGLYSKLDDVDFNG
KLVAYFGTGDQAGYADNFQDAIGILEEKISQRGGKTVGYWSTDGYKFNDSKALRNGKFVGLVLDEDNQSDLTDDRIKSWV
AQLKSEFGL
;
_entity_poly.pdbx_strand_id                 A 
_entity_poly.pdbx_target_identifier         ? 
# 
loop_
_pdbx_entity_nonpoly.entity_id 
_pdbx_entity_nonpoly.name 
_pdbx_entity_nonpoly.comp_id 
2 'FLAVIN MONONUCLEOTIDE' FMN 
3 water                   HOH 
# 
loop_
_entity_poly_seq.entity_id 
_entity_poly_seq.num 
_entity_poly_seq.mon_id 
_entity_poly_seq.hetero 
1 1   SER n 
1 2   LYS n 
1 3   LYS n 
1 4   ILE n 
1 5   GLY n 
1 6   LEU n 
1 7   PHE n 
1 8   TYR n 
1 9   GLY n 
1 10  THR n 
1 11  GLN n 
1 12  THR n 
1 13  GLY n 
1 14  LYS n 
1 15  THR n 
1 16  GLU n 
1 17  SER n 
1 18  VAL n 
1 19  ALA n 
1 20  LYS n 
1 21  ILE n 
1 22  ILE n 
1 23  ARG n 
1 24  ASP n 
1 25  GLU n 
1 26  PHE n 
1 27  GLY n 
1 28  ASN n 
1 29  ASP n 
1 30  VAL n 
1 31  VAL n 
1 32  THR n 
1 33  LEU n 
1 34  HIS n 
1 35  ASP n 
1 36  VAL n 
1 37  SER n 
1 38  GLN n 
1 39  ALA n 
1 40  GLU n 
1 41  VAL n 
1 42  THR n 
1 43  ASP n 
1 44  LEU n 
1 45  ASN n 
1 46  ASP n 
1 47  TYR n 
1 48  GLN n 
1 49  TYR n 
1 50  LEU n 
1 51  ILE n 
1 52  ILE n 
1 53  GLY n 
1 54  CYS n 
1 55  PRO n 
1 56  THR n 
1 57  TRP n 
1 58  ASN n 
1 59  ALA n 
1 60  GLY n 
1 61  GLU n 
1 62  LEU n 
1 63  GLN n 
1 64  SER n 
1 65  ASP n 
1 66  TRP n 
1 67  GLU n 
1 68  GLY n 
1 69  LEU n 
1 70  TYR n 
1 71  SER n 
1 72  LYS n 
1 73  LEU n 
1 74  ASP n 
1 75  ASP n 
1 76  VAL n 
1 77  ASP n 
1 78  PHE n 
1 79  ASN n 
1 80  GLY n 
1 81  LYS n 
1 82  LEU n 
1 83  VAL n 
1 84  ALA n 
1 85  TYR n 
1 86  PHE n 
1 87  GLY n 
1 88  THR n 
1 89  GLY n 
1 90  ASP n 
1 91  GLN n 
1 92  ALA n 
1 93  GLY n 
1 94  TYR n 
1 95  ALA n 
1 96  ASP n 
1 97  ASN n 
1 98  PHE n 
1 99  GLN n 
1 100 ASP n 
1 101 ALA n 
1 102 ILE n 
1 103 GLY n 
1 104 ILE n 
1 105 LEU n 
1 106 GLU n 
1 107 GLU n 
1 108 LYS n 
1 109 ILE n 
1 110 SER n 
1 111 GLN n 
1 112 ARG n 
1 113 GLY n 
1 114 GLY n 
1 115 LYS n 
1 116 THR n 
1 117 VAL n 
1 118 GLY n 
1 119 TYR n 
1 120 TRP n 
1 121 SER n 
1 122 THR n 
1 123 ASP n 
1 124 GLY n 
1 125 TYR n 
1 126 LYS n 
1 127 PHE n 
1 128 ASN n 
1 129 ASP n 
1 130 SER n 
1 131 LYS n 
1 132 ALA n 
1 133 LEU n 
1 134 ARG n 
1 135 ASN n 
1 136 GLY n 
1 137 LYS n 
1 138 PHE n 
1 139 VAL n 
1 140 GLY n 
1 141 LEU n 
1 142 VAL n 
1 143 LEU n 
1 144 ASP n 
1 145 GLU n 
1 146 ASP n 
1 147 ASN n 
1 148 GLN n 
1 149 SER n 
1 150 ASP n 
1 151 LEU n 
1 152 THR n 
1 153 ASP n 
1 154 ASP n 
1 155 ARG n 
1 156 ILE n 
1 157 LYS n 
1 158 SER n 
1 159 TRP n 
1 160 VAL n 
1 161 ALA n 
1 162 GLN n 
1 163 LEU n 
1 164 LYS n 
1 165 SER n 
1 166 GLU n 
1 167 PHE n 
1 168 GLY n 
1 169 LEU n 
# 
_entity_src_gen.entity_id                          1 
_entity_src_gen.pdbx_src_id                        1 
_entity_src_gen.pdbx_alt_source_flag               sample 
_entity_src_gen.pdbx_seq_type                      'Biological sequence' 
_entity_src_gen.pdbx_beg_seq_num                   1 
_entity_src_gen.pdbx_end_seq_num                   169 
_entity_src_gen.gene_src_common_name               ? 
_entity_src_gen.gene_src_genus                     ? 
_entity_src_gen.pdbx_gene_src_gene                 isiB 
_entity_src_gen.gene_src_species                   ? 
_entity_src_gen.gene_src_strain                    ? 
_entity_src_gen.gene_src_tissue                    ? 
_entity_src_gen.gene_src_tissue_fraction           ? 
_entity_src_gen.gene_src_details                   ? 
_entity_src_gen.pdbx_gene_src_fragment             ? 
_entity_src_gen.pdbx_gene_src_scientific_name      'Nostoc sp. (strain ATCC 29151 / PCC 7119)' 
_entity_src_gen.pdbx_gene_src_ncbi_taxonomy_id     1168 
_entity_src_gen.pdbx_gene_src_variant              ? 
_entity_src_gen.pdbx_gene_src_cell_line            ? 
_entity_src_gen.pdbx_gene_src_atcc                 ? 
_entity_src_gen.pdbx_gene_src_organ                ? 
_entity_src_gen.pdbx_gene_src_organelle            ? 
_entity_src_gen.pdbx_gene_src_cell                 ? 
_entity_src_gen.pdbx_gene_src_cellular_location    ? 
_entity_src_gen.host_org_common_name               ? 
_entity_src_gen.pdbx_host_org_scientific_name      'Escherichia coli BL21' 
_entity_src_gen.pdbx_host_org_ncbi_taxonomy_id     511693 
_entity_src_gen.host_org_genus                     ? 
_entity_src_gen.pdbx_host_org_gene                 ? 
_entity_src_gen.pdbx_host_org_organ                ? 
_entity_src_gen.host_org_species                   ? 
_entity_src_gen.pdbx_host_org_tissue               ? 
_entity_src_gen.pdbx_host_org_tissue_fraction      ? 
_entity_src_gen.pdbx_host_org_strain               ? 
_entity_src_gen.pdbx_host_org_variant              ? 
_entity_src_gen.pdbx_host_org_cell_line            ? 
_entity_src_gen.pdbx_host_org_atcc                 ? 
_entity_src_gen.pdbx_host_org_culture_collection   ? 
_entity_src_gen.pdbx_host_org_cell                 ? 
_entity_src_gen.pdbx_host_org_organelle            ? 
_entity_src_gen.pdbx_host_org_cellular_location    ? 
_entity_src_gen.pdbx_host_org_vector_type          pTrc99A 
_entity_src_gen.pdbx_host_org_vector               ? 
_entity_src_gen.host_org_details                   ? 
_entity_src_gen.expression_system_id               ? 
_entity_src_gen.plasmid_name                       ? 
_entity_src_gen.plasmid_details                    ? 
_entity_src_gen.pdbx_description                   ? 
# 
loop_
_chem_comp.id 
_chem_comp.type 
_chem_comp.mon_nstd_flag 
_chem_comp.name 
_chem_comp.pdbx_synonyms 
_chem_comp.formula 
_chem_comp.formula_weight 
ALA 'L-peptide linking' y ALANINE                 ?                          'C3 H7 N O2'      89.093  
ARG 'L-peptide linking' y ARGININE                ?                          'C6 H15 N4 O2 1'  175.209 
ASN 'L-peptide linking' y ASPARAGINE              ?                          'C4 H8 N2 O3'     132.118 
ASP 'L-peptide linking' y 'ASPARTIC ACID'         ?                          'C4 H7 N O4'      133.103 
CYS 'L-peptide linking' y CYSTEINE                ?                          'C3 H7 N O2 S'    121.158 
FMN non-polymer         . 'FLAVIN MONONUCLEOTIDE' 'RIBOFLAVIN MONOPHOSPHATE' 'C17 H21 N4 O9 P' 456.344 
GLN 'L-peptide linking' y GLUTAMINE               ?                          'C5 H10 N2 O3'    146.144 
GLU 'L-peptide linking' y 'GLUTAMIC ACID'         ?                          'C5 H9 N O4'      147.129 
GLY 'peptide linking'   y GLYCINE                 ?                          'C2 H5 N O2'      75.067  
HIS 'L-peptide linking' y HISTIDINE               ?                          'C6 H10 N3 O2 1'  156.162 
HOH non-polymer         . WATER                   ?                          'H2 O'            18.015  
ILE 'L-peptide linking' y ISOLEUCINE              ?                          'C6 H13 N O2'     131.173 
LEU 'L-peptide linking' y LEUCINE                 ?                          'C6 H13 N O2'     131.173 
LYS 'L-peptide linking' y LYSINE                  ?                          'C6 H15 N2 O2 1'  147.195 
PHE 'L-peptide linking' y PHENYLALANINE           ?                          'C9 H11 N O2'     165.189 
PRO 'L-peptide linking' y PROLINE                 ?                          'C5 H9 N O2'      115.130 
SER 'L-peptide linking' y SERINE                  ?                          'C3 H7 N O3'      105.093 
THR 'L-peptide linking' y THREONINE               ?                          'C4 H9 N O3'      119.119 
TRP 'L-peptide linking' y TRYPTOPHAN              ?                          'C11 H12 N2 O2'   204.225 
TYR 'L-peptide linking' y TYROSINE                ?                          'C9 H11 N O3'     181.189 
VAL 'L-peptide linking' y VALINE                  ?                          'C5 H11 N O2'     117.146 
# 
loop_
_pdbx_poly_seq_scheme.asym_id 
_pdbx_poly_seq_scheme.entity_id 
_pdbx_poly_seq_scheme.seq_id 
_pdbx_poly_seq_scheme.mon_id 
_pdbx_poly_seq_scheme.ndb_seq_num 
_pdbx_poly_seq_scheme.pdb_seq_num 
_pdbx_poly_seq_scheme.auth_seq_num 
_pdbx_poly_seq_scheme.pdb_mon_id 
_pdbx_poly_seq_scheme.auth_mon_id 
_pdbx_poly_seq_scheme.pdb_strand_id 
_pdbx_poly_seq_scheme.pdb_ins_code 
_pdbx_poly_seq_scheme.hetero 
A 1 1   SER 1   1   ?   ?   ?   A . n 
A 1 2   LYS 2   2   2   LYS LYS A . n 
A 1 3   LYS 3   3   3   LYS LYS A . n 
A 1 4   ILE 4   4   4   ILE ILE A . n 
A 1 5   GLY 5   5   5   GLY GLY A . n 
A 1 6   LEU 6   6   6   LEU LEU A . n 
A 1 7   PHE 7   7   7   PHE PHE A . n 
A 1 8   TYR 8   8   8   TYR TYR A . n 
A 1 9   GLY 9   9   9   GLY GLY A . n 
A 1 10  THR 10  10  10  THR THR A . n 
A 1 11  GLN 11  11  11  GLN GLN A . n 
A 1 12  THR 12  12  12  THR THR A . n 
A 1 13  GLY 13  13  13  GLY GLY A . n 
A 1 14  LYS 14  14  14  LYS LYS A . n 
A 1 15  THR 15  15  15  THR THR A . n 
A 1 16  GLU 16  16  16  GLU GLU A . n 
A 1 17  SER 17  17  17  SER SER A . n 
A 1 18  VAL 18  18  18  VAL VAL A . n 
A 1 19  ALA 19  19  19  ALA ALA A . n 
A 1 20  LYS 20  20  20  LYS LYS A . n 
A 1 21  ILE 21  21  21  ILE ILE A . n 
A 1 22  ILE 22  22  22  ILE ILE A . n 
A 1 23  ARG 23  23  23  ARG ARG A . n 
A 1 24  ASP 24  24  24  ASP ASP A . n 
A 1 25  GLU 25  25  25  GLU GLU A . n 
A 1 26  PHE 26  26  26  PHE PHE A . n 
A 1 27  GLY 27  27  27  GLY GLY A . n 
A 1 28  ASN 28  28  28  ASN ASN A . n 
A 1 29  ASP 29  29  29  ASP ASP A . n 
A 1 30  VAL 30  30  30  VAL VAL A . n 
A 1 31  VAL 31  31  31  VAL VAL A . n 
A 1 32  THR 32  32  32  THR THR A . n 
A 1 33  LEU 33  33  33  LEU LEU A . n 
A 1 34  HIS 34  34  34  HIS HIS A . n 
A 1 35  ASP 35  35  35  ASP ASP A . n 
A 1 36  VAL 36  36  36  VAL VAL A . n 
A 1 37  SER 37  37  37  SER SER A . n 
A 1 38  GLN 38  38  38  GLN GLN A . n 
A 1 39  ALA 39  39  39  ALA ALA A . n 
A 1 40  GLU 40  40  40  GLU GLU A . n 
A 1 41  VAL 41  41  41  VAL VAL A . n 
A 1 42  THR 42  42  42  THR THR A . n 
A 1 43  ASP 43  43  43  ASP ASP A . n 
A 1 44  LEU 44  44  44  LEU LEU A . n 
A 1 45  ASN 45  45  45  ASN ASN A . n 
A 1 46  ASP 46  46  46  ASP ASP A . n 
A 1 47  TYR 47  47  47  TYR TYR A . n 
A 1 48  GLN 48  48  48  GLN GLN A . n 
A 1 49  TYR 49  49  49  TYR TYR A . n 
A 1 50  LEU 50  50  50  LEU LEU A . n 
A 1 51  ILE 51  51  51  ILE ILE A . n 
A 1 52  ILE 52  52  52  ILE ILE A . n 
A 1 53  GLY 53  53  53  GLY GLY A . n 
A 1 54  CYS 54  54  54  CYS CYS A . n 
A 1 55  PRO 55  55  55  PRO PRO A . n 
A 1 56  THR 56  56  56  THR THR A . n 
A 1 57  TRP 57  57  57  TRP TRP A . n 
A 1 58  ASN 58  58  58  ASN ASN A . n 
A 1 59  ALA 59  59  59  ALA ALA A . n 
A 1 60  GLY 60  60  60  GLY GLY A . n 
A 1 61  GLU 61  61  61  GLU GLU A . n 
A 1 62  LEU 62  62  62  LEU LEU A . n 
A 1 63  GLN 63  63  63  GLN GLN A . n 
A 1 64  SER 64  64  64  SER SER A . n 
A 1 65  ASP 65  65  65  ASP ASP A . n 
A 1 66  TRP 66  66  66  TRP TRP A . n 
A 1 67  GLU 67  67  67  GLU GLU A . n 
A 1 68  GLY 68  68  68  GLY GLY A . n 
A 1 69  LEU 69  69  69  LEU LEU A . n 
A 1 70  TYR 70  70  70  TYR TYR A . n 
A 1 71  SER 71  71  71  SER SER A . n 
A 1 72  LYS 72  72  72  LYS LYS A . n 
A 1 73  LEU 73  73  73  LEU LEU A . n 
A 1 74  ASP 74  74  74  ASP ASP A . n 
A 1 75  ASP 75  75  75  ASP ASP A . n 
A 1 76  VAL 76  76  76  VAL VAL A . n 
A 1 77  ASP 77  77  77  ASP ASP A . n 
A 1 78  PHE 78  78  78  PHE PHE A . n 
A 1 79  ASN 79  79  79  ASN ASN A . n 
A 1 80  GLY 80  80  80  GLY GLY A . n 
A 1 81  LYS 81  81  81  LYS LYS A . n 
A 1 82  LEU 82  82  82  LEU LEU A . n 
A 1 83  VAL 83  83  83  VAL VAL A . n 
A 1 84  ALA 84  84  84  ALA ALA A . n 
A 1 85  TYR 85  85  85  TYR TYR A . n 
A 1 86  PHE 86  86  86  PHE PHE A . n 
A 1 87  GLY 87  87  87  GLY GLY A . n 
A 1 88  THR 88  88  88  THR THR A . n 
A 1 89  GLY 89  89  89  GLY GLY A . n 
A 1 90  ASP 90  90  90  ASP ASP A . n 
A 1 91  GLN 91  91  91  GLN GLN A . n 
A 1 92  ALA 92  92  92  ALA ALA A . n 
A 1 93  GLY 93  93  93  GLY GLY A . n 
A 1 94  TYR 94  94  94  TYR TYR A . n 
A 1 95  ALA 95  95  95  ALA ALA A . n 
A 1 96  ASP 96  96  96  ASP ASP A . n 
A 1 97  ASN 97  97  97  ASN ASN A . n 
A 1 98  PHE 98  98  98  PHE PHE A . n 
A 1 99  GLN 99  99  99  GLN GLN A . n 
A 1 100 ASP 100 100 100 ASP ASP A . n 
A 1 101 ALA 101 101 101 ALA ALA A . n 
A 1 102 ILE 102 102 102 ILE ILE A . n 
A 1 103 GLY 103 103 103 GLY GLY A . n 
A 1 104 ILE 104 104 104 ILE ILE A . n 
A 1 105 LEU 105 105 105 LEU LEU A . n 
A 1 106 GLU 106 106 106 GLU GLU A . n 
A 1 107 GLU 107 107 107 GLU GLU A . n 
A 1 108 LYS 108 108 108 LYS LYS A . n 
A 1 109 ILE 109 109 109 ILE ILE A . n 
A 1 110 SER 110 110 110 SER SER A . n 
A 1 111 GLN 111 111 111 GLN GLN A . n 
A 1 112 ARG 112 112 112 ARG ARG A . n 
A 1 113 GLY 113 113 113 GLY GLY A . n 
A 1 114 GLY 114 114 114 GLY GLY A . n 
A 1 115 LYS 115 115 115 LYS LYS A . n 
A 1 116 THR 116 116 116 THR THR A . n 
A 1 117 VAL 117 117 117 VAL VAL A . n 
A 1 118 GLY 118 118 118 GLY GLY A . n 
A 1 119 TYR 119 119 119 TYR TYR A . n 
A 1 120 TRP 120 120 120 TRP TRP A . n 
A 1 121 SER 121 121 121 SER SER A . n 
A 1 122 THR 122 122 122 THR THR A . n 
A 1 123 ASP 123 123 123 ASP ASP A . n 
A 1 124 GLY 124 124 124 GLY GLY A . n 
A 1 125 TYR 125 125 125 TYR TYR A . n 
A 1 126 LYS 126 126 126 LYS LYS A . n 
A 1 127 PHE 127 127 127 PHE PHE A . n 
A 1 128 ASN 128 128 128 ASN ASN A . n 
A 1 129 ASP 129 129 129 ASP ASP A . n 
A 1 130 SER 130 130 130 SER SER A . n 
A 1 131 LYS 131 131 131 LYS LYS A . n 
A 1 132 ALA 132 132 132 ALA ALA A . n 
A 1 133 LEU 133 133 133 LEU LEU A . n 
A 1 134 ARG 134 134 134 ARG ARG A . n 
A 1 135 ASN 135 135 135 ASN ASN A . n 
A 1 136 GLY 136 136 136 GLY GLY A . n 
A 1 137 LYS 137 137 137 LYS LYS A . n 
A 1 138 PHE 138 138 138 PHE PHE A . n 
A 1 139 VAL 139 139 139 VAL VAL A . n 
A 1 140 GLY 140 140 140 GLY GLY A . n 
A 1 141 LEU 141 141 141 LEU LEU A . n 
A 1 142 VAL 142 142 142 VAL VAL A . n 
A 1 143 LEU 143 143 143 LEU LEU A . n 
A 1 144 ASP 144 144 144 ASP ASP A . n 
A 1 145 GLU 145 145 145 GLU GLU A . n 
A 1 146 ASP 146 146 146 ASP ASP A . n 
A 1 147 ASN 147 147 147 ASN ASN A . n 
A 1 148 GLN 148 148 148 GLN GLN A . n 
A 1 149 SER 149 149 149 SER SER A . n 
A 1 150 ASP 150 150 150 ASP ASP A . n 
A 1 151 LEU 151 151 151 LEU LEU A . n 
A 1 152 THR 152 152 152 THR THR A . n 
A 1 153 ASP 153 153 153 ASP ASP A . n 
A 1 154 ASP 154 154 154 ASP ASP A . n 
A 1 155 ARG 155 155 155 ARG ARG A . n 
A 1 156 ILE 156 156 156 ILE ILE A . n 
A 1 157 LYS 157 157 157 LYS LYS A . n 
A 1 158 SER 158 158 158 SER SER A . n 
A 1 159 TRP 159 159 159 TRP TRP A . n 
A 1 160 VAL 160 160 160 VAL VAL A . n 
A 1 161 ALA 161 161 161 ALA ALA A . n 
A 1 162 GLN 162 162 162 GLN GLN A . n 
A 1 163 LEU 163 163 163 LEU LEU A . n 
A 1 164 LYS 164 164 164 LYS LYS A . n 
A 1 165 SER 165 165 165 SER SER A . n 
A 1 166 GLU 166 166 166 GLU GLU A . n 
A 1 167 PHE 167 167 167 PHE PHE A . n 
A 1 168 GLY 168 168 168 GLY GLY A . n 
A 1 169 LEU 169 169 169 LEU LEU A . n 
# 
loop_
_pdbx_nonpoly_scheme.asym_id 
_pdbx_nonpoly_scheme.entity_id 
_pdbx_nonpoly_scheme.mon_id 
_pdbx_nonpoly_scheme.ndb_seq_num 
_pdbx_nonpoly_scheme.pdb_seq_num 
_pdbx_nonpoly_scheme.auth_seq_num 
_pdbx_nonpoly_scheme.pdb_mon_id 
_pdbx_nonpoly_scheme.auth_mon_id 
_pdbx_nonpoly_scheme.pdb_strand_id 
_pdbx_nonpoly_scheme.pdb_ins_code 
B 2 FMN 1   201 170 FMN FMN A . 
C 3 HOH 1   301 121 HOH HOH A . 
C 3 HOH 2   302 21  HOH HOH A . 
C 3 HOH 3   303 90  HOH HOH A . 
C 3 HOH 4   304 11  HOH HOH A . 
C 3 HOH 5   305 65  HOH HOH A . 
C 3 HOH 6   306 83  HOH HOH A . 
C 3 HOH 7   307 58  HOH HOH A . 
C 3 HOH 8   308 48  HOH HOH A . 
C 3 HOH 9   309 50  HOH HOH A . 
C 3 HOH 10  310 8   HOH HOH A . 
C 3 HOH 11  311 38  HOH HOH A . 
C 3 HOH 12  312 42  HOH HOH A . 
C 3 HOH 13  313 53  HOH HOH A . 
C 3 HOH 14  314 97  HOH HOH A . 
C 3 HOH 15  315 82  HOH HOH A . 
C 3 HOH 16  316 60  HOH HOH A . 
C 3 HOH 17  317 88  HOH HOH A . 
C 3 HOH 18  318 105 HOH HOH A . 
C 3 HOH 19  319 19  HOH HOH A . 
C 3 HOH 20  320 37  HOH HOH A . 
C 3 HOH 21  321 114 HOH HOH A . 
C 3 HOH 22  322 78  HOH HOH A . 
C 3 HOH 23  323 87  HOH HOH A . 
C 3 HOH 24  324 101 HOH HOH A . 
C 3 HOH 25  325 2   HOH HOH A . 
C 3 HOH 26  326 14  HOH HOH A . 
C 3 HOH 27  327 55  HOH HOH A . 
C 3 HOH 28  328 81  HOH HOH A . 
C 3 HOH 29  329 73  HOH HOH A . 
C 3 HOH 30  330 4   HOH HOH A . 
C 3 HOH 31  331 72  HOH HOH A . 
C 3 HOH 32  332 43  HOH HOH A . 
C 3 HOH 33  333 91  HOH HOH A . 
C 3 HOH 34  334 12  HOH HOH A . 
C 3 HOH 35  335 79  HOH HOH A . 
C 3 HOH 36  336 45  HOH HOH A . 
C 3 HOH 37  337 107 HOH HOH A . 
C 3 HOH 38  338 15  HOH HOH A . 
C 3 HOH 39  339 10  HOH HOH A . 
C 3 HOH 40  340 68  HOH HOH A . 
C 3 HOH 41  341 74  HOH HOH A . 
C 3 HOH 42  342 17  HOH HOH A . 
C 3 HOH 43  343 69  HOH HOH A . 
C 3 HOH 44  344 94  HOH HOH A . 
C 3 HOH 45  345 64  HOH HOH A . 
C 3 HOH 46  346 16  HOH HOH A . 
C 3 HOH 47  347 29  HOH HOH A . 
C 3 HOH 48  348 80  HOH HOH A . 
C 3 HOH 49  349 52  HOH HOH A . 
C 3 HOH 50  350 6   HOH HOH A . 
C 3 HOH 51  351 35  HOH HOH A . 
C 3 HOH 52  352 85  HOH HOH A . 
C 3 HOH 53  353 24  HOH HOH A . 
C 3 HOH 54  354 54  HOH HOH A . 
C 3 HOH 55  355 7   HOH HOH A . 
C 3 HOH 56  356 36  HOH HOH A . 
C 3 HOH 57  357 109 HOH HOH A . 
C 3 HOH 58  358 25  HOH HOH A . 
C 3 HOH 59  359 5   HOH HOH A . 
C 3 HOH 60  360 99  HOH HOH A . 
C 3 HOH 61  361 1   HOH HOH A . 
C 3 HOH 62  362 40  HOH HOH A . 
C 3 HOH 63  363 113 HOH HOH A . 
C 3 HOH 64  364 27  HOH HOH A . 
C 3 HOH 65  365 33  HOH HOH A . 
C 3 HOH 66  366 49  HOH HOH A . 
C 3 HOH 67  367 31  HOH HOH A . 
C 3 HOH 68  368 51  HOH HOH A . 
C 3 HOH 69  369 67  HOH HOH A . 
C 3 HOH 70  370 59  HOH HOH A . 
C 3 HOH 71  371 57  HOH HOH A . 
C 3 HOH 72  372 115 HOH HOH A . 
C 3 HOH 73  373 9   HOH HOH A . 
C 3 HOH 74  374 13  HOH HOH A . 
C 3 HOH 75  375 26  HOH HOH A . 
C 3 HOH 76  376 106 HOH HOH A . 
C 3 HOH 77  377 3   HOH HOH A . 
C 3 HOH 78  378 104 HOH HOH A . 
C 3 HOH 79  379 23  HOH HOH A . 
C 3 HOH 80  380 30  HOH HOH A . 
C 3 HOH 81  381 84  HOH HOH A . 
C 3 HOH 82  382 46  HOH HOH A . 
C 3 HOH 83  383 18  HOH HOH A . 
C 3 HOH 84  384 32  HOH HOH A . 
C 3 HOH 85  385 102 HOH HOH A . 
C 3 HOH 86  386 92  HOH HOH A . 
C 3 HOH 87  387 96  HOH HOH A . 
C 3 HOH 88  388 93  HOH HOH A . 
C 3 HOH 89  389 108 HOH HOH A . 
C 3 HOH 90  390 110 HOH HOH A . 
C 3 HOH 91  391 56  HOH HOH A . 
C 3 HOH 92  392 70  HOH HOH A . 
C 3 HOH 93  393 111 HOH HOH A . 
C 3 HOH 94  394 112 HOH HOH A . 
C 3 HOH 95  395 100 HOH HOH A . 
C 3 HOH 96  396 28  HOH HOH A . 
C 3 HOH 97  397 77  HOH HOH A . 
C 3 HOH 98  398 117 HOH HOH A . 
C 3 HOH 99  399 39  HOH HOH A . 
C 3 HOH 100 400 34  HOH HOH A . 
C 3 HOH 101 401 20  HOH HOH A . 
C 3 HOH 102 402 44  HOH HOH A . 
C 3 HOH 103 403 41  HOH HOH A . 
C 3 HOH 104 404 89  HOH HOH A . 
C 3 HOH 105 405 103 HOH HOH A . 
C 3 HOH 106 406 98  HOH HOH A . 
C 3 HOH 107 407 63  HOH HOH A . 
C 3 HOH 108 408 122 HOH HOH A . 
C 3 HOH 109 409 22  HOH HOH A . 
C 3 HOH 110 410 47  HOH HOH A . 
C 3 HOH 111 411 71  HOH HOH A . 
C 3 HOH 112 412 76  HOH HOH A . 
C 3 HOH 113 413 116 HOH HOH A . 
C 3 HOH 114 414 75  HOH HOH A . 
C 3 HOH 115 415 120 HOH HOH A . 
C 3 HOH 116 416 95  HOH HOH A . 
C 3 HOH 117 417 66  HOH HOH A . 
C 3 HOH 118 418 61  HOH HOH A . 
C 3 HOH 119 419 62  HOH HOH A . 
C 3 HOH 120 420 123 HOH HOH A . 
C 3 HOH 121 421 119 HOH HOH A . 
C 3 HOH 122 422 118 HOH HOH A . 
C 3 HOH 123 423 86  HOH HOH A . 
# 
loop_
_software.citation_id 
_software.classification 
_software.compiler_name 
_software.compiler_version 
_software.contact_author 
_software.contact_author_email 
_software.date 
_software.description 
_software.dependencies 
_software.hardware 
_software.language 
_software.location 
_software.mods 
_software.name 
_software.os 
_software.os_version 
_software.type 
_software.version 
_software.pdbx_ordinal 
? refinement       ? ? ? ? ? ? ? ? ? ? ? REFMAC    ? ? ? 5.8.0103 1 
? 'data reduction' ? ? ? ? ? ? ? ? ? ? ? XDS       ? ? ? .        2 
? 'data scaling'   ? ? ? ? ? ? ? ? ? ? ? SCALEPACK ? ? ? .        3 
? phasing          ? ? ? ? ? ? ? ? ? ? ? MOLREP    ? ? ? .        4 
# 
_cell.angle_alpha                  90.00 
_cell.angle_alpha_esd              ? 
_cell.angle_beta                   90.00 
_cell.angle_beta_esd               ? 
_cell.angle_gamma                  90.00 
_cell.angle_gamma_esd              ? 
_cell.entry_id                     5LJP 
_cell.details                      ? 
_cell.formula_units_Z              ? 
_cell.length_a                     37.919 
_cell.length_a_esd                 ? 
_cell.length_b                     62.911 
_cell.length_b_esd                 ? 
_cell.length_c                     64.650 
_cell.length_c_esd                 ? 
_cell.volume                       ? 
_cell.volume_esd                   ? 
_cell.Z_PDB                        4 
_cell.reciprocal_angle_alpha       ? 
_cell.reciprocal_angle_beta        ? 
_cell.reciprocal_angle_gamma       ? 
_cell.reciprocal_angle_alpha_esd   ? 
_cell.reciprocal_angle_beta_esd    ? 
_cell.reciprocal_angle_gamma_esd   ? 
_cell.reciprocal_length_a          ? 
_cell.reciprocal_length_b          ? 
_cell.reciprocal_length_c          ? 
_cell.reciprocal_length_a_esd      ? 
_cell.reciprocal_length_b_esd      ? 
_cell.reciprocal_length_c_esd      ? 
_cell.pdbx_unique_axis             ? 
# 
_symmetry.entry_id                         5LJP 
_symmetry.cell_setting                     ? 
_symmetry.Int_Tables_number                19 
_symmetry.space_group_name_Hall            ? 
_symmetry.space_group_name_H-M             'P 21 21 21' 
_symmetry.pdbx_full_space_group_name_H-M   ? 
# 
_exptl.absorpt_coefficient_mu     ? 
_exptl.absorpt_correction_T_max   ? 
_exptl.absorpt_correction_T_min   ? 
_exptl.absorpt_correction_type    ? 
_exptl.absorpt_process_details    ? 
_exptl.entry_id                   5LJP 
_exptl.crystals_number            1 
_exptl.details                    ? 
_exptl.method                     'X-RAY DIFFRACTION' 
_exptl.method_details             ? 
# 
_exptl_crystal.colour                      ? 
_exptl_crystal.density_diffrn              ? 
_exptl_crystal.density_Matthews            2.05 
_exptl_crystal.density_method              ? 
_exptl_crystal.density_percent_sol         40.01 
_exptl_crystal.description                 ? 
_exptl_crystal.F_000                       ? 
_exptl_crystal.id                          1 
_exptl_crystal.preparation                 ? 
_exptl_crystal.size_max                    ? 
_exptl_crystal.size_mid                    ? 
_exptl_crystal.size_min                    ? 
_exptl_crystal.size_rad                    ? 
_exptl_crystal.colour_lustre               ? 
_exptl_crystal.colour_modifier             ? 
_exptl_crystal.colour_primary              ? 
_exptl_crystal.density_meas                ? 
_exptl_crystal.density_meas_esd            ? 
_exptl_crystal.density_meas_gt             ? 
_exptl_crystal.density_meas_lt             ? 
_exptl_crystal.density_meas_temp           ? 
_exptl_crystal.density_meas_temp_esd       ? 
_exptl_crystal.density_meas_temp_gt        ? 
_exptl_crystal.density_meas_temp_lt        ? 
_exptl_crystal.pdbx_crystal_image_url      ? 
_exptl_crystal.pdbx_crystal_image_format   ? 
_exptl_crystal.pdbx_mosaicity              ? 
_exptl_crystal.pdbx_mosaicity_esd          ? 
# 
_exptl_crystal_grow.apparatus       ? 
_exptl_crystal_grow.atmosphere      ? 
_exptl_crystal_grow.crystal_id      1 
_exptl_crystal_grow.details         ? 
_exptl_crystal_grow.method          'VAPOR DIFFUSION, HANGING DROP' 
_exptl_crystal_grow.method_ref      ? 
_exptl_crystal_grow.pH              ? 
_exptl_crystal_grow.pressure        ? 
_exptl_crystal_grow.pressure_esd    ? 
_exptl_crystal_grow.seeding         ? 
_exptl_crystal_grow.seeding_ref     ? 
_exptl_crystal_grow.temp            291.15 
_exptl_crystal_grow.temp_details    ? 
_exptl_crystal_grow.temp_esd        ? 
_exptl_crystal_grow.time            ? 
_exptl_crystal_grow.pdbx_details    'PEG 4000 26 % and TRIS/HCl 0,1 M, pH 8.0' 
_exptl_crystal_grow.pdbx_pH_range   ? 
# 
_diffrn.ambient_environment    ? 
_diffrn.ambient_temp           100 
_diffrn.ambient_temp_details   ? 
_diffrn.ambient_temp_esd       ? 
_diffrn.crystal_id             1 
_diffrn.crystal_support        ? 
_diffrn.crystal_treatment      ? 
_diffrn.details                ? 
_diffrn.id                     1 
_diffrn.ambient_pressure       ? 
_diffrn.ambient_pressure_esd   ? 
_diffrn.ambient_pressure_gt    ? 
_diffrn.ambient_pressure_lt    ? 
_diffrn.ambient_temp_gt        ? 
_diffrn.ambient_temp_lt        ? 
# 
_diffrn_detector.details                      'KB mirrors' 
_diffrn_detector.detector                     PIXEL 
_diffrn_detector.diffrn_id                    1 
_diffrn_detector.type                         'DECTRIS PILATUS 6M' 
_diffrn_detector.area_resol_mean              ? 
_diffrn_detector.dtime                        ? 
_diffrn_detector.pdbx_frames_total            ? 
_diffrn_detector.pdbx_collection_time_total   ? 
_diffrn_detector.pdbx_collection_date         2016-06-04 
# 
_diffrn_radiation.collimation                      ? 
_diffrn_radiation.diffrn_id                        1 
_diffrn_radiation.filter_edge                      ? 
_diffrn_radiation.inhomogeneity                    ? 
_diffrn_radiation.monochromator                    ? 
_diffrn_radiation.polarisn_norm                    ? 
_diffrn_radiation.polarisn_ratio                   ? 
_diffrn_radiation.probe                            ? 
_diffrn_radiation.type                             ? 
_diffrn_radiation.xray_symbol                      ? 
_diffrn_radiation.wavelength_id                    1 
_diffrn_radiation.pdbx_monochromatic_or_laue_m_l   M 
_diffrn_radiation.pdbx_wavelength_list             ? 
_diffrn_radiation.pdbx_wavelength                  ? 
_diffrn_radiation.pdbx_diffrn_protocol             'SINGLE WAVELENGTH' 
_diffrn_radiation.pdbx_analyzer                    ? 
_diffrn_radiation.pdbx_scattering_type             x-ray 
# 
_diffrn_radiation_wavelength.id           1 
_diffrn_radiation_wavelength.wavelength   0.979100 
_diffrn_radiation_wavelength.wt           1.0 
# 
_diffrn_source.current                     ? 
_diffrn_source.details                     ? 
_diffrn_source.diffrn_id                   1 
_diffrn_source.power                       ? 
_diffrn_source.size                        ? 
_diffrn_source.source                      SYNCHROTRON 
_diffrn_source.target                      ? 
_diffrn_source.type                        'ALBA BEAMLINE XALOC' 
_diffrn_source.voltage                     ? 
_diffrn_source.take-off_angle              ? 
_diffrn_source.pdbx_wavelength_list        0.979100 
_diffrn_source.pdbx_wavelength             ? 
_diffrn_source.pdbx_synchrotron_beamline   XALOC 
_diffrn_source.pdbx_synchrotron_site       ALBA 
# 
_reflns.B_iso_Wilson_estimate            ? 
_reflns.entry_id                         5LJP 
_reflns.data_reduction_details           ? 
_reflns.data_reduction_method            ? 
_reflns.d_resolution_high                1.10 
_reflns.d_resolution_low                 64.65 
_reflns.details                          ? 
_reflns.limit_h_max                      ? 
_reflns.limit_h_min                      ? 
_reflns.limit_k_max                      ? 
_reflns.limit_k_min                      ? 
_reflns.limit_l_max                      ? 
_reflns.limit_l_min                      ? 
_reflns.number_all                       ? 
_reflns.number_obs                       62821 
_reflns.observed_criterion               ? 
_reflns.observed_criterion_F_max         ? 
_reflns.observed_criterion_F_min         ? 
_reflns.observed_criterion_I_max         ? 
_reflns.observed_criterion_I_min         ? 
_reflns.observed_criterion_sigma_F       ? 
_reflns.observed_criterion_sigma_I       ? 
_reflns.percent_possible_obs             99.0 
_reflns.R_free_details                   ? 
_reflns.Rmerge_F_all                     ? 
_reflns.Rmerge_F_obs                     ? 
_reflns.Friedel_coverage                 ? 
_reflns.number_gt                        ? 
_reflns.threshold_expression             ? 
_reflns.pdbx_redundancy                  7.5 
_reflns.pdbx_Rmerge_I_obs                0.047 
_reflns.pdbx_Rmerge_I_all                ? 
_reflns.pdbx_Rsym_value                  ? 
_reflns.pdbx_netI_over_av_sigmaI         ? 
_reflns.pdbx_netI_over_sigmaI            18.1 
_reflns.pdbx_res_netI_over_av_sigmaI_2   ? 
_reflns.pdbx_res_netI_over_sigmaI_2      ? 
_reflns.pdbx_chi_squared                 ? 
_reflns.pdbx_scaling_rejects             ? 
_reflns.pdbx_d_res_high_opt              ? 
_reflns.pdbx_d_res_low_opt               ? 
_reflns.pdbx_d_res_opt_method            ? 
_reflns.phase_calculation_details        ? 
_reflns.pdbx_Rrim_I_all                  ? 
_reflns.pdbx_Rpim_I_all                  ? 
_reflns.pdbx_d_opt                       ? 
_reflns.pdbx_number_measured_all         ? 
_reflns.pdbx_diffrn_id                   1 
_reflns.pdbx_ordinal                     1 
_reflns.pdbx_CC_half                     0.999 
_reflns.pdbx_R_split                     ? 
# 
_reflns_shell.d_res_high                  1.1 
_reflns_shell.d_res_low                   1.16 
_reflns_shell.meanI_over_sigI_all         ? 
_reflns_shell.meanI_over_sigI_obs         4.6 
_reflns_shell.number_measured_all         ? 
_reflns_shell.number_measured_obs         ? 
_reflns_shell.number_possible             ? 
_reflns_shell.number_unique_all           ? 
_reflns_shell.number_unique_obs           ? 
_reflns_shell.percent_possible_all        97.4 
_reflns_shell.percent_possible_obs        ? 
_reflns_shell.Rmerge_F_all                ? 
_reflns_shell.Rmerge_F_obs                ? 
_reflns_shell.Rmerge_I_all                ? 
_reflns_shell.Rmerge_I_obs                0.431 
_reflns_shell.meanI_over_sigI_gt          ? 
_reflns_shell.meanI_over_uI_all           ? 
_reflns_shell.meanI_over_uI_gt            ? 
_reflns_shell.number_measured_gt          ? 
_reflns_shell.number_unique_gt            ? 
_reflns_shell.percent_possible_gt         ? 
_reflns_shell.Rmerge_F_gt                 ? 
_reflns_shell.Rmerge_I_gt                 ? 
_reflns_shell.pdbx_redundancy             7.5 
_reflns_shell.pdbx_Rsym_value             ? 
_reflns_shell.pdbx_chi_squared            ? 
_reflns_shell.pdbx_netI_over_sigmaI_all   ? 
_reflns_shell.pdbx_netI_over_sigmaI_obs   ? 
_reflns_shell.pdbx_Rrim_I_all             ? 
_reflns_shell.pdbx_Rpim_I_all             ? 
_reflns_shell.pdbx_rejects                ? 
_reflns_shell.pdbx_ordinal                1 
_reflns_shell.pdbx_diffrn_id              1 
_reflns_shell.pdbx_CC_half                0.933 
_reflns_shell.pdbx_R_split                ? 
# 
_refine.aniso_B[1][1]                            -0.19 
_refine.aniso_B[1][2]                            0.00 
_refine.aniso_B[1][3]                            0.00 
_refine.aniso_B[2][2]                            0.74 
_refine.aniso_B[2][3]                            -0.00 
_refine.aniso_B[3][3]                            -0.55 
_refine.B_iso_max                                ? 
_refine.B_iso_mean                               13.933 
_refine.B_iso_min                                ? 
_refine.correlation_coeff_Fo_to_Fc               0.975 
_refine.correlation_coeff_Fo_to_Fc_free          0.972 
_refine.details                                  'HYDROGENS HAVE BEEN ADDED IN THE RIDING POSITIONS' 
_refine.diff_density_max                         ? 
_refine.diff_density_max_esd                     ? 
_refine.diff_density_min                         ? 
_refine.diff_density_min_esd                     ? 
_refine.diff_density_rms                         ? 
_refine.diff_density_rms_esd                     ? 
_refine.entry_id                                 5LJP 
_refine.pdbx_refine_id                           'X-RAY DIFFRACTION' 
_refine.ls_abs_structure_details                 ? 
_refine.ls_abs_structure_Flack                   ? 
_refine.ls_abs_structure_Flack_esd               ? 
_refine.ls_abs_structure_Rogers                  ? 
_refine.ls_abs_structure_Rogers_esd              ? 
_refine.ls_d_res_high                            1.10 
_refine.ls_d_res_low                             45.09 
_refine.ls_extinction_coef                       ? 
_refine.ls_extinction_coef_esd                   ? 
_refine.ls_extinction_expression                 ? 
_refine.ls_extinction_method                     ? 
_refine.ls_goodness_of_fit_all                   ? 
_refine.ls_goodness_of_fit_all_esd               ? 
_refine.ls_goodness_of_fit_obs                   ? 
_refine.ls_goodness_of_fit_obs_esd               ? 
_refine.ls_hydrogen_treatment                    ? 
_refine.ls_matrix_type                           ? 
_refine.ls_number_constraints                    ? 
_refine.ls_number_parameters                     ? 
_refine.ls_number_reflns_all                     ? 
_refine.ls_number_reflns_obs                     59664 
_refine.ls_number_reflns_R_free                  3088 
_refine.ls_number_reflns_R_work                  ? 
_refine.ls_number_restraints                     ? 
_refine.ls_percent_reflns_obs                    98.81 
_refine.ls_percent_reflns_R_free                 4.9 
_refine.ls_R_factor_all                          ? 
_refine.ls_R_factor_obs                          0.16090 
_refine.ls_R_factor_R_free                       0.17605 
_refine.ls_R_factor_R_free_error                 ? 
_refine.ls_R_factor_R_free_error_details         ? 
_refine.ls_R_factor_R_work                       0.16011 
_refine.ls_R_Fsqd_factor_obs                     ? 
_refine.ls_R_I_factor_obs                        ? 
_refine.ls_redundancy_reflns_all                 ? 
_refine.ls_redundancy_reflns_obs                 ? 
_refine.ls_restrained_S_all                      ? 
_refine.ls_restrained_S_obs                      ? 
_refine.ls_shift_over_esd_max                    ? 
_refine.ls_shift_over_esd_mean                   ? 
_refine.ls_structure_factor_coef                 ? 
_refine.ls_weighting_details                     ? 
_refine.ls_weighting_scheme                      ? 
_refine.ls_wR_factor_all                         ? 
_refine.ls_wR_factor_obs                         ? 
_refine.ls_wR_factor_R_free                      ? 
_refine.ls_wR_factor_R_work                      ? 
_refine.occupancy_max                            ? 
_refine.occupancy_min                            ? 
_refine.solvent_model_details                    ? 
_refine.solvent_model_param_bsol                 ? 
_refine.solvent_model_param_ksol                 ? 
_refine.ls_R_factor_gt                           ? 
_refine.ls_goodness_of_fit_gt                    ? 
_refine.ls_goodness_of_fit_ref                   ? 
_refine.ls_shift_over_su_max                     ? 
_refine.ls_shift_over_su_max_lt                  ? 
_refine.ls_shift_over_su_mean                    ? 
_refine.ls_shift_over_su_mean_lt                 ? 
_refine.pdbx_ls_sigma_I                          ? 
_refine.pdbx_ls_sigma_F                          ? 
_refine.pdbx_ls_sigma_Fsqd                       ? 
_refine.pdbx_data_cutoff_high_absF               ? 
_refine.pdbx_data_cutoff_high_rms_absF           ? 
_refine.pdbx_data_cutoff_low_absF                ? 
_refine.pdbx_isotropic_thermal_model             ? 
_refine.pdbx_ls_cross_valid_method               THROUGHOUT 
_refine.pdbx_method_to_determine_struct          'MOLECULAR REPLACEMENT' 
_refine.pdbx_starting_model                      1flv 
_refine.pdbx_stereochemistry_target_values       ? 
_refine.pdbx_R_Free_selection_details            RANDOM 
_refine.pdbx_stereochem_target_val_spec_case     ? 
_refine.pdbx_overall_ESU_R                       0.030 
_refine.pdbx_overall_ESU_R_Free                  0.031 
_refine.pdbx_solvent_vdw_probe_radii             1.20 
_refine.pdbx_solvent_ion_probe_radii             0.80 
_refine.pdbx_solvent_shrinkage_radii             0.80 
_refine.pdbx_real_space_R                        ? 
_refine.pdbx_density_correlation                 ? 
_refine.pdbx_pd_number_of_powder_patterns        ? 
_refine.pdbx_pd_number_of_points                 ? 
_refine.pdbx_pd_meas_number_of_points            ? 
_refine.pdbx_pd_proc_ls_prof_R_factor            ? 
_refine.pdbx_pd_proc_ls_prof_wR_factor           ? 
_refine.pdbx_pd_Marquardt_correlation_coeff      ? 
_refine.pdbx_pd_Fsqrd_R_factor                   ? 
_refine.pdbx_pd_ls_matrix_band_width             ? 
_refine.pdbx_overall_phase_error                 ? 
_refine.pdbx_overall_SU_R_free_Cruickshank_DPI   ? 
_refine.pdbx_overall_SU_R_free_Blow_DPI          ? 
_refine.pdbx_overall_SU_R_Blow_DPI               ? 
_refine.pdbx_TLS_residual_ADP_flag               ? 
_refine.pdbx_diffrn_id                           1 
_refine.overall_SU_B                             0.421 
_refine.overall_SU_ML                            0.021 
_refine.overall_SU_R_Cruickshank_DPI             ? 
_refine.overall_SU_R_free                        ? 
_refine.overall_FOM_free_R_set                   ? 
_refine.overall_FOM_work_R_set                   ? 
_refine.pdbx_average_fsc_overall                 ? 
_refine.pdbx_average_fsc_work                    ? 
_refine.pdbx_average_fsc_free                    ? 
# 
_refine_hist.pdbx_refine_id                   'X-RAY DIFFRACTION' 
_refine_hist.cycle_id                         LAST 
_refine_hist.pdbx_number_atoms_protein        1323 
_refine_hist.pdbx_number_atoms_nucleic_acid   0 
_refine_hist.pdbx_number_atoms_ligand         31 
_refine_hist.number_atoms_solvent             123 
_refine_hist.number_atoms_total               1477 
_refine_hist.d_res_high                       1.10 
_refine_hist.d_res_low                        45.09 
# 
loop_
_refine_ls_restr.pdbx_refine_id 
_refine_ls_restr.criterion 
_refine_ls_restr.dev_ideal 
_refine_ls_restr.dev_ideal_target 
_refine_ls_restr.number 
_refine_ls_restr.rejects 
_refine_ls_restr.type 
_refine_ls_restr.weight 
_refine_ls_restr.pdbx_restraint_function 
'X-RAY DIFFRACTION' ? 0.016  0.020  1385 ? r_bond_refined_d             ? ? 
'X-RAY DIFFRACTION' ? 0.002  0.020  1252 ? r_bond_other_d               ? ? 
'X-RAY DIFFRACTION' ? 1.699  1.970  1879 ? r_angle_refined_deg          ? ? 
'X-RAY DIFFRACTION' ? 0.993  3.000  2886 ? r_angle_other_deg            ? ? 
'X-RAY DIFFRACTION' ? 6.212  5.000  169  ? r_dihedral_angle_1_deg       ? ? 
'X-RAY DIFFRACTION' ? 34.142 25.857 70   ? r_dihedral_angle_2_deg       ? ? 
'X-RAY DIFFRACTION' ? 11.739 15.000 229  ? r_dihedral_angle_3_deg       ? ? 
'X-RAY DIFFRACTION' ? 21.966 15.000 4    ? r_dihedral_angle_4_deg       ? ? 
'X-RAY DIFFRACTION' ? 0.109  0.200  198  ? r_chiral_restr               ? ? 
'X-RAY DIFFRACTION' ? 0.011  0.020  1600 ? r_gen_planes_refined         ? ? 
'X-RAY DIFFRACTION' ? 0.001  0.020  320  ? r_gen_planes_other           ? ? 
'X-RAY DIFFRACTION' ? ?      ?      ?    ? r_nbd_refined                ? ? 
'X-RAY DIFFRACTION' ? ?      ?      ?    ? r_nbd_other                  ? ? 
'X-RAY DIFFRACTION' ? ?      ?      ?    ? r_nbtor_refined              ? ? 
'X-RAY DIFFRACTION' ? ?      ?      ?    ? r_nbtor_other                ? ? 
'X-RAY DIFFRACTION' ? ?      ?      ?    ? r_xyhbond_nbd_refined        ? ? 
'X-RAY DIFFRACTION' ? ?      ?      ?    ? r_xyhbond_nbd_other          ? ? 
'X-RAY DIFFRACTION' ? ?      ?      ?    ? r_metal_ion_refined          ? ? 
'X-RAY DIFFRACTION' ? ?      ?      ?    ? r_metal_ion_other            ? ? 
'X-RAY DIFFRACTION' ? ?      ?      ?    ? r_symmetry_vdw_refined       ? ? 
'X-RAY DIFFRACTION' ? ?      ?      ?    ? r_symmetry_vdw_other         ? ? 
'X-RAY DIFFRACTION' ? ?      ?      ?    ? r_symmetry_hbond_refined     ? ? 
'X-RAY DIFFRACTION' ? ?      ?      ?    ? r_symmetry_hbond_other       ? ? 
'X-RAY DIFFRACTION' ? ?      ?      ?    ? r_symmetry_metal_ion_refined ? ? 
'X-RAY DIFFRACTION' ? ?      ?      ?    ? r_symmetry_metal_ion_other   ? ? 
'X-RAY DIFFRACTION' ? 1.242  1.186  673  ? r_mcbond_it                  ? ? 
'X-RAY DIFFRACTION' ? 1.226  1.184  672  ? r_mcbond_other               ? ? 
'X-RAY DIFFRACTION' ? 1.886  1.787  840  ? r_mcangle_it                 ? ? 
'X-RAY DIFFRACTION' ? 1.887  1.788  841  ? r_mcangle_other              ? ? 
'X-RAY DIFFRACTION' ? 2.173  1.403  712  ? r_scbond_it                  ? ? 
'X-RAY DIFFRACTION' ? 2.174  1.404  711  ? r_scbond_other               ? ? 
'X-RAY DIFFRACTION' ? ?      ?      ?    ? r_scangle_it                 ? ? 
'X-RAY DIFFRACTION' ? 3.243  2.021  1039 ? r_scangle_other              ? ? 
'X-RAY DIFFRACTION' ? 4.681  10.753 1770 ? r_long_range_B_refined       ? ? 
'X-RAY DIFFRACTION' ? 4.603  10.513 1739 ? r_long_range_B_other         ? ? 
'X-RAY DIFFRACTION' ? ?      ?      ?    ? r_rigid_bond_restr           ? ? 
'X-RAY DIFFRACTION' ? ?      ?      ?    ? r_sphericity_free            ? ? 
'X-RAY DIFFRACTION' ? ?      ?      ?    ? r_sphericity_bonded          ? ? 
# 
_refine_ls_shell.pdbx_refine_id                   'X-RAY DIFFRACTION' 
_refine_ls_shell.d_res_high                       1.100 
_refine_ls_shell.d_res_low                        1.129 
_refine_ls_shell.number_reflns_all                ? 
_refine_ls_shell.number_reflns_obs                ? 
_refine_ls_shell.number_reflns_R_free             244 
_refine_ls_shell.number_reflns_R_work             4230 
_refine_ls_shell.percent_reflns_obs               97.09 
_refine_ls_shell.percent_reflns_R_free            ? 
_refine_ls_shell.R_factor_all                     ? 
_refine_ls_shell.R_factor_obs                     ? 
_refine_ls_shell.R_factor_R_free                  0.206 
_refine_ls_shell.R_factor_R_free_error            ? 
_refine_ls_shell.R_factor_R_work                  0.207 
_refine_ls_shell.redundancy_reflns_all            ? 
_refine_ls_shell.redundancy_reflns_obs            ? 
_refine_ls_shell.wR_factor_all                    ? 
_refine_ls_shell.wR_factor_obs                    ? 
_refine_ls_shell.wR_factor_R_free                 ? 
_refine_ls_shell.wR_factor_R_work                 ? 
_refine_ls_shell.pdbx_total_number_of_bins_used   20 
_refine_ls_shell.pdbx_phase_error                 ? 
_refine_ls_shell.pdbx_fsc_work                    ? 
_refine_ls_shell.pdbx_fsc_free                    ? 
# 
_struct.entry_id                     5LJP 
_struct.title                        'E20K/I59A/E72K/I92A/D126K/A142V FLAVODOXIN FROM ANABAENA' 
_struct.pdbx_model_details           ? 
_struct.pdbx_formula_weight          ? 
_struct.pdbx_formula_weight_method   ? 
_struct.pdbx_model_type_details      ? 
_struct.pdbx_CASP_flag               N 
# 
_struct_keywords.entry_id        5LJP 
_struct_keywords.text            'FLAVOPROTEIN, ELECTRON TRANSFER, ELECTRON TRANSPORT' 
_struct_keywords.pdbx_keywords   'ELECTRON TRANSPORT' 
# 
loop_
_struct_asym.id 
_struct_asym.pdbx_blank_PDB_chainid_flag 
_struct_asym.pdbx_modified 
_struct_asym.entity_id 
_struct_asym.details 
A N N 1 ? 
B N N 2 ? 
C N N 3 ? 
# 
_struct_ref.id                         1 
_struct_ref.db_name                    UNP 
_struct_ref.db_code                    FLAV_NOSSO 
_struct_ref.pdbx_db_accession          P0A3E0 
_struct_ref.pdbx_db_isoform            ? 
_struct_ref.entity_id                  1 
_struct_ref.pdbx_seq_one_letter_code   
;SKKIGLFYGTQTGKTESVAEIIRDEFGNDVVTLHDVSQAEVTDLNDYQYLIIGCPTWNIGELQSDWEGLYSELDDVDFNG
KLVAYFGTGDQIGYADNFQDAIGILEEKISQRGGKTVGYWSTDGYDFNDSKALRNGKFVGLALDEDNQSDLTDDRIKSWV
AQLKSEFGL
;
_struct_ref.pdbx_align_begin           2 
# 
_struct_ref_seq.align_id                      1 
_struct_ref_seq.ref_id                        1 
_struct_ref_seq.pdbx_PDB_id_code              5LJP 
_struct_ref_seq.pdbx_strand_id                A 
_struct_ref_seq.seq_align_beg                 1 
_struct_ref_seq.pdbx_seq_align_beg_ins_code   ? 
_struct_ref_seq.seq_align_end                 169 
_struct_ref_seq.pdbx_seq_align_end_ins_code   ? 
_struct_ref_seq.pdbx_db_accession             P0A3E0 
_struct_ref_seq.db_align_beg                  2 
_struct_ref_seq.pdbx_db_align_beg_ins_code    ? 
_struct_ref_seq.db_align_end                  170 
_struct_ref_seq.pdbx_db_align_end_ins_code    ? 
_struct_ref_seq.pdbx_auth_seq_align_beg       1 
_struct_ref_seq.pdbx_auth_seq_align_end       169 
# 
loop_
_struct_ref_seq_dif.align_id 
_struct_ref_seq_dif.pdbx_pdb_id_code 
_struct_ref_seq_dif.mon_id 
_struct_ref_seq_dif.pdbx_pdb_strand_id 
_struct_ref_seq_dif.seq_num 
_struct_ref_seq_dif.pdbx_pdb_ins_code 
_struct_ref_seq_dif.pdbx_seq_db_name 
_struct_ref_seq_dif.pdbx_seq_db_accession_code 
_struct_ref_seq_dif.db_mon_id 
_struct_ref_seq_dif.pdbx_seq_db_seq_num 
_struct_ref_seq_dif.details 
_struct_ref_seq_dif.pdbx_auth_seq_num 
_struct_ref_seq_dif.pdbx_ordinal 
1 5LJP LYS A 20  ? UNP P0A3E0 GLU 21  'engineered mutation' 20  1 
1 5LJP ALA A 59  ? UNP P0A3E0 ILE 60  'engineered mutation' 59  2 
1 5LJP LYS A 72  ? UNP P0A3E0 GLU 73  'engineered mutation' 72  3 
1 5LJP ALA A 92  ? UNP P0A3E0 ILE 93  'engineered mutation' 92  4 
1 5LJP LYS A 126 ? UNP P0A3E0 ASP 127 'engineered mutation' 126 5 
1 5LJP VAL A 142 ? UNP P0A3E0 ALA 143 'engineered mutation' 142 6 
# 
_pdbx_struct_assembly.id                   1 
_pdbx_struct_assembly.details              software_defined_assembly 
_pdbx_struct_assembly.method_details       PISA 
_pdbx_struct_assembly.oligomeric_details   monomeric 
_pdbx_struct_assembly.oligomeric_count     1 
# 
loop_
_pdbx_struct_assembly_prop.biol_id 
_pdbx_struct_assembly_prop.type 
_pdbx_struct_assembly_prop.value 
_pdbx_struct_assembly_prop.details 
1 'ABSA (A^2)' 790  ? 
1 MORE         -6   ? 
1 'SSA (A^2)'  7310 ? 
# 
_pdbx_struct_assembly_gen.assembly_id       1 
_pdbx_struct_assembly_gen.oper_expression   1 
_pdbx_struct_assembly_gen.asym_id_list      A,B,C 
# 
_pdbx_struct_oper_list.id                   1 
_pdbx_struct_oper_list.type                 'identity operation' 
_pdbx_struct_oper_list.name                 1_555 
_pdbx_struct_oper_list.symmetry_operation   x,y,z 
_pdbx_struct_oper_list.matrix[1][1]         1.0000000000 
_pdbx_struct_oper_list.matrix[1][2]         0.0000000000 
_pdbx_struct_oper_list.matrix[1][3]         0.0000000000 
_pdbx_struct_oper_list.vector[1]            0.0000000000 
_pdbx_struct_oper_list.matrix[2][1]         0.0000000000 
_pdbx_struct_oper_list.matrix[2][2]         1.0000000000 
_pdbx_struct_oper_list.matrix[2][3]         0.0000000000 
_pdbx_struct_oper_list.vector[2]            0.0000000000 
_pdbx_struct_oper_list.matrix[3][1]         0.0000000000 
_pdbx_struct_oper_list.matrix[3][2]         0.0000000000 
_pdbx_struct_oper_list.matrix[3][3]         1.0000000000 
_pdbx_struct_oper_list.vector[3]            0.0000000000 
# 
loop_
_struct_conf.conf_type_id 
_struct_conf.id 
_struct_conf.pdbx_PDB_helix_id 
_struct_conf.beg_label_comp_id 
_struct_conf.beg_label_asym_id 
_struct_conf.beg_label_seq_id 
_struct_conf.pdbx_beg_PDB_ins_code 
_struct_conf.end_label_comp_id 
_struct_conf.end_label_asym_id 
_struct_conf.end_label_seq_id 
_struct_conf.pdbx_end_PDB_ins_code 
_struct_conf.beg_auth_comp_id 
_struct_conf.beg_auth_asym_id 
_struct_conf.beg_auth_seq_id 
_struct_conf.end_auth_comp_id 
_struct_conf.end_auth_asym_id 
_struct_conf.end_auth_seq_id 
_struct_conf.pdbx_PDB_helix_class 
_struct_conf.details 
_struct_conf.pdbx_PDB_helix_length 
HELX_P HELX_P1 AA1 GLY A 13  ? GLY A 27  ? GLY A 13  GLY A 27  1 ? 15 
HELX_P HELX_P2 AA2 GLU A 40  ? TYR A 47  ? GLU A 40  TYR A 47  5 ? 8  
HELX_P HELX_P3 AA3 GLN A 63  ? SER A 71  ? GLN A 63  SER A 71  1 ? 9  
HELX_P HELX_P4 AA4 LYS A 72  ? VAL A 76  ? LYS A 72  VAL A 76  5 ? 5  
HELX_P HELX_P5 AA5 GLN A 99  ? ARG A 112 ? GLN A 99  ARG A 112 1 ? 14 
HELX_P HELX_P6 AA6 GLN A 148 ? ASP A 150 ? GLN A 148 ASP A 150 5 ? 3  
HELX_P HELX_P7 AA7 LEU A 151 ? PHE A 167 ? LEU A 151 PHE A 167 1 ? 17 
# 
_struct_conf_type.id          HELX_P 
_struct_conf_type.criteria    ? 
_struct_conf_type.reference   ? 
# 
loop_
_struct_sheet.id 
_struct_sheet.type 
_struct_sheet.number_strands 
_struct_sheet.details 
AA1 ? 5 ? 
AA2 ? 5 ? 
AA3 ? 2 ? 
AA4 ? 2 ? 
# 
loop_
_struct_sheet_order.sheet_id 
_struct_sheet_order.range_id_1 
_struct_sheet_order.range_id_2 
_struct_sheet_order.offset 
_struct_sheet_order.sense 
AA1 1 2 ? parallel      
AA1 2 3 ? parallel      
AA1 3 4 ? parallel      
AA1 4 5 ? parallel      
AA2 1 2 ? parallel      
AA2 2 3 ? parallel      
AA2 3 4 ? parallel      
AA2 4 5 ? parallel      
AA3 1 2 ? anti-parallel 
AA4 1 2 ? anti-parallel 
# 
loop_
_struct_sheet_range.sheet_id 
_struct_sheet_range.id 
_struct_sheet_range.beg_label_comp_id 
_struct_sheet_range.beg_label_asym_id 
_struct_sheet_range.beg_label_seq_id 
_struct_sheet_range.pdbx_beg_PDB_ins_code 
_struct_sheet_range.end_label_comp_id 
_struct_sheet_range.end_label_asym_id 
_struct_sheet_range.end_label_seq_id 
_struct_sheet_range.pdbx_end_PDB_ins_code 
_struct_sheet_range.beg_auth_comp_id 
_struct_sheet_range.beg_auth_asym_id 
_struct_sheet_range.beg_auth_seq_id 
_struct_sheet_range.end_auth_comp_id 
_struct_sheet_range.end_auth_asym_id 
_struct_sheet_range.end_auth_seq_id 
AA1 1 VAL A 31  ? ASP A 35  ? VAL A 31  ASP A 35  
AA1 2 ILE A 4   ? TYR A 8   ? ILE A 4   TYR A 8   
AA1 3 TYR A 49  ? GLY A 53  ? TYR A 49  GLY A 53  
AA1 4 LEU A 82  ? THR A 88  ? LEU A 82  THR A 88  
AA1 5 LYS A 115 ? THR A 116 ? LYS A 115 THR A 116 
AA2 1 VAL A 31  ? ASP A 35  ? VAL A 31  ASP A 35  
AA2 2 ILE A 4   ? TYR A 8   ? ILE A 4   TYR A 8   
AA2 3 TYR A 49  ? GLY A 53  ? TYR A 49  GLY A 53  
AA2 4 LEU A 82  ? THR A 88  ? LEU A 82  THR A 88  
AA2 5 LEU A 141 ? LEU A 143 ? LEU A 141 LEU A 143 
AA3 1 THR A 56  ? TRP A 57  ? THR A 56  TRP A 57  
AA3 2 GLU A 61  ? LEU A 62  ? GLU A 61  LEU A 62  
AA4 1 TRP A 120 ? SER A 121 ? TRP A 120 SER A 121 
AA4 2 LYS A 137 ? PHE A 138 ? LYS A 137 PHE A 138 
# 
loop_
_pdbx_struct_sheet_hbond.sheet_id 
_pdbx_struct_sheet_hbond.range_id_1 
_pdbx_struct_sheet_hbond.range_id_2 
_pdbx_struct_sheet_hbond.range_1_label_atom_id 
_pdbx_struct_sheet_hbond.range_1_label_comp_id 
_pdbx_struct_sheet_hbond.range_1_label_asym_id 
_pdbx_struct_sheet_hbond.range_1_label_seq_id 
_pdbx_struct_sheet_hbond.range_1_PDB_ins_code 
_pdbx_struct_sheet_hbond.range_1_auth_atom_id 
_pdbx_struct_sheet_hbond.range_1_auth_comp_id 
_pdbx_struct_sheet_hbond.range_1_auth_asym_id 
_pdbx_struct_sheet_hbond.range_1_auth_seq_id 
_pdbx_struct_sheet_hbond.range_2_label_atom_id 
_pdbx_struct_sheet_hbond.range_2_label_comp_id 
_pdbx_struct_sheet_hbond.range_2_label_asym_id 
_pdbx_struct_sheet_hbond.range_2_label_seq_id 
_pdbx_struct_sheet_hbond.range_2_PDB_ins_code 
_pdbx_struct_sheet_hbond.range_2_auth_atom_id 
_pdbx_struct_sheet_hbond.range_2_auth_comp_id 
_pdbx_struct_sheet_hbond.range_2_auth_asym_id 
_pdbx_struct_sheet_hbond.range_2_auth_seq_id 
AA1 1 2 O THR A 32  ? O THR A 32  N LEU A 6   ? N LEU A 6   
AA1 2 3 N PHE A 7   ? N PHE A 7   O GLY A 53  ? O GLY A 53  
AA1 3 4 N ILE A 52  ? N ILE A 52  O ALA A 84  ? O ALA A 84  
AA1 4 5 N VAL A 83  ? N VAL A 83  O LYS A 115 ? O LYS A 115 
AA2 1 2 O THR A 32  ? O THR A 32  N LEU A 6   ? N LEU A 6   
AA2 2 3 N PHE A 7   ? N PHE A 7   O GLY A 53  ? O GLY A 53  
AA2 3 4 N ILE A 52  ? N ILE A 52  O ALA A 84  ? O ALA A 84  
AA2 4 5 N GLY A 87  ? N GLY A 87  O LEU A 143 ? O LEU A 143 
AA3 1 2 N TRP A 57  ? N TRP A 57  O GLU A 61  ? O GLU A 61  
AA4 1 2 N TRP A 120 ? N TRP A 120 O PHE A 138 ? O PHE A 138 
# 
_struct_site.id                   AC1 
_struct_site.pdbx_evidence_code   Software 
_struct_site.pdbx_auth_asym_id    A 
_struct_site.pdbx_auth_comp_id    FMN 
_struct_site.pdbx_auth_seq_id     201 
_struct_site.pdbx_auth_ins_code   ? 
_struct_site.pdbx_num_residues    24 
_struct_site.details              'binding site for residue FMN A 201' 
# 
loop_
_struct_site_gen.id 
_struct_site_gen.site_id 
_struct_site_gen.pdbx_num_res 
_struct_site_gen.label_comp_id 
_struct_site_gen.label_asym_id 
_struct_site_gen.label_seq_id 
_struct_site_gen.pdbx_auth_ins_code 
_struct_site_gen.auth_comp_id 
_struct_site_gen.auth_asym_id 
_struct_site_gen.auth_seq_id 
_struct_site_gen.label_atom_id 
_struct_site_gen.label_alt_id 
_struct_site_gen.symmetry 
_struct_site_gen.details 
1  AC1 24 THR A 10  ? THR A 10  . ? 1_555 ? 
2  AC1 24 GLN A 11  ? GLN A 11  . ? 1_555 ? 
3  AC1 24 THR A 12  ? THR A 12  . ? 1_555 ? 
4  AC1 24 GLY A 13  ? GLY A 13  . ? 1_555 ? 
5  AC1 24 LYS A 14  ? LYS A 14  . ? 1_555 ? 
6  AC1 24 THR A 15  ? THR A 15  . ? 1_555 ? 
7  AC1 24 PRO A 55  ? PRO A 55  . ? 1_555 ? 
8  AC1 24 THR A 56  ? THR A 56  . ? 1_555 ? 
9  AC1 24 TRP A 57  ? TRP A 57  . ? 1_555 ? 
10 AC1 24 ASN A 58  ? ASN A 58  . ? 1_555 ? 
11 AC1 24 ALA A 59  ? ALA A 59  . ? 1_555 ? 
12 AC1 24 GLY A 60  ? GLY A 60  . ? 1_555 ? 
13 AC1 24 THR A 88  ? THR A 88  . ? 1_555 ? 
14 AC1 24 GLY A 89  ? GLY A 89  . ? 1_555 ? 
15 AC1 24 ASP A 90  ? ASP A 90  . ? 1_555 ? 
16 AC1 24 TYR A 94  ? TYR A 94  . ? 1_555 ? 
17 AC1 24 ASN A 97  ? ASN A 97  . ? 1_555 ? 
18 AC1 24 PHE A 98  ? PHE A 98  . ? 1_555 ? 
19 AC1 24 GLN A 99  ? GLN A 99  . ? 1_555 ? 
20 AC1 24 ASP A 146 ? ASP A 146 . ? 1_555 ? 
21 AC1 24 LYS A 164 ? LYS A 164 . ? 2_455 ? 
22 AC1 24 HOH C .   ? HOH A 311 . ? 1_555 ? 
23 AC1 24 HOH C .   ? HOH A 338 . ? 1_555 ? 
24 AC1 24 HOH C .   ? HOH A 359 . ? 1_555 ? 
# 
_pdbx_validate_close_contact.id               1 
_pdbx_validate_close_contact.PDB_model_num    1 
_pdbx_validate_close_contact.auth_atom_id_1   O 
_pdbx_validate_close_contact.auth_asym_id_1   A 
_pdbx_validate_close_contact.auth_comp_id_1   HOH 
_pdbx_validate_close_contact.auth_seq_id_1    398 
_pdbx_validate_close_contact.PDB_ins_code_1   ? 
_pdbx_validate_close_contact.label_alt_id_1   ? 
_pdbx_validate_close_contact.auth_atom_id_2   O 
_pdbx_validate_close_contact.auth_asym_id_2   A 
_pdbx_validate_close_contact.auth_comp_id_2   HOH 
_pdbx_validate_close_contact.auth_seq_id_2    400 
_pdbx_validate_close_contact.PDB_ins_code_2   ? 
_pdbx_validate_close_contact.label_alt_id_2   ? 
_pdbx_validate_close_contact.dist             2.12 
# 
_pdbx_validate_torsion.id              1 
_pdbx_validate_torsion.PDB_model_num   1 
_pdbx_validate_torsion.auth_comp_id    ALA 
_pdbx_validate_torsion.auth_asym_id    A 
_pdbx_validate_torsion.auth_seq_id     59 
_pdbx_validate_torsion.PDB_ins_code    ? 
_pdbx_validate_torsion.label_alt_id    ? 
_pdbx_validate_torsion.phi             60.70 
_pdbx_validate_torsion.psi             62.49 
# 
_pdbx_unobs_or_zero_occ_residues.id               1 
_pdbx_unobs_or_zero_occ_residues.PDB_model_num    1 
_pdbx_unobs_or_zero_occ_residues.polymer_flag     Y 
_pdbx_unobs_or_zero_occ_residues.occupancy_flag   1 
_pdbx_unobs_or_zero_occ_residues.auth_asym_id     A 
_pdbx_unobs_or_zero_occ_residues.auth_comp_id     SER 
_pdbx_unobs_or_zero_occ_residues.auth_seq_id      1 
_pdbx_unobs_or_zero_occ_residues.PDB_ins_code     ? 
_pdbx_unobs_or_zero_occ_residues.label_asym_id    A 
_pdbx_unobs_or_zero_occ_residues.label_comp_id    SER 
_pdbx_unobs_or_zero_occ_residues.label_seq_id     1 
# 
loop_
_chem_comp_atom.comp_id 
_chem_comp_atom.atom_id 
_chem_comp_atom.type_symbol 
_chem_comp_atom.pdbx_aromatic_flag 
_chem_comp_atom.pdbx_stereo_config 
_chem_comp_atom.pdbx_ordinal 
ALA N      N N N 1   
ALA CA     C N S 2   
ALA C      C N N 3   
ALA O      O N N 4   
ALA CB     C N N 5   
ALA OXT    O N N 6   
ALA H      H N N 7   
ALA H2     H N N 8   
ALA HA     H N N 9   
ALA HB1    H N N 10  
ALA HB2    H N N 11  
ALA HB3    H N N 12  
ALA HXT    H N N 13  
ARG N      N N N 14  
ARG CA     C N S 15  
ARG C      C N N 16  
ARG O      O N N 17  
ARG CB     C N N 18  
ARG CG     C N N 19  
ARG CD     C N N 20  
ARG NE     N N N 21  
ARG CZ     C N N 22  
ARG NH1    N N N 23  
ARG NH2    N N N 24  
ARG OXT    O N N 25  
ARG H      H N N 26  
ARG H2     H N N 27  
ARG HA     H N N 28  
ARG HB2    H N N 29  
ARG HB3    H N N 30  
ARG HG2    H N N 31  
ARG HG3    H N N 32  
ARG HD2    H N N 33  
ARG HD3    H N N 34  
ARG HE     H N N 35  
ARG HH11   H N N 36  
ARG HH12   H N N 37  
ARG HH21   H N N 38  
ARG HH22   H N N 39  
ARG HXT    H N N 40  
ASN N      N N N 41  
ASN CA     C N S 42  
ASN C      C N N 43  
ASN O      O N N 44  
ASN CB     C N N 45  
ASN CG     C N N 46  
ASN OD1    O N N 47  
ASN ND2    N N N 48  
ASN OXT    O N N 49  
ASN H      H N N 50  
ASN H2     H N N 51  
ASN HA     H N N 52  
ASN HB2    H N N 53  
ASN HB3    H N N 54  
ASN HD21   H N N 55  
ASN HD22   H N N 56  
ASN HXT    H N N 57  
ASP N      N N N 58  
ASP CA     C N S 59  
ASP C      C N N 60  
ASP O      O N N 61  
ASP CB     C N N 62  
ASP CG     C N N 63  
ASP OD1    O N N 64  
ASP OD2    O N N 65  
ASP OXT    O N N 66  
ASP H      H N N 67  
ASP H2     H N N 68  
ASP HA     H N N 69  
ASP HB2    H N N 70  
ASP HB3    H N N 71  
ASP HD2    H N N 72  
ASP HXT    H N N 73  
CYS N      N N N 74  
CYS CA     C N R 75  
CYS C      C N N 76  
CYS O      O N N 77  
CYS CB     C N N 78  
CYS SG     S N N 79  
CYS OXT    O N N 80  
CYS H      H N N 81  
CYS H2     H N N 82  
CYS HA     H N N 83  
CYS HB2    H N N 84  
CYS HB3    H N N 85  
CYS HG     H N N 86  
CYS HXT    H N N 87  
FMN N1     N N N 88  
FMN C2     C N N 89  
FMN O2     O N N 90  
FMN N3     N N N 91  
FMN C4     C N N 92  
FMN O4     O N N 93  
FMN C4A    C N N 94  
FMN N5     N N N 95  
FMN C5A    C Y N 96  
FMN C6     C Y N 97  
FMN C7     C Y N 98  
FMN C7M    C N N 99  
FMN C8     C Y N 100 
FMN C8M    C N N 101 
FMN C9     C Y N 102 
FMN C9A    C Y N 103 
FMN N10    N N N 104 
FMN C10    C N N 105 
FMN "C1'"  C N N 106 
FMN "C2'"  C N S 107 
FMN "O2'"  O N N 108 
FMN "C3'"  C N S 109 
FMN "O3'"  O N N 110 
FMN "C4'"  C N R 111 
FMN "O4'"  O N N 112 
FMN "C5'"  C N N 113 
FMN "O5'"  O N N 114 
FMN P      P N N 115 
FMN O1P    O N N 116 
FMN O2P    O N N 117 
FMN O3P    O N N 118 
FMN HN3    H N N 119 
FMN H6     H N N 120 
FMN HM71   H N N 121 
FMN HM72   H N N 122 
FMN HM73   H N N 123 
FMN HM81   H N N 124 
FMN HM82   H N N 125 
FMN HM83   H N N 126 
FMN H9     H N N 127 
FMN "H1'1" H N N 128 
FMN "H1'2" H N N 129 
FMN "H2'"  H N N 130 
FMN "HO2'" H N N 131 
FMN "H3'"  H N N 132 
FMN "HO3'" H N N 133 
FMN "H4'"  H N N 134 
FMN "HO4'" H N N 135 
FMN "H5'1" H N N 136 
FMN "H5'2" H N N 137 
FMN HOP2   H N N 138 
FMN HOP3   H N N 139 
GLN N      N N N 140 
GLN CA     C N S 141 
GLN C      C N N 142 
GLN O      O N N 143 
GLN CB     C N N 144 
GLN CG     C N N 145 
GLN CD     C N N 146 
GLN OE1    O N N 147 
GLN NE2    N N N 148 
GLN OXT    O N N 149 
GLN H      H N N 150 
GLN H2     H N N 151 
GLN HA     H N N 152 
GLN HB2    H N N 153 
GLN HB3    H N N 154 
GLN HG2    H N N 155 
GLN HG3    H N N 156 
GLN HE21   H N N 157 
GLN HE22   H N N 158 
GLN HXT    H N N 159 
GLU N      N N N 160 
GLU CA     C N S 161 
GLU C      C N N 162 
GLU O      O N N 163 
GLU CB     C N N 164 
GLU CG     C N N 165 
GLU CD     C N N 166 
GLU OE1    O N N 167 
GLU OE2    O N N 168 
GLU OXT    O N N 169 
GLU H      H N N 170 
GLU H2     H N N 171 
GLU HA     H N N 172 
GLU HB2    H N N 173 
GLU HB3    H N N 174 
GLU HG2    H N N 175 
GLU HG3    H N N 176 
GLU HE2    H N N 177 
GLU HXT    H N N 178 
GLY N      N N N 179 
GLY CA     C N N 180 
GLY C      C N N 181 
GLY O      O N N 182 
GLY OXT    O N N 183 
GLY H      H N N 184 
GLY H2     H N N 185 
GLY HA2    H N N 186 
GLY HA3    H N N 187 
GLY HXT    H N N 188 
HIS N      N N N 189 
HIS CA     C N S 190 
HIS C      C N N 191 
HIS O      O N N 192 
HIS CB     C N N 193 
HIS CG     C Y N 194 
HIS ND1    N Y N 195 
HIS CD2    C Y N 196 
HIS CE1    C Y N 197 
HIS NE2    N Y N 198 
HIS OXT    O N N 199 
HIS H      H N N 200 
HIS H2     H N N 201 
HIS HA     H N N 202 
HIS HB2    H N N 203 
HIS HB3    H N N 204 
HIS HD1    H N N 205 
HIS HD2    H N N 206 
HIS HE1    H N N 207 
HIS HE2    H N N 208 
HIS HXT    H N N 209 
HOH O      O N N 210 
HOH H1     H N N 211 
HOH H2     H N N 212 
ILE N      N N N 213 
ILE CA     C N S 214 
ILE C      C N N 215 
ILE O      O N N 216 
ILE CB     C N S 217 
ILE CG1    C N N 218 
ILE CG2    C N N 219 
ILE CD1    C N N 220 
ILE OXT    O N N 221 
ILE H      H N N 222 
ILE H2     H N N 223 
ILE HA     H N N 224 
ILE HB     H N N 225 
ILE HG12   H N N 226 
ILE HG13   H N N 227 
ILE HG21   H N N 228 
ILE HG22   H N N 229 
ILE HG23   H N N 230 
ILE HD11   H N N 231 
ILE HD12   H N N 232 
ILE HD13   H N N 233 
ILE HXT    H N N 234 
LEU N      N N N 235 
LEU CA     C N S 236 
LEU C      C N N 237 
LEU O      O N N 238 
LEU CB     C N N 239 
LEU CG     C N N 240 
LEU CD1    C N N 241 
LEU CD2    C N N 242 
LEU OXT    O N N 243 
LEU H      H N N 244 
LEU H2     H N N 245 
LEU HA     H N N 246 
LEU HB2    H N N 247 
LEU HB3    H N N 248 
LEU HG     H N N 249 
LEU HD11   H N N 250 
LEU HD12   H N N 251 
LEU HD13   H N N 252 
LEU HD21   H N N 253 
LEU HD22   H N N 254 
LEU HD23   H N N 255 
LEU HXT    H N N 256 
LYS N      N N N 257 
LYS CA     C N S 258 
LYS C      C N N 259 
LYS O      O N N 260 
LYS CB     C N N 261 
LYS CG     C N N 262 
LYS CD     C N N 263 
LYS CE     C N N 264 
LYS NZ     N N N 265 
LYS OXT    O N N 266 
LYS H      H N N 267 
LYS H2     H N N 268 
LYS HA     H N N 269 
LYS HB2    H N N 270 
LYS HB3    H N N 271 
LYS HG2    H N N 272 
LYS HG3    H N N 273 
LYS HD2    H N N 274 
LYS HD3    H N N 275 
LYS HE2    H N N 276 
LYS HE3    H N N 277 
LYS HZ1    H N N 278 
LYS HZ2    H N N 279 
LYS HZ3    H N N 280 
LYS HXT    H N N 281 
PHE N      N N N 282 
PHE CA     C N S 283 
PHE C      C N N 284 
PHE O      O N N 285 
PHE CB     C N N 286 
PHE CG     C Y N 287 
PHE CD1    C Y N 288 
PHE CD2    C Y N 289 
PHE CE1    C Y N 290 
PHE CE2    C Y N 291 
PHE CZ     C Y N 292 
PHE OXT    O N N 293 
PHE H      H N N 294 
PHE H2     H N N 295 
PHE HA     H N N 296 
PHE HB2    H N N 297 
PHE HB3    H N N 298 
PHE HD1    H N N 299 
PHE HD2    H N N 300 
PHE HE1    H N N 301 
PHE HE2    H N N 302 
PHE HZ     H N N 303 
PHE HXT    H N N 304 
PRO N      N N N 305 
PRO CA     C N S 306 
PRO C      C N N 307 
PRO O      O N N 308 
PRO CB     C N N 309 
PRO CG     C N N 310 
PRO CD     C N N 311 
PRO OXT    O N N 312 
PRO H      H N N 313 
PRO HA     H N N 314 
PRO HB2    H N N 315 
PRO HB3    H N N 316 
PRO HG2    H N N 317 
PRO HG3    H N N 318 
PRO HD2    H N N 319 
PRO HD3    H N N 320 
PRO HXT    H N N 321 
SER N      N N N 322 
SER CA     C N S 323 
SER C      C N N 324 
SER O      O N N 325 
SER CB     C N N 326 
SER OG     O N N 327 
SER OXT    O N N 328 
SER H      H N N 329 
SER H2     H N N 330 
SER HA     H N N 331 
SER HB2    H N N 332 
SER HB3    H N N 333 
SER HG     H N N 334 
SER HXT    H N N 335 
THR N      N N N 336 
THR CA     C N S 337 
THR C      C N N 338 
THR O      O N N 339 
THR CB     C N R 340 
THR OG1    O N N 341 
THR CG2    C N N 342 
THR OXT    O N N 343 
THR H      H N N 344 
THR H2     H N N 345 
THR HA     H N N 346 
THR HB     H N N 347 
THR HG1    H N N 348 
THR HG21   H N N 349 
THR HG22   H N N 350 
THR HG23   H N N 351 
THR HXT    H N N 352 
TRP N      N N N 353 
TRP CA     C N S 354 
TRP C      C N N 355 
TRP O      O N N 356 
TRP CB     C N N 357 
TRP CG     C Y N 358 
TRP CD1    C Y N 359 
TRP CD2    C Y N 360 
TRP NE1    N Y N 361 
TRP CE2    C Y N 362 
TRP CE3    C Y N 363 
TRP CZ2    C Y N 364 
TRP CZ3    C Y N 365 
TRP CH2    C Y N 366 
TRP OXT    O N N 367 
TRP H      H N N 368 
TRP H2     H N N 369 
TRP HA     H N N 370 
TRP HB2    H N N 371 
TRP HB3    H N N 372 
TRP HD1    H N N 373 
TRP HE1    H N N 374 
TRP HE3    H N N 375 
TRP HZ2    H N N 376 
TRP HZ3    H N N 377 
TRP HH2    H N N 378 
TRP HXT    H N N 379 
TYR N      N N N 380 
TYR CA     C N S 381 
TYR C      C N N 382 
TYR O      O N N 383 
TYR CB     C N N 384 
TYR CG     C Y N 385 
TYR CD1    C Y N 386 
TYR CD2    C Y N 387 
TYR CE1    C Y N 388 
TYR CE2    C Y N 389 
TYR CZ     C Y N 390 
TYR OH     O N N 391 
TYR OXT    O N N 392 
TYR H      H N N 393 
TYR H2     H N N 394 
TYR HA     H N N 395 
TYR HB2    H N N 396 
TYR HB3    H N N 397 
TYR HD1    H N N 398 
TYR HD2    H N N 399 
TYR HE1    H N N 400 
TYR HE2    H N N 401 
TYR HH     H N N 402 
TYR HXT    H N N 403 
VAL N      N N N 404 
VAL CA     C N S 405 
VAL C      C N N 406 
VAL O      O N N 407 
VAL CB     C N N 408 
VAL CG1    C N N 409 
VAL CG2    C N N 410 
VAL OXT    O N N 411 
VAL H      H N N 412 
VAL H2     H N N 413 
VAL HA     H N N 414 
VAL HB     H N N 415 
VAL HG11   H N N 416 
VAL HG12   H N N 417 
VAL HG13   H N N 418 
VAL HG21   H N N 419 
VAL HG22   H N N 420 
VAL HG23   H N N 421 
VAL HXT    H N N 422 
# 
loop_
_chem_comp_bond.comp_id 
_chem_comp_bond.atom_id_1 
_chem_comp_bond.atom_id_2 
_chem_comp_bond.value_order 
_chem_comp_bond.pdbx_aromatic_flag 
_chem_comp_bond.pdbx_stereo_config 
_chem_comp_bond.pdbx_ordinal 
ALA N     CA     sing N N 1   
ALA N     H      sing N N 2   
ALA N     H2     sing N N 3   
ALA CA    C      sing N N 4   
ALA CA    CB     sing N N 5   
ALA CA    HA     sing N N 6   
ALA C     O      doub N N 7   
ALA C     OXT    sing N N 8   
ALA CB    HB1    sing N N 9   
ALA CB    HB2    sing N N 10  
ALA CB    HB3    sing N N 11  
ALA OXT   HXT    sing N N 12  
ARG N     CA     sing N N 13  
ARG N     H      sing N N 14  
ARG N     H2     sing N N 15  
ARG CA    C      sing N N 16  
ARG CA    CB     sing N N 17  
ARG CA    HA     sing N N 18  
ARG C     O      doub N N 19  
ARG C     OXT    sing N N 20  
ARG CB    CG     sing N N 21  
ARG CB    HB2    sing N N 22  
ARG CB    HB3    sing N N 23  
ARG CG    CD     sing N N 24  
ARG CG    HG2    sing N N 25  
ARG CG    HG3    sing N N 26  
ARG CD    NE     sing N N 27  
ARG CD    HD2    sing N N 28  
ARG CD    HD3    sing N N 29  
ARG NE    CZ     sing N N 30  
ARG NE    HE     sing N N 31  
ARG CZ    NH1    sing N N 32  
ARG CZ    NH2    doub N N 33  
ARG NH1   HH11   sing N N 34  
ARG NH1   HH12   sing N N 35  
ARG NH2   HH21   sing N N 36  
ARG NH2   HH22   sing N N 37  
ARG OXT   HXT    sing N N 38  
ASN N     CA     sing N N 39  
ASN N     H      sing N N 40  
ASN N     H2     sing N N 41  
ASN CA    C      sing N N 42  
ASN CA    CB     sing N N 43  
ASN CA    HA     sing N N 44  
ASN C     O      doub N N 45  
ASN C     OXT    sing N N 46  
ASN CB    CG     sing N N 47  
ASN CB    HB2    sing N N 48  
ASN CB    HB3    sing N N 49  
ASN CG    OD1    doub N N 50  
ASN CG    ND2    sing N N 51  
ASN ND2   HD21   sing N N 52  
ASN ND2   HD22   sing N N 53  
ASN OXT   HXT    sing N N 54  
ASP N     CA     sing N N 55  
ASP N     H      sing N N 56  
ASP N     H2     sing N N 57  
ASP CA    C      sing N N 58  
ASP CA    CB     sing N N 59  
ASP CA    HA     sing N N 60  
ASP C     O      doub N N 61  
ASP C     OXT    sing N N 62  
ASP CB    CG     sing N N 63  
ASP CB    HB2    sing N N 64  
ASP CB    HB3    sing N N 65  
ASP CG    OD1    doub N N 66  
ASP CG    OD2    sing N N 67  
ASP OD2   HD2    sing N N 68  
ASP OXT   HXT    sing N N 69  
CYS N     CA     sing N N 70  
CYS N     H      sing N N 71  
CYS N     H2     sing N N 72  
CYS CA    C      sing N N 73  
CYS CA    CB     sing N N 74  
CYS CA    HA     sing N N 75  
CYS C     O      doub N N 76  
CYS C     OXT    sing N N 77  
CYS CB    SG     sing N N 78  
CYS CB    HB2    sing N N 79  
CYS CB    HB3    sing N N 80  
CYS SG    HG     sing N N 81  
CYS OXT   HXT    sing N N 82  
FMN N1    C2     sing N N 83  
FMN N1    C10    doub N N 84  
FMN C2    O2     doub N N 85  
FMN C2    N3     sing N N 86  
FMN N3    C4     sing N N 87  
FMN N3    HN3    sing N N 88  
FMN C4    O4     doub N N 89  
FMN C4    C4A    sing N N 90  
FMN C4A   N5     doub N N 91  
FMN C4A   C10    sing N N 92  
FMN N5    C5A    sing N N 93  
FMN C5A   C6     doub Y N 94  
FMN C5A   C9A    sing Y N 95  
FMN C6    C7     sing Y N 96  
FMN C6    H6     sing N N 97  
FMN C7    C7M    sing N N 98  
FMN C7    C8     doub Y N 99  
FMN C7M   HM71   sing N N 100 
FMN C7M   HM72   sing N N 101 
FMN C7M   HM73   sing N N 102 
FMN C8    C8M    sing N N 103 
FMN C8    C9     sing Y N 104 
FMN C8M   HM81   sing N N 105 
FMN C8M   HM82   sing N N 106 
FMN C8M   HM83   sing N N 107 
FMN C9    C9A    doub Y N 108 
FMN C9    H9     sing N N 109 
FMN C9A   N10    sing N N 110 
FMN N10   C10    sing N N 111 
FMN N10   "C1'"  sing N N 112 
FMN "C1'" "C2'"  sing N N 113 
FMN "C1'" "H1'1" sing N N 114 
FMN "C1'" "H1'2" sing N N 115 
FMN "C2'" "O2'"  sing N N 116 
FMN "C2'" "C3'"  sing N N 117 
FMN "C2'" "H2'"  sing N N 118 
FMN "O2'" "HO2'" sing N N 119 
FMN "C3'" "O3'"  sing N N 120 
FMN "C3'" "C4'"  sing N N 121 
FMN "C3'" "H3'"  sing N N 122 
FMN "O3'" "HO3'" sing N N 123 
FMN "C4'" "O4'"  sing N N 124 
FMN "C4'" "C5'"  sing N N 125 
FMN "C4'" "H4'"  sing N N 126 
FMN "O4'" "HO4'" sing N N 127 
FMN "C5'" "O5'"  sing N N 128 
FMN "C5'" "H5'1" sing N N 129 
FMN "C5'" "H5'2" sing N N 130 
FMN "O5'" P      sing N N 131 
FMN P     O1P    doub N N 132 
FMN P     O2P    sing N N 133 
FMN P     O3P    sing N N 134 
FMN O2P   HOP2   sing N N 135 
FMN O3P   HOP3   sing N N 136 
GLN N     CA     sing N N 137 
GLN N     H      sing N N 138 
GLN N     H2     sing N N 139 
GLN CA    C      sing N N 140 
GLN CA    CB     sing N N 141 
GLN CA    HA     sing N N 142 
GLN C     O      doub N N 143 
GLN C     OXT    sing N N 144 
GLN CB    CG     sing N N 145 
GLN CB    HB2    sing N N 146 
GLN CB    HB3    sing N N 147 
GLN CG    CD     sing N N 148 
GLN CG    HG2    sing N N 149 
GLN CG    HG3    sing N N 150 
GLN CD    OE1    doub N N 151 
GLN CD    NE2    sing N N 152 
GLN NE2   HE21   sing N N 153 
GLN NE2   HE22   sing N N 154 
GLN OXT   HXT    sing N N 155 
GLU N     CA     sing N N 156 
GLU N     H      sing N N 157 
GLU N     H2     sing N N 158 
GLU CA    C      sing N N 159 
GLU CA    CB     sing N N 160 
GLU CA    HA     sing N N 161 
GLU C     O      doub N N 162 
GLU C     OXT    sing N N 163 
GLU CB    CG     sing N N 164 
GLU CB    HB2    sing N N 165 
GLU CB    HB3    sing N N 166 
GLU CG    CD     sing N N 167 
GLU CG    HG2    sing N N 168 
GLU CG    HG3    sing N N 169 
GLU CD    OE1    doub N N 170 
GLU CD    OE2    sing N N 171 
GLU OE2   HE2    sing N N 172 
GLU OXT   HXT    sing N N 173 
GLY N     CA     sing N N 174 
GLY N     H      sing N N 175 
GLY N     H2     sing N N 176 
GLY CA    C      sing N N 177 
GLY CA    HA2    sing N N 178 
GLY CA    HA3    sing N N 179 
GLY C     O      doub N N 180 
GLY C     OXT    sing N N 181 
GLY OXT   HXT    sing N N 182 
HIS N     CA     sing N N 183 
HIS N     H      sing N N 184 
HIS N     H2     sing N N 185 
HIS CA    C      sing N N 186 
HIS CA    CB     sing N N 187 
HIS CA    HA     sing N N 188 
HIS C     O      doub N N 189 
HIS C     OXT    sing N N 190 
HIS CB    CG     sing N N 191 
HIS CB    HB2    sing N N 192 
HIS CB    HB3    sing N N 193 
HIS CG    ND1    sing Y N 194 
HIS CG    CD2    doub Y N 195 
HIS ND1   CE1    doub Y N 196 
HIS ND1   HD1    sing N N 197 
HIS CD2   NE2    sing Y N 198 
HIS CD2   HD2    sing N N 199 
HIS CE1   NE2    sing Y N 200 
HIS CE1   HE1    sing N N 201 
HIS NE2   HE2    sing N N 202 
HIS OXT   HXT    sing N N 203 
HOH O     H1     sing N N 204 
HOH O     H2     sing N N 205 
ILE N     CA     sing N N 206 
ILE N     H      sing N N 207 
ILE N     H2     sing N N 208 
ILE CA    C      sing N N 209 
ILE CA    CB     sing N N 210 
ILE CA    HA     sing N N 211 
ILE C     O      doub N N 212 
ILE C     OXT    sing N N 213 
ILE CB    CG1    sing N N 214 
ILE CB    CG2    sing N N 215 
ILE CB    HB     sing N N 216 
ILE CG1   CD1    sing N N 217 
ILE CG1   HG12   sing N N 218 
ILE CG1   HG13   sing N N 219 
ILE CG2   HG21   sing N N 220 
ILE CG2   HG22   sing N N 221 
ILE CG2   HG23   sing N N 222 
ILE CD1   HD11   sing N N 223 
ILE CD1   HD12   sing N N 224 
ILE CD1   HD13   sing N N 225 
ILE OXT   HXT    sing N N 226 
LEU N     CA     sing N N 227 
LEU N     H      sing N N 228 
LEU N     H2     sing N N 229 
LEU CA    C      sing N N 230 
LEU CA    CB     sing N N 231 
LEU CA    HA     sing N N 232 
LEU C     O      doub N N 233 
LEU C     OXT    sing N N 234 
LEU CB    CG     sing N N 235 
LEU CB    HB2    sing N N 236 
LEU CB    HB3    sing N N 237 
LEU CG    CD1    sing N N 238 
LEU CG    CD2    sing N N 239 
LEU CG    HG     sing N N 240 
LEU CD1   HD11   sing N N 241 
LEU CD1   HD12   sing N N 242 
LEU CD1   HD13   sing N N 243 
LEU CD2   HD21   sing N N 244 
LEU CD2   HD22   sing N N 245 
LEU CD2   HD23   sing N N 246 
LEU OXT   HXT    sing N N 247 
LYS N     CA     sing N N 248 
LYS N     H      sing N N 249 
LYS N     H2     sing N N 250 
LYS CA    C      sing N N 251 
LYS CA    CB     sing N N 252 
LYS CA    HA     sing N N 253 
LYS C     O      doub N N 254 
LYS C     OXT    sing N N 255 
LYS CB    CG     sing N N 256 
LYS CB    HB2    sing N N 257 
LYS CB    HB3    sing N N 258 
LYS CG    CD     sing N N 259 
LYS CG    HG2    sing N N 260 
LYS CG    HG3    sing N N 261 
LYS CD    CE     sing N N 262 
LYS CD    HD2    sing N N 263 
LYS CD    HD3    sing N N 264 
LYS CE    NZ     sing N N 265 
LYS CE    HE2    sing N N 266 
LYS CE    HE3    sing N N 267 
LYS NZ    HZ1    sing N N 268 
LYS NZ    HZ2    sing N N 269 
LYS NZ    HZ3    sing N N 270 
LYS OXT   HXT    sing N N 271 
PHE N     CA     sing N N 272 
PHE N     H      sing N N 273 
PHE N     H2     sing N N 274 
PHE CA    C      sing N N 275 
PHE CA    CB     sing N N 276 
PHE CA    HA     sing N N 277 
PHE C     O      doub N N 278 
PHE C     OXT    sing N N 279 
PHE CB    CG     sing N N 280 
PHE CB    HB2    sing N N 281 
PHE CB    HB3    sing N N 282 
PHE CG    CD1    doub Y N 283 
PHE CG    CD2    sing Y N 284 
PHE CD1   CE1    sing Y N 285 
PHE CD1   HD1    sing N N 286 
PHE CD2   CE2    doub Y N 287 
PHE CD2   HD2    sing N N 288 
PHE CE1   CZ     doub Y N 289 
PHE CE1   HE1    sing N N 290 
PHE CE2   CZ     sing Y N 291 
PHE CE2   HE2    sing N N 292 
PHE CZ    HZ     sing N N 293 
PHE OXT   HXT    sing N N 294 
PRO N     CA     sing N N 295 
PRO N     CD     sing N N 296 
PRO N     H      sing N N 297 
PRO CA    C      sing N N 298 
PRO CA    CB     sing N N 299 
PRO CA    HA     sing N N 300 
PRO C     O      doub N N 301 
PRO C     OXT    sing N N 302 
PRO CB    CG     sing N N 303 
PRO CB    HB2    sing N N 304 
PRO CB    HB3    sing N N 305 
PRO CG    CD     sing N N 306 
PRO CG    HG2    sing N N 307 
PRO CG    HG3    sing N N 308 
PRO CD    HD2    sing N N 309 
PRO CD    HD3    sing N N 310 
PRO OXT   HXT    sing N N 311 
SER N     CA     sing N N 312 
SER N     H      sing N N 313 
SER N     H2     sing N N 314 
SER CA    C      sing N N 315 
SER CA    CB     sing N N 316 
SER CA    HA     sing N N 317 
SER C     O      doub N N 318 
SER C     OXT    sing N N 319 
SER CB    OG     sing N N 320 
SER CB    HB2    sing N N 321 
SER CB    HB3    sing N N 322 
SER OG    HG     sing N N 323 
SER OXT   HXT    sing N N 324 
THR N     CA     sing N N 325 
THR N     H      sing N N 326 
THR N     H2     sing N N 327 
THR CA    C      sing N N 328 
THR CA    CB     sing N N 329 
THR CA    HA     sing N N 330 
THR C     O      doub N N 331 
THR C     OXT    sing N N 332 
THR CB    OG1    sing N N 333 
THR CB    CG2    sing N N 334 
THR CB    HB     sing N N 335 
THR OG1   HG1    sing N N 336 
THR CG2   HG21   sing N N 337 
THR CG2   HG22   sing N N 338 
THR CG2   HG23   sing N N 339 
THR OXT   HXT    sing N N 340 
TRP N     CA     sing N N 341 
TRP N     H      sing N N 342 
TRP N     H2     sing N N 343 
TRP CA    C      sing N N 344 
TRP CA    CB     sing N N 345 
TRP CA    HA     sing N N 346 
TRP C     O      doub N N 347 
TRP C     OXT    sing N N 348 
TRP CB    CG     sing N N 349 
TRP CB    HB2    sing N N 350 
TRP CB    HB3    sing N N 351 
TRP CG    CD1    doub Y N 352 
TRP CG    CD2    sing Y N 353 
TRP CD1   NE1    sing Y N 354 
TRP CD1   HD1    sing N N 355 
TRP CD2   CE2    doub Y N 356 
TRP CD2   CE3    sing Y N 357 
TRP NE1   CE2    sing Y N 358 
TRP NE1   HE1    sing N N 359 
TRP CE2   CZ2    sing Y N 360 
TRP CE3   CZ3    doub Y N 361 
TRP CE3   HE3    sing N N 362 
TRP CZ2   CH2    doub Y N 363 
TRP CZ2   HZ2    sing N N 364 
TRP CZ3   CH2    sing Y N 365 
TRP CZ3   HZ3    sing N N 366 
TRP CH2   HH2    sing N N 367 
TRP OXT   HXT    sing N N 368 
TYR N     CA     sing N N 369 
TYR N     H      sing N N 370 
TYR N     H2     sing N N 371 
TYR CA    C      sing N N 372 
TYR CA    CB     sing N N 373 
TYR CA    HA     sing N N 374 
TYR C     O      doub N N 375 
TYR C     OXT    sing N N 376 
TYR CB    CG     sing N N 377 
TYR CB    HB2    sing N N 378 
TYR CB    HB3    sing N N 379 
TYR CG    CD1    doub Y N 380 
TYR CG    CD2    sing Y N 381 
TYR CD1   CE1    sing Y N 382 
TYR CD1   HD1    sing N N 383 
TYR CD2   CE2    doub Y N 384 
TYR CD2   HD2    sing N N 385 
TYR CE1   CZ     doub Y N 386 
TYR CE1   HE1    sing N N 387 
TYR CE2   CZ     sing Y N 388 
TYR CE2   HE2    sing N N 389 
TYR CZ    OH     sing N N 390 
TYR OH    HH     sing N N 391 
TYR OXT   HXT    sing N N 392 
VAL N     CA     sing N N 393 
VAL N     H      sing N N 394 
VAL N     H2     sing N N 395 
VAL CA    C      sing N N 396 
VAL CA    CB     sing N N 397 
VAL CA    HA     sing N N 398 
VAL C     O      doub N N 399 
VAL C     OXT    sing N N 400 
VAL CB    CG1    sing N N 401 
VAL CB    CG2    sing N N 402 
VAL CB    HB     sing N N 403 
VAL CG1   HG11   sing N N 404 
VAL CG1   HG12   sing N N 405 
VAL CG1   HG13   sing N N 406 
VAL CG2   HG21   sing N N 407 
VAL CG2   HG22   sing N N 408 
VAL CG2   HG23   sing N N 409 
VAL OXT   HXT    sing N N 410 
# 
_pdbx_audit_support.funding_organization   'ALBA synchrotron' 
_pdbx_audit_support.country                Spain 
_pdbx_audit_support.grant_number           2012010062 
_pdbx_audit_support.ordinal                1 
# 
_pdbx_initial_refinement_model.id               1 
_pdbx_initial_refinement_model.entity_id_list   ? 
_pdbx_initial_refinement_model.type             'experimental model' 
_pdbx_initial_refinement_model.source_name      PDB 
_pdbx_initial_refinement_model.accession_code   1FLV 
_pdbx_initial_refinement_model.details          ? 
# 
_atom_sites.entry_id                    5LJP 
_atom_sites.fract_transf_matrix[1][1]   0.01005758 
_atom_sites.fract_transf_matrix[1][2]   -0.01519921 
_atom_sites.fract_transf_matrix[1][3]   -0.01906073 
_atom_sites.fract_transf_matrix[2][1]   -0.00713043 
_atom_sites.fract_transf_matrix[2][2]   0.00903222 
_atom_sites.fract_transf_matrix[2][3]   -0.01096481 
_atom_sites.fract_transf_matrix[3][1]   0.01250247 
_atom_sites.fract_transf_matrix[3][2]   0.00908452 
_atom_sites.fract_transf_matrix[3][3]   -0.00064703 
_atom_sites.fract_transf_vector[1]      -0.242681 
_atom_sites.fract_transf_vector[2]      0.099708 
_atom_sites.fract_transf_vector[3]      0.157087 
# 
loop_
_atom_type.symbol 
C 
N 
O 
P 
S 
# 
loop_
_atom_site.group_PDB 
_atom_site.id 
_atom_site.type_symbol 
_atom_site.label_atom_id 
_atom_site.label_alt_id 
_atom_site.label_comp_id 
_atom_site.label_asym_id 
_atom_site.label_entity_id 
_atom_site.label_seq_id 
_atom_site.pdbx_PDB_ins_code 
_atom_site.Cartn_x 
_atom_site.Cartn_y 
_atom_site.Cartn_z 
_atom_site.occupancy 
_atom_site.B_iso_or_equiv 
_atom_site.pdbx_formal_charge 
_atom_site.auth_seq_id 
_atom_site.auth_comp_id 
_atom_site.auth_asym_id 
_atom_site.auth_atom_id 
_atom_site.pdbx_PDB_model_num 
ATOM   1    N N     . LYS A 1 2   ? 3.215   -10.701 -14.872 1.00 20.88 ? 2   LYS A N     1 
ATOM   2    C CA    . LYS A 1 2   ? 2.314   -11.516 -13.989 1.00 16.68 ? 2   LYS A CA    1 
ATOM   3    C C     . LYS A 1 2   ? 0.984   -10.803 -13.734 1.00 15.36 ? 2   LYS A C     1 
ATOM   4    O O     . LYS A 1 2   ? 0.783   -9.643  -14.151 1.00 16.06 ? 2   LYS A O     1 
ATOM   5    C CB    . LYS A 1 2   ? 3.014   -11.888 -12.678 1.00 16.09 ? 2   LYS A CB    1 
ATOM   6    C CG    . LYS A 1 2   ? 4.229   -12.779 -12.869 1.00 15.84 ? 2   LYS A CG    1 
ATOM   7    C CD    . LYS A 1 2   ? 4.883   -13.069 -11.540 1.00 17.53 ? 2   LYS A CD    1 
ATOM   8    C CE    . LYS A 1 2   ? 6.156   -13.875 -11.655 1.00 17.22 ? 2   LYS A CE    1 
ATOM   9    N NZ    . LYS A 1 2   ? 6.784   -13.797 -10.321 1.00 18.95 ? 2   LYS A NZ    1 
ATOM   10   N N     . LYS A 1 3   ? 0.068   -11.470 -13.063 1.00 13.92 ? 3   LYS A N     1 
ATOM   11   C CA    . LYS A 1 3   ? -1.249  -10.922 -12.918 1.00 14.66 ? 3   LYS A CA    1 
ATOM   12   C C     . LYS A 1 3   ? -1.341  -9.683  -12.020 1.00 12.25 ? 3   LYS A C     1 
ATOM   13   O O     . LYS A 1 3   ? -2.084  -8.780  -12.353 1.00 13.49 ? 3   LYS A O     1 
ATOM   14   C CB    . LYS A 1 3   ? -2.205  -12.012 -12.417 1.00 16.84 ? 3   LYS A CB    1 
ATOM   15   C CG    . LYS A 1 3   ? -3.669  -11.596 -12.410 1.00 19.54 ? 3   LYS A CG    1 
ATOM   16   C CD    . LYS A 1 3   ? -4.620  -12.805 -12.487 1.00 22.21 ? 3   LYS A CD    1 
ATOM   17   C CE    . LYS A 1 3   ? -6.088  -12.389 -12.488 1.00 22.64 ? 3   LYS A CE    1 
ATOM   18   N NZ    . LYS A 1 3   ? -7.044  -13.500 -12.744 1.00 23.72 ? 3   LYS A NZ    1 
ATOM   19   N N     . ILE A 1 4   ? -0.551  -9.654  -10.936 1.00 10.98 ? 4   ILE A N     1 
ATOM   20   C CA    . ILE A 1 4   ? -0.608  -8.544  -9.976  1.00 10.64 ? 4   ILE A CA    1 
ATOM   21   C C     . ILE A 1 4   ? 0.722   -7.808  -9.993  1.00 10.02 ? 4   ILE A C     1 
ATOM   22   O O     . ILE A 1 4   ? 1.777   -8.455  -9.910  1.00 10.85 ? 4   ILE A O     1 
ATOM   23   C CB    . ILE A 1 4   ? -0.897  -9.039  -8.554  1.00 11.78 ? 4   ILE A CB    1 
ATOM   24   C CG1   . ILE A 1 4   ? -2.218  -9.790  -8.535  1.00 13.89 ? 4   ILE A CG1   1 
ATOM   25   C CG2   . ILE A 1 4   ? -0.911  -7.883  -7.573  1.00 12.61 ? 4   ILE A CG2   1 
ATOM   26   C CD1   . ILE A 1 4   ? -2.510  -10.443 -7.212  1.00 15.90 ? 4   ILE A CD1   1 
ATOM   27   N N     . GLY A 1 5   ? 0.682   -6.490  -10.097 1.00 9.00  ? 5   GLY A N     1 
ATOM   28   C CA    . GLY A 1 5   ? 1.863   -5.655  -10.012 1.00 9.01  ? 5   GLY A CA    1 
ATOM   29   C C     . GLY A 1 5   ? 1.918   -4.976  -8.660  1.00 8.25  ? 5   GLY A C     1 
ATOM   30   O O     . GLY A 1 5   ? 0.976   -4.244  -8.307  1.00 8.65  ? 5   GLY A O     1 
ATOM   31   N N     . LEU A 1 6   ? 2.973   -5.233  -7.892  1.00 8.03  ? 6   LEU A N     1 
ATOM   32   C CA    . LEU A 1 6   ? 3.141   -4.645  -6.552  1.00 7.62  ? 6   LEU A CA    1 
ATOM   33   C C     . LEU A 1 6   ? 4.223   -3.593  -6.655  1.00 8.22  ? 6   LEU A C     1 
ATOM   34   O O     . LEU A 1 6   ? 5.404   -3.935  -6.917  1.00 8.70  ? 6   LEU A O     1 
ATOM   35   C CB    . LEU A 1 6   ? 3.431   -5.718  -5.540  1.00 8.06  ? 6   LEU A CB    1 
ATOM   36   C CG    . LEU A 1 6   ? 3.446   -5.283  -4.061  1.00 8.02  ? 6   LEU A CG    1 
ATOM   37   C CD1   . LEU A 1 6   ? 3.413   -6.503  -3.169  1.00 9.26  ? 6   LEU A CD1   1 
ATOM   38   C CD2   . LEU A 1 6   ? 4.619   -4.395  -3.698  1.00 8.38  ? 6   LEU A CD2   1 
ATOM   39   N N     . PHE A 1 7   ? 3.854   -2.324  -6.544  1.00 7.88  ? 7   PHE A N     1 
ATOM   40   C CA    . PHE A 1 7   ? 4.741   -1.163  -6.691  1.00 7.86  ? 7   PHE A CA    1 
ATOM   41   C C     . PHE A 1 7   ? 5.002   -0.589  -5.311  1.00 7.72  ? 7   PHE A C     1 
ATOM   42   O O     . PHE A 1 7   ? 4.061   -0.069  -4.668  1.00 8.42  ? 7   PHE A O     1 
ATOM   43   C CB    . PHE A 1 7   ? 4.081   -0.144  -7.597  1.00 8.65  ? 7   PHE A CB    1 
ATOM   44   C CG    . PHE A 1 7   ? 4.047   -0.569  -9.041  1.00 9.28  ? 7   PHE A CG    1 
ATOM   45   C CD1   . PHE A 1 7   ? 3.110   -1.490  -9.501  1.00 9.56  ? 7   PHE A CD1   1 
ATOM   46   C CD2   . PHE A 1 7   ? 4.951   -0.054  -9.954  1.00 10.20 ? 7   PHE A CD2   1 
ATOM   47   C CE1   . PHE A 1 7   ? 3.107   -1.890  -10.854 1.00 9.87  ? 7   PHE A CE1   1 
ATOM   48   C CE2   . PHE A 1 7   ? 4.966   -0.460  -11.287 1.00 11.12 ? 7   PHE A CE2   1 
ATOM   49   C CZ    . PHE A 1 7   ? 4.024   -1.365  -11.719 1.00 11.24 ? 7   PHE A CZ    1 
ATOM   50   N N     . TYR A 1 8   ? 6.244   -0.691  -4.845  1.00 8.18  ? 8   TYR A N     1 
ATOM   51   C CA    . TYR A 1 8   ? 6.567   -0.234  -3.503  1.00 8.11  ? 8   TYR A CA    1 
ATOM   52   C C     . TYR A 1 8   ? 7.668   0.801   -3.545  1.00 8.09  ? 8   TYR A C     1 
ATOM   53   O O     . TYR A 1 8   ? 8.506   0.812   -4.464  1.00 9.37  ? 8   TYR A O     1 
ATOM   54   C CB    . TYR A 1 8   ? 6.974   -1.373  -2.564  1.00 9.11  ? 8   TYR A CB    1 
ATOM   55   C CG    . TYR A 1 8   ? 8.273   -2.034  -2.930  1.00 10.11 ? 8   TYR A CG    1 
ATOM   56   C CD1   . TYR A 1 8   ? 9.483   -1.560  -2.426  1.00 11.36 ? 8   TYR A CD1   1 
ATOM   57   C CD2   . TYR A 1 8   ? 8.319   -3.054  -3.867  1.00 11.57 ? 8   TYR A CD2   1 
ATOM   58   C CE1   . TYR A 1 8   ? 10.685  -2.103  -2.821  1.00 12.83 ? 8   TYR A CE1   1 
ATOM   59   C CE2   . TYR A 1 8   ? 9.530   -3.613  -4.246  1.00 12.69 ? 8   TYR A CE2   1 
ATOM   60   C CZ    . TYR A 1 8   ? 10.718  -3.122  -3.723  1.00 12.89 ? 8   TYR A CZ    1 
ATOM   61   O OH    . TYR A 1 8   ? 11.937  -3.703  -4.117  1.00 15.85 ? 8   TYR A OH    1 
ATOM   62   N N     . GLY A 1 9   ? 7.698   1.653   -2.521  1.00 8.50  ? 9   GLY A N     1 
ATOM   63   C CA    . GLY A 1 9   ? 8.833   2.501   -2.208  1.00 8.84  ? 9   GLY A CA    1 
ATOM   64   C C     . GLY A 1 9   ? 9.348   2.176   -0.825  1.00 8.49  ? 9   GLY A C     1 
ATOM   65   O O     . GLY A 1 9   ? 8.602   1.717   0.030   1.00 8.91  ? 9   GLY A O     1 
ATOM   66   N N     . THR A 1 10  ? 10.636  2.439   -0.590  1.00 8.46  ? 10  THR A N     1 
ATOM   67   C CA    . THR A 1 10  ? 11.228  2.142   0.693   1.00 9.03  ? 10  THR A CA    1 
ATOM   68   C C     . THR A 1 10  ? 12.407  3.072   0.917   1.00 8.73  ? 10  THR A C     1 
ATOM   69   O O     . THR A 1 10  ? 13.213  3.286   0.025   1.00 9.95  ? 10  THR A O     1 
ATOM   70   C CB    . THR A 1 10  ? 11.629  0.651   0.797   1.00 9.08  ? 10  THR A CB    1 
ATOM   71   O OG1   . THR A 1 10  ? 11.968  0.275   2.124   1.00 9.85  ? 10  THR A OG1   1 
ATOM   72   C CG2   . THR A 1 10  ? 12.808  0.259   -0.085  1.00 10.24 ? 10  THR A CG2   1 
ATOM   73   N N     . GLN A 1 11  ? 12.544  3.559   2.145   1.00 9.07  ? 11  GLN A N     1 
ATOM   74   C CA    . GLN A 1 11  ? 13.719  4.331   2.581   1.00 9.61  ? 11  GLN A CA    1 
ATOM   75   C C     . GLN A 1 11  ? 14.660  3.502   3.384   1.00 10.25 ? 11  GLN A C     1 
ATOM   76   O O     . GLN A 1 11  ? 15.901  3.599   3.180   1.00 12.67 ? 11  GLN A O     1 
ATOM   77   C CB    . GLN A 1 11  ? 13.270  5.559   3.367   1.00 10.36 ? 11  GLN A CB    1 
ATOM   78   C CG    . GLN A 1 11  ? 14.337  6.587   3.602   1.00 12.20 ? 11  GLN A CG    1 
ATOM   79   C CD    . GLN A 1 11  ? 14.776  7.231   2.328   1.00 14.04 ? 11  GLN A CD    1 
ATOM   80   O OE1   . GLN A 1 11  ? 14.021  7.332   1.312   1.00 15.70 ? 11  GLN A OE1   1 
ATOM   81   N NE2   . GLN A 1 11  ? 16.044  7.660   2.317   1.00 16.81 ? 11  GLN A NE2   1 
ATOM   82   N N     . THR A 1 12  ? 14.172  2.746   4.346   1.00 9.91  ? 12  THR A N     1 
ATOM   83   C CA    . THR A 1 12  ? 14.981  1.945   5.254   1.00 10.58 ? 12  THR A CA    1 
ATOM   84   C C     . THR A 1 12  ? 14.744  0.447   5.100   1.00 10.21 ? 12  THR A C     1 
ATOM   85   O O     . THR A 1 12  ? 15.163  -0.313  5.963   1.00 11.92 ? 12  THR A O     1 
ATOM   86   C CB    . THR A 1 12  ? 14.894  2.453   6.702   1.00 11.20 ? 12  THR A CB    1 
ATOM   87   O OG1   . THR A 1 12  ? 13.538  2.550   7.162   1.00 11.39 ? 12  THR A OG1   1 
ATOM   88   C CG2   . THR A 1 12  ? 15.538  3.805   6.873   1.00 11.44 ? 12  THR A CG2   1 
ATOM   89   N N     . GLY A 1 13  ? 14.101  0.000   4.006   1.00 9.96  ? 13  GLY A N     1 
ATOM   90   C CA    . GLY A 1 13  ? 14.001  -1.383  3.643   1.00 10.14 ? 13  GLY A CA    1 
ATOM   91   C C     . GLY A 1 13  ? 12.791  -2.128  4.208   1.00 9.86  ? 13  GLY A C     1 
ATOM   92   O O     . GLY A 1 13  ? 12.556  -3.282  3.817   1.00 11.13 ? 13  GLY A O     1 
ATOM   93   N N     . LYS A 1 14  ? 12.028  -1.540  5.127   1.00 9.42  ? 14  LYS A N     1 
ATOM   94   C CA    . LYS A 1 14  ? 10.999  -2.313  5.825   1.00 10.12 ? 14  LYS A CA    1 
ATOM   95   C C     . LYS A 1 14  ? 9.814   -2.617  4.934   1.00 9.18  ? 14  LYS A C     1 
ATOM   96   O O     . LYS A 1 14  ? 9.287   -3.738  4.946   1.00 10.18 ? 14  LYS A O     1 
ATOM   97   C CB    . LYS A 1 14  ? 10.576  -1.584  7.102   1.00 10.70 ? 14  LYS A CB    1 
ATOM   98   C CG    . LYS A 1 14  ? 11.716  -1.434  8.114   1.00 12.97 ? 14  LYS A CG    1 
ATOM   99   C CD    . LYS A 1 14  ? 11.452  -0.454  9.239   1.00 15.02 ? 14  LYS A CD    1 
ATOM   100  C CE    . LYS A 1 14  ? 12.711  -0.177  10.062  1.00 17.83 ? 14  LYS A CE    1 
ATOM   101  N NZ    . LYS A 1 14  ? 12.500  0.895   11.049  1.00 19.40 ? 14  LYS A NZ    1 
ATOM   102  N N     . THR A 1 15  ? 9.410   -1.659  4.119   1.00 8.58  ? 15  THR A N     1 
ATOM   103  C CA    . THR A 1 15  ? 8.275   -1.868  3.199   1.00 8.95  ? 15  THR A CA    1 
ATOM   104  C C     . THR A 1 15  ? 8.651   -2.896  2.136   1.00 9.47  ? 15  THR A C     1 
ATOM   105  O O     . THR A 1 15  ? 7.818   -3.686  1.683   1.00 9.66  ? 15  THR A O     1 
ATOM   106  C CB    . THR A 1 15  ? 7.814   -0.543  2.597   1.00 9.13  ? 15  THR A CB    1 
ATOM   107  O OG1   . THR A 1 15  ? 7.579   0.378   3.669   1.00 10.41 ? 15  THR A OG1   1 
ATOM   108  C CG2   . THR A 1 15  ? 6.597   -0.684  1.780   1.00 9.67  ? 15  THR A CG2   1 
ATOM   109  N N     . GLU A 1 16  ? 9.914   -2.867  1.701   1.00 9.04  ? 16  GLU A N     1 
ATOM   110  C CA    . GLU A 1 16  ? 10.405  -3.875  0.759   1.00 10.00 ? 16  GLU A CA    1 
ATOM   111  C C     . GLU A 1 16  ? 10.371  -5.277  1.349   1.00 10.07 ? 16  GLU A C     1 
ATOM   112  O O     . GLU A 1 16  ? 9.968   -6.235  0.676   1.00 10.37 ? 16  GLU A O     1 
ATOM   113  C CB    . GLU A 1 16  ? 11.804  -3.515  0.331   1.00 11.21 ? 16  GLU A CB    1 
ATOM   114  C CG    . GLU A 1 16  ? 12.445  -4.489  -0.646  1.00 14.22 ? 16  GLU A CG    1 
ATOM   115  C CD    . GLU A 1 16  ? 13.730  -3.848  -1.209  1.00 18.28 ? 16  GLU A CD    1 
ATOM   116  O OE1   . GLU A 1 16  ? 14.596  -3.470  -0.415  1.00 22.49 ? 16  GLU A OE1   1 
ATOM   117  O OE2   . GLU A 1 16  ? 13.834  -3.586  -2.423  1.00 25.16 ? 16  GLU A OE2   1 
ATOM   118  N N     . SER A 1 17  ? 10.813  -5.426  2.598   1.00 10.40 ? 17  SER A N     1 
ATOM   119  C CA    . SER A 1 17  ? 10.784  -6.725  3.231   1.00 11.67 ? 17  SER A CA    1 
ATOM   120  C C     . SER A 1 17  ? 9.362   -7.261  3.307   1.00 10.96 ? 17  SER A C     1 
ATOM   121  O O     . SER A 1 17  ? 9.090   -8.436  3.010   1.00 12.10 ? 17  SER A O     1 
ATOM   122  C CB    . SER A 1 17  ? 11.388  -6.667  4.602   1.00 13.63 ? 17  SER A CB    1 
ATOM   123  O OG    . SER A 1 17  ? 12.771  -6.441  4.568   1.00 18.87 ? 17  SER A OG    1 
ATOM   124  N N     . VAL A 1 18  ? 8.421   -6.398  3.681   1.00 10.68 ? 18  VAL A N     1 
ATOM   125  C CA    . VAL A 1 18  ? 6.985   -6.786  3.715   1.00 11.08 ? 18  VAL A CA    1 
ATOM   126  C C     . VAL A 1 18  ? 6.473   -7.130  2.341   1.00 9.82  ? 18  VAL A C     1 
ATOM   127  O O     . VAL A 1 18  ? 5.686   -8.098  2.223   1.00 10.33 ? 18  VAL A O     1 
ATOM   128  C CB    . VAL A 1 18  ? 6.120   -5.632  4.332   1.00 13.79 ? 18  VAL A CB    1 
ATOM   129  C CG1   . VAL A 1 18  ? 4.642   -5.790  3.980   1.00 13.80 ? 18  VAL A CG1   1 
ATOM   130  C CG2   . VAL A 1 18  ? 6.399   -5.550  5.836   1.00 14.70 ? 18  VAL A CG2   1 
ATOM   131  N N     . ALA A 1 19  ? 6.896   -6.401  1.327   1.00 9.32  ? 19  ALA A N     1 
ATOM   132  C CA    . ALA A 1 19  ? 6.444   -6.686  -0.021  1.00 9.83  ? 19  ALA A CA    1 
ATOM   133  C C     . ALA A 1 19  ? 6.820   -8.082  -0.450  1.00 9.39  ? 19  ALA A C     1 
ATOM   134  O O     . ALA A 1 19  ? 6.047   -8.777  -1.138  1.00 9.75  ? 19  ALA A O     1 
ATOM   135  C CB    . ALA A 1 19  ? 7.042   -5.706  -0.987  1.00 9.69  ? 19  ALA A CB    1 
ATOM   136  N N     . LYS A 1 20  ? 8.004   -8.558  -0.032  1.00 10.00 ? 20  LYS A N     1 
ATOM   137  C CA    . LYS A 1 20  ? 8.426   -9.926  -0.371  1.00 10.59 ? 20  LYS A CA    1 
ATOM   138  C C     . LYS A 1 20  ? 7.601   -10.976 0.371   1.00 11.10 ? 20  LYS A C     1 
ATOM   139  O O     . LYS A 1 20  ? 7.287   -12.051 -0.218  1.00 11.93 ? 20  LYS A O     1 
ATOM   140  C CB    . LYS A 1 20  ? 9.937   -10.057 -0.121  1.00 11.82 ? 20  LYS A CB    1 
ATOM   141  C CG    . LYS A 1 20  ? 10.736  -9.194  -1.087  1.00 13.02 ? 20  LYS A CG    1 
ATOM   142  C CD    . LYS A 1 20  ? 12.207  -9.142  -0.765  1.00 15.96 ? 20  LYS A CD    1 
ATOM   143  C CE    . LYS A 1 20  ? 12.937  -8.222  -1.730  1.00 18.69 ? 20  LYS A CE    1 
ATOM   144  N NZ    . LYS A 1 20  ? 14.225  -7.698  -1.214  1.00 21.69 ? 20  LYS A NZ    1 
ATOM   145  N N     . ILE A 1 21  ? 7.200   -10.692 1.594   1.00 11.08 ? 21  ILE A N     1 
ATOM   146  C CA    . ILE A 1 21  ? 6.328   -11.592 2.314   1.00 12.24 ? 21  ILE A CA    1 
ATOM   147  C C     . ILE A 1 21  ? 4.952   -11.648 1.654   1.00 10.84 ? 21  ILE A C     1 
ATOM   148  O O     . ILE A 1 21  ? 4.361   -12.740 1.493   1.00 11.84 ? 21  ILE A O     1 
ATOM   149  C CB    . ILE A 1 21  ? 6.173   -11.187 3.785   1.00 13.34 ? 21  ILE A CB    1 
ATOM   150  C CG1   . ILE A 1 21  ? 7.515   -11.192 4.513   1.00 15.99 ? 21  ILE A CG1   1 
ATOM   151  C CG2   . ILE A 1 21  ? 5.228   -12.157 4.473   1.00 14.41 ? 21  ILE A CG2   1 
ATOM   152  C CD1   . ILE A 1 21  ? 7.452   -10.567 5.889   1.00 17.80 ? 21  ILE A CD1   1 
ATOM   153  N N     . ILE A 1 22  ? 4.405   -10.502 1.251   1.00 10.29 ? 22  ILE A N     1 
ATOM   154  C CA    . ILE A 1 22  ? 3.144   -10.468 0.534   1.00 10.01 ? 22  ILE A CA    1 
ATOM   155  C C     . ILE A 1 22  ? 3.243   -11.256 -0.771  1.00 10.16 ? 22  ILE A C     1 
ATOM   156  O O     . ILE A 1 22  ? 2.348   -12.095 -1.057  1.00 10.81 ? 22  ILE A O     1 
ATOM   157  C CB    . ILE A 1 22  ? 2.711   -9.006  0.261   1.00 9.85  ? 22  ILE A CB    1 
ATOM   158  C CG1   . ILE A 1 22  ? 2.321   -8.305  1.574   1.00 10.34 ? 22  ILE A CG1   1 
ATOM   159  C CG2   . ILE A 1 22  ? 1.581   -8.944  -0.746  1.00 10.24 ? 22  ILE A CG2   1 
ATOM   160  C CD1   . ILE A 1 22  ? 2.181   -6.796  1.482   1.00 11.29 ? 22  ILE A CD1   1 
ATOM   161  N N     . ARG A 1 23  ? 4.287   -11.032 -1.543  1.00 9.96  ? 23  ARG A N     1 
ATOM   162  C CA    . ARG A 1 23  ? 4.519   -11.800 -2.752  1.00 10.60 ? 23  ARG A CA    1 
ATOM   163  C C     . ARG A 1 23  ? 4.461   -13.286 -2.486  1.00 11.32 ? 23  ARG A C     1 
ATOM   164  O O     . ARG A 1 23  ? 3.796   -14.038 -3.221  1.00 12.47 ? 23  ARG A O     1 
ATOM   165  C CB    . ARG A 1 23  ? 5.858   -11.407 -3.350  1.00 11.85 ? 23  ARG A CB    1 
ATOM   166  C CG    . ARG A 1 23  ? 6.309   -12.202 -4.582  1.00 13.49 ? 23  ARG A CG    1 
ATOM   167  C CD    . ARG A 1 23  ? 7.840   -12.219 -4.744  1.00 16.30 ? 23  ARG A CD    1 
ATOM   168  N NE    . ARG A 1 23  ? 8.498   -12.845 -3.629  1.00 16.32 ? 23  ARG A NE    1 
ATOM   169  C CZ    . ARG A 1 23  ? 9.774   -12.642 -3.263  1.00 17.21 ? 23  ARG A CZ    1 
ATOM   170  N NH1   . ARG A 1 23  ? 10.241  -13.259 -2.181  1.00 19.18 ? 23  ARG A NH1   1 
ATOM   171  N NH2   . ARG A 1 23  ? 10.579  -11.856 -3.958  1.00 16.87 ? 23  ARG A NH2   1 
ATOM   172  N N     . ASP A 1 24  ? 5.179   -13.752 -1.494  1.00 11.59 ? 24  ASP A N     1 
ATOM   173  C CA    . ASP A 1 24  ? 5.237   -15.195 -1.228  1.00 13.07 ? 24  ASP A CA    1 
ATOM   174  C C     . ASP A 1 24  ? 3.931   -15.742 -0.709  1.00 12.95 ? 24  ASP A C     1 
ATOM   175  O O     . ASP A 1 24  ? 3.618   -16.919 -0.980  1.00 14.36 ? 24  ASP A O     1 
ATOM   176  C CB    . ASP A 1 24  ? 6.344   -15.488 -0.228  1.00 14.89 ? 24  ASP A CB    1 
ATOM   177  C CG    . ASP A 1 24  ? 7.730   -15.312 -0.811  1.00 16.78 ? 24  ASP A CG    1 
ATOM   178  O OD1   . ASP A 1 24  ? 7.865   -15.171 -2.021  1.00 19.59 ? 24  ASP A OD1   1 
ATOM   179  O OD2   . ASP A 1 24  ? 8.681   -15.285 0.000   1.00 20.59 ? 24  ASP A OD2   1 
ATOM   180  N N     . GLU A 1 25  ? 3.142   -14.952 -0.002  1.00 12.68 ? 25  GLU A N     1 
ATOM   181  C CA    . GLU A 1 25  ? 1.828   -15.382 0.460   1.00 13.35 ? 25  GLU A CA    1 
ATOM   182  C C     . GLU A 1 25  ? 0.848   -15.514 -0.682  1.00 12.13 ? 25  GLU A C     1 
ATOM   183  O O     . GLU A 1 25  ? -0.025  -16.409 -0.667  1.00 13.23 ? 25  GLU A O     1 
ATOM   184  C CB    . GLU A 1 25  ? 1.314   -14.397 1.511   1.00 14.20 ? 25  GLU A CB    1 
ATOM   185  C CG    . GLU A 1 25  ? 0.109   -14.873 2.316   1.00 16.63 ? 25  GLU A CG    1 
ATOM   186  C CD    . GLU A 1 25  ? 0.340   -16.139 3.126   1.00 18.32 ? 25  GLU A CD    1 
ATOM   187  O OE1   . GLU A 1 25  ? 1.506   -16.481 3.473   1.00 22.63 ? 25  GLU A OE1   1 
ATOM   188  O OE2   . GLU A 1 25  ? -0.659  -16.824 3.381   1.00 20.37 ? 25  GLU A OE2   1 
ATOM   189  N N     . PHE A 1 26  ? 0.922   -14.658 -1.695  1.00 12.57 ? 26  PHE A N     1 
ATOM   190  C CA    . PHE A 1 26  ? 0.120   -14.865 -2.905  1.00 13.17 ? 26  PHE A CA    1 
ATOM   191  C C     . PHE A 1 26  ? 0.549   -16.106 -3.649  1.00 14.68 ? 26  PHE A C     1 
ATOM   192  O O     . PHE A 1 26  ? -0.282  -16.802 -4.214  1.00 17.38 ? 26  PHE A O     1 
ATOM   193  C CB    . PHE A 1 26  ? 0.202   -13.685 -3.856  1.00 12.68 ? 26  PHE A CB    1 
ATOM   194  C CG    . PHE A 1 26  ? -0.803  -12.619 -3.575  1.00 11.29 ? 26  PHE A CG    1 
ATOM   195  C CD1   . PHE A 1 26  ? -2.105  -12.735 -4.048  1.00 11.65 ? 26  PHE A CD1   1 
ATOM   196  C CD2   . PHE A 1 26  ? -0.465  -11.480 -2.887  1.00 11.39 ? 26  PHE A CD2   1 
ATOM   197  C CE1   . PHE A 1 26  ? -3.035  -11.759 -3.802  1.00 11.34 ? 26  PHE A CE1   1 
ATOM   198  C CE2   . PHE A 1 26  ? -1.375  -10.500 -2.637  1.00 11.87 ? 26  PHE A CE2   1 
ATOM   199  C CZ    . PHE A 1 26  ? -2.671  -10.625 -3.110  1.00 11.32 ? 26  PHE A CZ    1 
ATOM   200  N N     . GLY A 1 27  ? 1.849   -16.341 -3.671  1.00 17.61 ? 27  GLY A N     1 
ATOM   201  C CA    . GLY A 1 27  ? 2.537   -17.286 -4.505  1.00 21.01 ? 27  GLY A CA    1 
ATOM   202  C C     . GLY A 1 27  ? 3.364   -16.374 -5.410  1.00 24.45 ? 27  GLY A C     1 
ATOM   203  O O     . GLY A 1 27  ? 2.816   -15.445 -6.033  1.00 26.07 ? 27  GLY A O     1 
ATOM   204  N N     . ASN A 1 28  ? 4.673   -16.617 -5.484  1.00 27.43 ? 28  ASN A N     1 
ATOM   205  C CA    . ASN A 1 28  ? 5.558   -15.861 -6.420  1.00 29.74 ? 28  ASN A CA    1 
ATOM   206  C C     . ASN A 1 28  ? 5.047   -15.816 -7.874  1.00 29.18 ? 28  ASN A C     1 
ATOM   207  O O     . ASN A 1 28  ? 5.228   -14.785 -8.533  1.00 30.48 ? 28  ASN A O     1 
ATOM   208  C CB    . ASN A 1 28  ? 7.044   -16.336 -6.391  1.00 32.21 ? 28  ASN A CB    1 
ATOM   209  C CG    . ASN A 1 28  ? 7.395   -17.300 -7.540  1.00 34.36 ? 28  ASN A CG    1 
ATOM   210  O OD1   . ASN A 1 28  ? 8.106   -16.943 -8.530  1.00 27.32 ? 28  ASN A OD1   1 
ATOM   211  N ND2   . ASN A 1 28  ? 6.879   -18.520 -7.434  1.00 35.16 ? 28  ASN A ND2   1 
ATOM   212  N N     . ASP A 1 29  ? 4.422   -16.918 -8.342  1.00 27.42 ? 29  ASP A N     1 
ATOM   213  C CA    . ASP A 1 29  ? 3.720   -17.004 -9.661  1.00 26.99 ? 29  ASP A CA    1 
ATOM   214  C C     . ASP A 1 29  ? 2.698   -15.895 -10.033 1.00 21.92 ? 29  ASP A C     1 
ATOM   215  O O     . ASP A 1 29  ? 2.440   -15.678 -11.195 1.00 24.67 ? 29  ASP A O     1 
ATOM   216  C CB    . ASP A 1 29  ? 3.033   -18.376 -9.775  1.00 30.17 ? 29  ASP A CB    1 
ATOM   217  C CG    . ASP A 1 29  ? 2.214   -18.741 -8.529  1.00 33.55 ? 29  ASP A CG    1 
ATOM   218  O OD1   . ASP A 1 29  ? 2.777   -18.722 -7.405  1.00 38.60 ? 29  ASP A OD1   1 
ATOM   219  O OD2   . ASP A 1 29  ? 1.022   -19.071 -8.671  1.00 37.12 ? 29  ASP A OD2   1 
ATOM   220  N N     . VAL A 1 30  ? 2.114   -15.221 -9.037  1.00 15.31 ? 30  VAL A N     1 
ATOM   221  C CA    . VAL A 1 30  ? 1.029   -14.268 -9.229  1.00 15.15 ? 30  VAL A CA    1 
ATOM   222  C C     . VAL A 1 30  ? 1.500   -12.790 -9.196  1.00 12.48 ? 30  VAL A C     1 
ATOM   223  O O     . VAL A 1 30  ? 0.892   -11.964 -9.849  1.00 13.22 ? 30  VAL A O     1 
ATOM   224  C CB    . VAL A 1 30  ? 0.006   -14.479 -8.069  1.00 18.14 ? 30  VAL A CB    1 
ATOM   225  C CG1   . VAL A 1 30  ? -1.104  -13.443 -8.042  1.00 20.26 ? 30  VAL A CG1   1 
ATOM   226  C CG2   . VAL A 1 30  ? -0.554  -15.911 -8.102  1.00 20.33 ? 30  VAL A CG2   1 
ATOM   227  N N     . VAL A 1 31  ? 2.558   -12.478 -8.450  1.00 12.13 ? 31  VAL A N     1 
ATOM   228  C CA    . VAL A 1 31  ? 2.940   -11.073 -8.187  1.00 10.42 ? 31  VAL A CA    1 
ATOM   229  C C     . VAL A 1 31  ? 4.304   -10.747 -8.745  1.00 10.75 ? 31  VAL A C     1 
ATOM   230  O O     . VAL A 1 31  ? 5.261   -11.488 -8.499  1.00 11.94 ? 31  VAL A O     1 
ATOM   231  C CB    . VAL A 1 31  ? 2.970   -10.795 -6.667  1.00 11.48 ? 31  VAL A CB    1 
ATOM   232  C CG1   . VAL A 1 31  ? 3.508   -9.395  -6.356  1.00 12.95 ? 31  VAL A CG1   1 
ATOM   233  C CG2   . VAL A 1 31  ? 1.598   -11.023 -6.062  1.00 13.40 ? 31  VAL A CG2   1 
ATOM   234  N N     . THR A 1 32  ? 4.407   -9.627  -9.454  1.00 9.75  ? 32  THR A N     1 
ATOM   235  C CA    . THR A 1 32  ? 5.705   -9.034  -9.836  1.00 9.84  ? 32  THR A CA    1 
ATOM   236  C C     . THR A 1 32  ? 5.936   -7.800  -8.967  1.00 9.24  ? 32  THR A C     1 
ATOM   237  O O     . THR A 1 32  ? 5.045   -6.914  -8.915  1.00 10.05 ? 32  THR A O     1 
ATOM   238  C CB    . THR A 1 32  ? 5.728   -8.616  -11.320 1.00 10.55 ? 32  THR A CB    1 
ATOM   239  O OG1   . THR A 1 32  ? 5.640   -9.787  -12.157 1.00 12.34 ? 32  THR A OG1   1 
ATOM   240  C CG2   . THR A 1 32  ? 7.012   -7.887  -11.687 1.00 11.26 ? 32  THR A CG2   1 
ATOM   241  N N     . LEU A 1 33  ? 7.104   -7.710  -8.362  1.00 8.92  ? 33  LEU A N     1 
ATOM   242  C CA    . LEU A 1 33  ? 7.511   -6.579  -7.544  1.00 9.03  ? 33  LEU A CA    1 
ATOM   243  C C     . LEU A 1 33  ? 8.190   -5.529  -8.382  1.00 9.17  ? 33  LEU A C     1 
ATOM   244  O O     . LEU A 1 33  ? 9.024   -5.853  -9.274  1.00 10.58 ? 33  LEU A O     1 
ATOM   245  C CB    . LEU A 1 33  ? 8.517   -7.049  -6.470  1.00 10.33 ? 33  LEU A CB    1 
ATOM   246  C CG    . LEU A 1 33  ? 8.044   -8.047  -5.464  1.00 12.26 ? 33  LEU A CG    1 
ATOM   247  C CD1   . LEU A 1 33  ? 9.178   -8.410  -4.504  1.00 14.80 ? 33  LEU A CD1   1 
ATOM   248  C CD2   . LEU A 1 33  ? 6.837   -7.555  -4.709  1.00 13.31 ? 33  LEU A CD2   1 
ATOM   249  N N     . HIS A 1 34  ? 7.920   -4.269  -8.082  1.00 9.06  ? 34  HIS A N     1 
ATOM   250  C CA    . HIS A 1 34  ? 8.553   -3.113  -8.741  1.00 9.93  ? 34  HIS A CA    1 
ATOM   251  C C     . HIS A 1 34  ? 8.918   -2.112  -7.667  1.00 9.76  ? 34  HIS A C     1 
ATOM   252  O O     . HIS A 1 34  ? 8.027   -1.613  -6.940  1.00 10.54 ? 34  HIS A O     1 
ATOM   253  C CB    . HIS A 1 34  ? 7.570   -2.400  -9.671  1.00 11.05 ? 34  HIS A CB    1 
ATOM   254  C CG    . HIS A 1 34  ? 7.097   -3.206  -10.831 1.00 11.79 ? 34  HIS A CG    1 
ATOM   255  N ND1   . HIS A 1 34  ? 7.549   -2.998  -12.107 1.00 14.09 ? 34  HIS A ND1   1 
ATOM   256  C CD2   . HIS A 1 34  ? 6.131   -4.143  -10.932 1.00 12.40 ? 34  HIS A CD2   1 
ATOM   257  C CE1   . HIS A 1 34  ? 6.907   -3.796  -12.948 1.00 14.35 ? 34  HIS A CE1   1 
ATOM   258  N NE2   . HIS A 1 34  ? 6.067   -4.521  -12.256 1.00 13.46 ? 34  HIS A NE2   1 
ATOM   259  N N     . ASP A 1 35  ? 10.204  -1.787  -7.532  1.00 9.96  ? 35  ASP A N     1 
ATOM   260  C CA    . ASP A 1 35  ? 10.632  -0.669  -6.688  1.00 10.38 ? 35  ASP A CA    1 
ATOM   261  C C     . ASP A 1 35  ? 10.412  0.597   -7.476  1.00 10.23 ? 35  ASP A C     1 
ATOM   262  O O     . ASP A 1 35  ? 10.974  0.777   -8.584  1.00 11.55 ? 35  ASP A O     1 
ATOM   263  C CB    . ASP A 1 35  ? 12.109  -0.859  -6.308  1.00 12.58 ? 35  ASP A CB    1 
ATOM   264  C CG    . ASP A 1 35  ? 12.653  0.212   -5.369  1.00 13.73 ? 35  ASP A CG    1 
ATOM   265  O OD1   . ASP A 1 35  ? 12.204  1.345   -5.413  1.00 14.25 ? 35  ASP A OD1   1 
ATOM   266  O OD2   . ASP A 1 35  ? 13.562  -0.139  -4.558  1.00 19.83 ? 35  ASP A OD2   1 
ATOM   267  N N     . VAL A 1 36  ? 9.632   1.529   -6.935  1.00 9.73  ? 36  VAL A N     1 
ATOM   268  C CA    . VAL A 1 36  ? 9.289   2.711   -7.698  1.00 10.45 ? 36  VAL A CA    1 
ATOM   269  C C     . VAL A 1 36  ? 10.451  3.660   -7.922  1.00 11.62 ? 36  VAL A C     1 
ATOM   270  O O     . VAL A 1 36  ? 10.317  4.567   -8.750  1.00 13.87 ? 36  VAL A O     1 
ATOM   271  C CB    . VAL A 1 36  ? 8.049   3.459   -7.151  1.00 10.45 ? 36  VAL A CB    1 
ATOM   272  C CG1   . VAL A 1 36  ? 6.824   2.555   -7.228  1.00 11.38 ? 36  VAL A CG1   1 
ATOM   273  C CG2   . VAL A 1 36  ? 8.261   3.999   -5.762  1.00 10.65 ? 36  VAL A CG2   1 
ATOM   274  N N     . SER A 1 37  ? 11.554  3.484   -7.224  1.00 10.64 ? 37  SER A N     1 
ATOM   275  C CA    . SER A 1 37  ? 12.780  4.221   -7.603  1.00 12.65 ? 37  SER A CA    1 
ATOM   276  C C     . SER A 1 37  ? 13.256  3.914   -9.008  1.00 13.44 ? 37  SER A C     1 
ATOM   277  O O     . SER A 1 37  ? 14.008  4.728   -9.593  1.00 17.05 ? 37  SER A O     1 
ATOM   278  C CB    . SER A 1 37  ? 13.871  3.954   -6.613  1.00 13.87 ? 37  SER A CB    1 
ATOM   279  O OG    . SER A 1 37  ? 14.402  2.676   -6.710  1.00 16.35 ? 37  SER A OG    1 
ATOM   280  N N     . GLN A 1 38  ? 12.833  2.802   -9.559  1.00 13.71 ? 38  GLN A N     1 
ATOM   281  C CA    . GLN A 1 38  ? 13.254  2.357   -10.901 1.00 16.84 ? 38  GLN A CA    1 
ATOM   282  C C     . GLN A 1 38  ? 12.097  2.307   -11.871 1.00 17.28 ? 38  GLN A C     1 
ATOM   283  O O     . GLN A 1 38  ? 12.311  2.022   -13.061 1.00 21.51 ? 38  GLN A O     1 
ATOM   284  C CB    . GLN A 1 38  ? 13.922  0.983   -10.814 1.00 19.71 ? 38  GLN A CB    1 
ATOM   285  C CG    . GLN A 1 38  ? 15.094  0.926   -9.845  1.00 23.95 ? 38  GLN A CG    1 
ATOM   286  C CD    . GLN A 1 38  ? 16.150  1.946   -10.212 1.00 29.14 ? 38  GLN A CD    1 
ATOM   287  O OE1   . GLN A 1 38  ? 16.628  1.966   -11.354 1.00 34.78 ? 38  GLN A OE1   1 
ATOM   288  N NE2   . GLN A 1 38  ? 16.498  2.828   -9.266  1.00 33.19 ? 38  GLN A NE2   1 
ATOM   289  N N     . ALA A 1 39  ? 10.885  2.632   -11.454 1.00 16.27 ? 39  ALA A N     1 
ATOM   290  C CA    . ALA A 1 39  ? 9.710   2.513   -12.306 1.00 17.42 ? 39  ALA A CA    1 
ATOM   291  C C     . ALA A 1 39  ? 9.399   3.798   -13.027 1.00 20.15 ? 39  ALA A C     1 
ATOM   292  O O     . ALA A 1 39  ? 9.749   4.913   -12.604 1.00 21.70 ? 39  ALA A O     1 
ATOM   293  C CB    . ALA A 1 39  ? 8.495   2.091   -11.471 1.00 18.05 ? 39  ALA A CB    1 
ATOM   294  N N     . GLU A 1 40  ? 8.694   3.616   -14.135 1.00 22.48 ? 40  GLU A N     1 
ATOM   295  C CA    . GLU A 1 40  ? 8.070   4.683   -14.873 1.00 25.06 ? 40  GLU A CA    1 
ATOM   296  C C     . GLU A 1 40  ? 6.594   4.528   -14.613 1.00 23.36 ? 40  GLU A C     1 
ATOM   297  O O     . GLU A 1 40  ? 6.083   3.421   -14.421 1.00 20.13 ? 40  GLU A O     1 
ATOM   298  C CB    . GLU A 1 40  ? 8.345   4.535   -16.376 1.00 28.96 ? 40  GLU A CB    1 
ATOM   299  C CG    . GLU A 1 40  ? 9.813   4.660   -16.785 1.00 34.22 ? 40  GLU A CG    1 
ATOM   300  C CD    . GLU A 1 40  ? 10.430  6.013   -16.451 1.00 38.48 ? 40  GLU A CD    1 
ATOM   301  O OE1   . GLU A 1 40  ? 9.696   7.011   -16.310 1.00 43.60 ? 40  GLU A OE1   1 
ATOM   302  O OE2   . GLU A 1 40  ? 11.673  6.092   -16.338 1.00 44.20 ? 40  GLU A OE2   1 
ATOM   303  N N     . VAL A 1 41  ? 5.882   5.631   -14.660 1.00 24.80 ? 41  VAL A N     1 
ATOM   304  C CA    . VAL A 1 41  ? 4.476   5.618   -14.331 1.00 24.59 ? 41  VAL A CA    1 
ATOM   305  C C     . VAL A 1 41  ? 3.671   4.706   -15.287 1.00 23.34 ? 41  VAL A C     1 
ATOM   306  O O     . VAL A 1 41  ? 2.696   4.061   -14.891 1.00 21.34 ? 41  VAL A O     1 
ATOM   307  C CB    . VAL A 1 41  ? 3.953   7.061   -14.278 1.00 27.73 ? 41  VAL A CB    1 
ATOM   308  C CG1   . VAL A 1 41  ? 3.669   7.614   -15.672 1.00 27.14 ? 41  VAL A CG1   1 
ATOM   309  C CG2   . VAL A 1 41  ? 2.760   7.137   -13.374 1.00 28.58 ? 41  VAL A CG2   1 
ATOM   310  N N     . THR A 1 42  ? 4.106   4.611   -16.531 1.00 20.54 ? 42  THR A N     1 
ATOM   311  C CA    . THR A 1 42  ? 3.467   3.751   -17.503 1.00 21.80 ? 42  THR A CA    1 
ATOM   312  C C     . THR A 1 42  ? 3.604   2.260   -17.214 1.00 18.84 ? 42  THR A C     1 
ATOM   313  O O     . THR A 1 42  ? 2.867   1.458   -17.786 1.00 19.02 ? 42  THR A O     1 
ATOM   314  C CB    . THR A 1 42  ? 3.985   4.030   -18.913 1.00 24.56 ? 42  THR A CB    1 
ATOM   315  O OG1   . THR A 1 42  ? 5.420   4.024   -18.890 1.00 26.80 ? 42  THR A OG1   1 
ATOM   316  C CG2   . THR A 1 42  ? 3.484   5.375   -19.391 1.00 26.48 ? 42  THR A CG2   1 
ATOM   317  N N     . ASP A 1 43  ? 4.541   1.863   -16.347 1.00 16.62 ? 43  ASP A N     1 
ATOM   318  C CA    . ASP A 1 43  ? 4.622   0.472   -15.915 1.00 16.17 ? 43  ASP A CA    1 
ATOM   319  C C     . ASP A 1 43  ? 3.328   0.010   -15.213 1.00 14.65 ? 43  ASP A C     1 
ATOM   320  O O     . ASP A 1 43  ? 2.999   -1.174  -15.214 1.00 15.57 ? 43  ASP A O     1 
ATOM   321  C CB    . ASP A 1 43  ? 5.793   0.271   -14.970 1.00 16.60 ? 43  ASP A CB    1 
ATOM   322  C CG    . ASP A 1 43  ? 7.132   0.569   -15.610 1.00 19.65 ? 43  ASP A CG    1 
ATOM   323  O OD1   . ASP A 1 43  ? 7.216   0.554   -16.853 1.00 23.14 ? 43  ASP A OD1   1 
ATOM   324  O OD2   . ASP A 1 43  ? 8.113   0.841   -14.869 1.00 21.53 ? 43  ASP A OD2   1 
ATOM   325  N N     . LEU A 1 44  ? 2.594   0.948   -14.636 1.00 14.35 ? 44  LEU A N     1 
ATOM   326  C CA    . LEU A 1 44  ? 1.310   0.631   -13.995 1.00 15.56 ? 44  LEU A CA    1 
ATOM   327  C C     . LEU A 1 44  ? 0.279   0.144   -15.012 1.00 17.68 ? 44  LEU A C     1 
ATOM   328  O O     . LEU A 1 44  ? -0.662  -0.568  -14.654 1.00 17.16 ? 44  LEU A O     1 
ATOM   329  C CB    . LEU A 1 44  ? 0.782   1.871   -13.262 1.00 16.81 ? 44  LEU A CB    1 
ATOM   330  C CG    . LEU A 1 44  ? 1.670   2.385   -12.141 1.00 16.22 ? 44  LEU A CG    1 
ATOM   331  C CD1   . LEU A 1 44  ? 1.365   3.838   -11.759 1.00 17.66 ? 44  LEU A CD1   1 
ATOM   332  C CD2   . LEU A 1 44  ? 1.585   1.499   -10.930 1.00 16.61 ? 44  LEU A CD2   1 
ATOM   333  N N     . ASN A 1 45  ? 0.453   0.501   -16.279 1.00 17.56 ? 45  ASN A N     1 
ATOM   334  C CA    . ASN A 1 45  ? -0.489  0.111   -17.333 1.00 19.31 ? 45  ASN A CA    1 
ATOM   335  C C     . ASN A 1 45  ? -0.501  -1.375  -17.589 1.00 19.67 ? 45  ASN A C     1 
ATOM   336  O O     . ASN A 1 45  ? -1.478  -1.888  -18.139 1.00 22.30 ? 45  ASN A O     1 
ATOM   337  C CB    . ASN A 1 45  ? -0.185  0.811   -18.683 1.00 19.51 ? 45  ASN A CB    1 
ATOM   338  C CG    . ASN A 1 45  ? -0.379  2.315   -18.663 1.00 21.33 ? 45  ASN A CG    1 
ATOM   339  O OD1   . ASN A 1 45  ? 0.350   3.039   -19.369 1.00 28.03 ? 45  ASN A OD1   1 
ATOM   340  N ND2   . ASN A 1 45  ? -1.362  2.809   -17.929 1.00 23.09 ? 45  ASN A ND2   1 
ATOM   341  N N     . ASP A 1 46  ? 0.573   -2.060  -17.197 1.00 19.12 ? 46  ASP A N     1 
ATOM   342  C CA    . ASP A 1 46  ? 0.766   -3.471  -17.543 1.00 19.40 ? 46  ASP A CA    1 
ATOM   343  C C     . ASP A 1 46  ? -0.068  -4.423  -16.705 1.00 16.58 ? 46  ASP A C     1 
ATOM   344  O O     . ASP A 1 46  ? 0.005   -5.635  -16.920 1.00 17.85 ? 46  ASP A O     1 
ATOM   345  C CB    . ASP A 1 46  ? 2.252   -3.857  -17.395 1.00 22.50 ? 46  ASP A CB    1 
ATOM   346  C CG    . ASP A 1 46  ? 3.163   -3.103  -18.351 1.00 26.39 ? 46  ASP A CG    1 
ATOM   347  O OD1   . ASP A 1 46  ? 2.673   -2.496  -19.327 1.00 29.41 ? 46  ASP A OD1   1 
ATOM   348  O OD2   . ASP A 1 46  ? 4.382   -3.121  -18.117 1.00 30.54 ? 46  ASP A OD2   1 
ATOM   349  N N     . TYR A 1 47  ? -0.867  -3.904  -15.754 1.00 14.48 ? 47  TYR A N     1 
ATOM   350  C CA    . TYR A 1 47  ? -1.578  -4.727  -14.805 1.00 13.30 ? 47  TYR A CA    1 
ATOM   351  C C     . TYR A 1 47  ? -3.012  -4.287  -14.646 1.00 14.40 ? 47  TYR A C     1 
ATOM   352  O O     . TYR A 1 47  ? -3.275  -3.084  -14.699 1.00 15.82 ? 47  TYR A O     1 
ATOM   353  C CB    . TYR A 1 47  ? -0.907  -4.591  -13.431 1.00 12.73 ? 47  TYR A CB    1 
ATOM   354  C CG    . TYR A 1 47  ? 0.517   -5.019  -13.450 1.00 11.60 ? 47  TYR A CG    1 
ATOM   355  C CD1   . TYR A 1 47  ? 0.856   -6.353  -13.312 1.00 11.81 ? 47  TYR A CD1   1 
ATOM   356  C CD2   . TYR A 1 47  ? 1.534   -4.096  -13.618 1.00 11.95 ? 47  TYR A CD2   1 
ATOM   357  C CE1   . TYR A 1 47  ? 2.154   -6.756  -13.349 1.00 12.49 ? 47  TYR A CE1   1 
ATOM   358  C CE2   . TYR A 1 47  ? 2.851   -4.500  -13.665 1.00 11.53 ? 47  TYR A CE2   1 
ATOM   359  C CZ    . TYR A 1 47  ? 3.150   -5.823  -13.513 1.00 11.88 ? 47  TYR A CZ    1 
ATOM   360  O OH    . TYR A 1 47  ? 4.447   -6.260  -13.549 1.00 13.87 ? 47  TYR A OH    1 
ATOM   361  N N     . GLN A 1 48  ? -3.898  -5.233  -14.454 1.00 13.31 ? 48  GLN A N     1 
ATOM   362  C CA    . GLN A 1 48  ? -5.294  -4.944  -14.078 1.00 14.01 ? 48  GLN A CA    1 
ATOM   363  C C     . GLN A 1 48  ? -5.565  -5.030  -12.564 1.00 11.91 ? 48  GLN A C     1 
ATOM   364  O O     . GLN A 1 48  ? -6.634  -4.602  -12.119 1.00 12.35 ? 48  GLN A O     1 
ATOM   365  C CB    . GLN A 1 48  ? -6.261  -5.808  -14.881 1.00 17.52 ? 48  GLN A CB    1 
ATOM   366  C CG    . GLN A 1 48  ? -6.101  -5.694  -16.401 1.00 19.98 ? 48  GLN A CG    1 
ATOM   367  C CD    . GLN A 1 48  ? -6.266  -4.293  -16.943 1.00 22.89 ? 48  GLN A CD    1 
ATOM   368  O OE1   . GLN A 1 48  ? -5.435  -3.833  -17.709 1.00 31.77 ? 48  GLN A OE1   1 
ATOM   369  N NE2   . GLN A 1 48  ? -7.323  -3.600  -16.524 1.00 28.26 ? 48  GLN A NE2   1 
ATOM   370  N N     . TYR A 1 49  ? -4.592  -5.560  -11.820 1.00 11.10 ? 49  TYR A N     1 
ATOM   371  C CA    . TYR A 1 49  ? -4.623  -5.704  -10.384 1.00 10.48 ? 49  TYR A CA    1 
ATOM   372  C C     . TYR A 1 49  ? -3.315  -5.140  -9.847  1.00 9.38  ? 49  TYR A C     1 
ATOM   373  O O     . TYR A 1 49  ? -2.235  -5.551  -10.314 1.00 10.03 ? 49  TYR A O     1 
ATOM   374  C CB    . TYR A 1 49  ? -4.698  -7.176  -10.046 1.00 11.71 ? 49  TYR A CB    1 
ATOM   375  C CG    . TYR A 1 49  ? -5.878  -7.830  -10.779 1.00 13.82 ? 49  TYR A CG    1 
ATOM   376  C CD1   . TYR A 1 49  ? -5.769  -8.325  -12.110 1.00 15.79 ? 49  TYR A CD1   1 
ATOM   377  C CD2   . TYR A 1 49  ? -7.141  -7.844  -10.234 1.00 13.32 ? 49  TYR A CD2   1 
ATOM   378  C CE1   . TYR A 1 49  ? -6.874  -8.851  -12.809 1.00 16.56 ? 49  TYR A CE1   1 
ATOM   379  C CE2   . TYR A 1 49  ? -8.254  -8.402  -10.917 1.00 14.66 ? 49  TYR A CE2   1 
ATOM   380  C CZ    . TYR A 1 49  ? -8.107  -8.885  -12.223 1.00 15.49 ? 49  TYR A CZ    1 
ATOM   381  O OH    . TYR A 1 49  ? -9.217  -9.418  -12.937 1.00 17.43 ? 49  TYR A OH    1 
ATOM   382  N N     . LEU A 1 50  ? -3.404  -4.145  -8.971  1.00 8.53  ? 50  LEU A N     1 
ATOM   383  C CA    . LEU A 1 50  ? -2.261  -3.435  -8.437  1.00 8.06  ? 50  LEU A CA    1 
ATOM   384  C C     . LEU A 1 50  ? -2.255  -3.488  -6.923  1.00 7.36  ? 50  LEU A C     1 
ATOM   385  O O     . LEU A 1 50  ? -3.308  -3.409  -6.306  1.00 8.10  ? 50  LEU A O     1 
ATOM   386  C CB    . LEU A 1 50  ? -2.299  -1.986  -8.895  1.00 9.02  ? 50  LEU A CB    1 
ATOM   387  C CG    . LEU A 1 50  ? -2.014  -1.736  -10.377 1.00 10.01 ? 50  LEU A CG    1 
ATOM   388  C CD1   . LEU A 1 50  ? -2.366  -0.327  -10.754 1.00 11.18 ? 50  LEU A CD1   1 
ATOM   389  C CD2   . LEU A 1 50  ? -0.574  -2.029  -10.732 1.00 9.66  ? 50  LEU A CD2   1 
ATOM   390  N N     . ILE A 1 51  ? -1.039  -3.580  -6.369  1.00 7.38  ? 51  ILE A N     1 
ATOM   391  C CA    . ILE A 1 51  ? -0.842  -3.397  -4.939  1.00 7.35  ? 51  ILE A CA    1 
ATOM   392  C C     . ILE A 1 51  ? 0.179   -2.280  -4.791  1.00 7.28  ? 51  ILE A C     1 
ATOM   393  O O     . ILE A 1 51  ? 1.266   -2.346  -5.373  1.00 8.18  ? 51  ILE A O     1 
ATOM   394  C CB    . ILE A 1 51  ? -0.385  -4.688  -4.235  1.00 7.74  ? 51  ILE A CB    1 
ATOM   395  C CG1   . ILE A 1 51  ? -1.413  -5.805  -4.466  1.00 8.63  ? 51  ILE A CG1   1 
ATOM   396  C CG2   . ILE A 1 51  ? -0.117  -4.428  -2.764  1.00 8.33  ? 51  ILE A CG2   1 
ATOM   397  C CD1   . ILE A 1 51  ? -0.978  -7.138  -3.909  1.00 9.95  ? 51  ILE A CD1   1 
ATOM   398  N N     . ILE A 1 52  ? -0.177  -1.272  -4.008  1.00 7.34  ? 52  ILE A N     1 
ATOM   399  C CA    . ILE A 1 52  ? 0.625   -0.061  -3.835  1.00 7.72  ? 52  ILE A CA    1 
ATOM   400  C C     . ILE A 1 52  ? 1.179   -0.071  -2.407  1.00 7.29  ? 52  ILE A C     1 
ATOM   401  O O     . ILE A 1 52  ? 0.383   -0.041  -1.452  1.00 7.88  ? 52  ILE A O     1 
ATOM   402  C CB    . ILE A 1 52  ? -0.273  1.168   -4.062  1.00 8.09  ? 52  ILE A CB    1 
ATOM   403  C CG1   . ILE A 1 52  ? -0.926  1.174   -5.449  1.00 9.01  ? 52  ILE A CG1   1 
ATOM   404  C CG2   . ILE A 1 52  ? 0.456   2.457   -3.750  1.00 8.90  ? 52  ILE A CG2   1 
ATOM   405  C CD1   . ILE A 1 52  ? 0.034   1.180   -6.618  1.00 9.74  ? 52  ILE A CD1   1 
ATOM   406  N N     . GLY A 1 53  ? 2.509   -0.104  -2.265  1.00 7.37  ? 53  GLY A N     1 
ATOM   407  C CA    . GLY A 1 53  ? 3.143   -0.149  -0.952  1.00 7.43  ? 53  GLY A CA    1 
ATOM   408  C C     . GLY A 1 53  ? 3.905   1.130   -0.688  1.00 6.90  ? 53  GLY A C     1 
ATOM   409  O O     . GLY A 1 53  ? 4.779   1.498   -1.491  1.00 7.52  ? 53  GLY A O     1 
ATOM   410  N N     . CYS A 1 54  ? 3.648   1.798   0.430   1.00 7.32  ? 54  CYS A N     1 
ATOM   411  C CA    . CYS A 1 54  ? 4.402   3.011   0.737   1.00 7.47  ? 54  CYS A CA    1 
ATOM   412  C C     . CYS A 1 54  ? 4.423   3.367   2.219   1.00 7.58  ? 54  CYS A C     1 
ATOM   413  O O     . CYS A 1 54  ? 3.373   3.475   2.853   1.00 8.62  ? 54  CYS A O     1 
ATOM   414  C CB    . CYS A 1 54  ? 3.860   4.192   -0.073  1.00 20.00 ? 54  CYS A CB    1 
ATOM   415  S SG    . CYS A 1 54  ? 4.863   5.693   0.031   1.00 20.00 ? 54  CYS A SG    1 
ATOM   416  N N     . PRO A 1 55  ? 5.621   3.562   2.767   1.00 7.81  ? 55  PRO A N     1 
ATOM   417  C CA    . PRO A 1 55  ? 5.740   4.051   4.148   1.00 8.23  ? 55  PRO A CA    1 
ATOM   418  C C     . PRO A 1 55  ? 5.567   5.547   4.159   1.00 8.10  ? 55  PRO A C     1 
ATOM   419  O O     . PRO A 1 55  ? 5.804   6.244   3.172   1.00 8.90  ? 55  PRO A O     1 
ATOM   420  C CB    . PRO A 1 55  ? 7.162   3.682   4.525   1.00 8.98  ? 55  PRO A CB    1 
ATOM   421  C CG    . PRO A 1 55  ? 7.923   3.780   3.264   1.00 8.64  ? 55  PRO A CG    1 
ATOM   422  C CD    . PRO A 1 55  ? 6.958   3.405   2.145   1.00 8.21  ? 55  PRO A CD    1 
ATOM   423  N N     . THR A 1 56  ? 5.154   6.062   5.329   1.00 8.32  ? 56  THR A N     1 
ATOM   424  C CA    . THR A 1 56  ? 5.065   7.497   5.563   1.00 8.63  ? 56  THR A CA    1 
ATOM   425  C C     . THR A 1 56  ? 6.332   8.001   6.234   1.00 8.39  ? 56  THR A C     1 
ATOM   426  O O     . THR A 1 56  ? 6.844   7.363   7.140   1.00 9.07  ? 56  THR A O     1 
ATOM   427  C CB    . THR A 1 56  ? 3.831   7.806   6.416   1.00 8.71  ? 56  THR A CB    1 
ATOM   428  O OG1   . THR A 1 56  ? 2.672   7.201   5.848   1.00 8.84  ? 56  THR A OG1   1 
ATOM   429  C CG2   . THR A 1 56  ? 3.581   9.270   6.535   1.00 9.16  ? 56  THR A CG2   1 
ATOM   430  N N     . TRP A 1 57  ? 6.820   9.134   5.758   1.00 8.49  ? 57  TRP A N     1 
ATOM   431  C CA    . TRP A 1 57  ? 8.078   9.676   6.249   1.00 8.74  ? 57  TRP A CA    1 
ATOM   432  C C     . TRP A 1 57  ? 7.893   11.136  6.598   1.00 9.31  ? 57  TRP A C     1 
ATOM   433  O O     . TRP A 1 57  ? 7.049   11.858  6.106   1.00 10.15 ? 57  TRP A O     1 
ATOM   434  C CB    . TRP A 1 57  ? 9.174   9.500   5.137   1.00 9.36  ? 57  TRP A CB    1 
ATOM   435  C CG    . TRP A 1 57  ? 9.813   8.164   5.236   1.00 8.86  ? 57  TRP A CG    1 
ATOM   436  C CD1   . TRP A 1 57  ? 9.405   6.983   4.676   1.00 9.24  ? 57  TRP A CD1   1 
ATOM   437  C CD2   . TRP A 1 57  ? 10.889  7.854   6.090   1.00 8.70  ? 57  TRP A CD2   1 
ATOM   438  N NE1   . TRP A 1 57  ? 10.177  5.974   5.123   1.00 8.98  ? 57  TRP A NE1   1 
ATOM   439  C CE2   . TRP A 1 57  ? 11.109  6.475   5.999   1.00 8.92  ? 57  TRP A CE2   1 
ATOM   440  C CE3   . TRP A 1 57  ? 11.733  8.619   6.914   1.00 9.31  ? 57  TRP A CE3   1 
ATOM   441  C CZ2   . TRP A 1 57  ? 12.146  5.843   6.684   1.00 9.30  ? 57  TRP A CZ2   1 
ATOM   442  C CZ3   . TRP A 1 57  ? 12.716  7.984   7.592   1.00 9.75  ? 57  TRP A CZ3   1 
ATOM   443  C CH2   . TRP A 1 57  ? 12.947  6.643   7.475   1.00 9.55  ? 57  TRP A CH2   1 
ATOM   444  N N     . ASN A 1 58  ? 8.798   11.608  7.447   1.00 10.60 ? 58  ASN A N     1 
ATOM   445  C CA    . ASN A 1 58  ? 8.956   13.036  7.743   1.00 11.52 ? 58  ASN A CA    1 
ATOM   446  C C     . ASN A 1 58  ? 7.632   13.673  8.176   1.00 12.23 ? 58  ASN A C     1 
ATOM   447  O O     . ASN A 1 58  ? 7.314   14.790  7.755   1.00 14.24 ? 58  ASN A O     1 
ATOM   448  C CB    . ASN A 1 58  ? 9.611   13.782  6.584   1.00 13.10 ? 58  ASN A CB    1 
ATOM   449  C CG    . ASN A 1 58  ? 11.075  13.395  6.409   1.00 14.78 ? 58  ASN A CG    1 
ATOM   450  O OD1   . ASN A 1 58  ? 11.566  12.463  7.048   1.00 19.29 ? 58  ASN A OD1   1 
ATOM   451  N ND2   . ASN A 1 58  ? 11.825  14.197  5.658   1.00 17.95 ? 58  ASN A ND2   1 
ATOM   452  N N     . ALA A 1 59  ? 6.869   13.004  9.024   1.00 11.87 ? 59  ALA A N     1 
ATOM   453  C CA    . ALA A 1 59  ? 5.626   13.553  9.557   1.00 12.29 ? 59  ALA A CA    1 
ATOM   454  C C     . ALA A 1 59  ? 4.616   13.859  8.468   1.00 11.79 ? 59  ALA A C     1 
ATOM   455  O O     . ALA A 1 59  ? 4.170   15.009  8.244   1.00 14.35 ? 59  ALA A O     1 
ATOM   456  C CB    . ALA A 1 59  ? 5.913   14.762  10.453  1.00 13.77 ? 59  ALA A CB    1 
ATOM   457  N N     . GLY A 1 60  ? 4.202   12.805  7.769   1.00 10.82 ? 60  GLY A N     1 
ATOM   458  C CA    . GLY A 1 60  ? 3.072   12.908  6.876   1.00 11.31 ? 60  GLY A CA    1 
ATOM   459  C C     . GLY A 1 60  ? 3.402   12.997  5.401   1.00 10.91 ? 60  GLY A C     1 
ATOM   460  O O     . GLY A 1 60  ? 2.495   13.289  4.598   1.00 12.81 ? 60  GLY A O     1 
ATOM   461  N N     . GLU A 1 61  ? 4.633   12.771  5.005   1.00 10.80 ? 61  GLU A N     1 
ATOM   462  C CA    . GLU A 1 61  ? 5.034   12.802  3.578   1.00 11.09 ? 61  GLU A CA    1 
ATOM   463  C C     . GLU A 1 61  ? 5.069   11.423  2.954   1.00 9.34  ? 61  GLU A C     1 
ATOM   464  O O     . GLU A 1 61  ? 5.289   10.403  3.629   1.00 10.12 ? 61  GLU A O     1 
ATOM   465  C CB    . GLU A 1 61  ? 6.425   13.433  3.405   1.00 12.79 ? 61  GLU A CB    1 
ATOM   466  C CG    . GLU A 1 61  ? 6.657   14.821  3.986   1.00 16.08 ? 61  GLU A CG    1 
ATOM   467  C CD    . GLU A 1 61  ? 8.099   15.365  3.801   1.00 20.21 ? 61  GLU A CD    1 
ATOM   468  O OE1   . GLU A 1 61  ? 9.029   14.693  3.272   1.00 24.16 ? 61  GLU A OE1   1 
ATOM   469  O OE2   . GLU A 1 61  ? 8.323   16.528  4.231   1.00 24.68 ? 61  GLU A OE2   1 
ATOM   470  N N     . LEU A 1 62  ? 4.936   11.401  1.643   1.00 10.00 ? 62  LEU A N     1 
ATOM   471  C CA    . LEU A 1 62  ? 5.230   10.181  0.895   1.00 10.25 ? 62  LEU A CA    1 
ATOM   472  C C     . LEU A 1 62  ? 6.714   9.879   0.978   1.00 9.58  ? 62  LEU A C     1 
ATOM   473  O O     . LEU A 1 62  ? 7.577   10.780  0.933   1.00 10.53 ? 62  LEU A O     1 
ATOM   474  C CB    . LEU A 1 62  ? 4.906   10.379  -0.588  1.00 10.78 ? 62  LEU A CB    1 
ATOM   475  C CG    . LEU A 1 62  ? 3.458   10.655  -0.935  1.00 12.08 ? 62  LEU A CG    1 
ATOM   476  C CD1   . LEU A 1 62  ? 3.300   10.937  -2.424  1.00 13.74 ? 62  LEU A CD1   1 
ATOM   477  C CD2   . LEU A 1 62  ? 2.612   9.500   -0.563  1.00 13.28 ? 62  LEU A CD2   1 
ATOM   478  N N     . GLN A 1 63  ? 7.053   8.605   1.002   1.00 9.39  ? 63  GLN A N     1 
ATOM   479  C CA    . GLN A 1 63  ? 8.409   8.165   0.767   1.00 9.10  ? 63  GLN A CA    1 
ATOM   480  C C     . GLN A 1 63  ? 8.870   8.793   -0.566  1.00 9.29  ? 63  GLN A C     1 
ATOM   481  O O     . GLN A 1 63  ? 8.103   8.922   -1.514  1.00 9.81  ? 63  GLN A O     1 
ATOM   482  C CB    . GLN A 1 63  ? 8.417   6.640   0.762   1.00 9.67  ? 63  GLN A CB    1 
ATOM   483  C CG    . GLN A 1 63  ? 9.817   6.047   0.741   1.00 11.09 ? 63  GLN A CG    1 
ATOM   484  C CD    . GLN A 1 63  ? 10.445  6.002   -0.622  1.00 10.99 ? 63  GLN A CD    1 
ATOM   485  O OE1   . GLN A 1 63  ? 9.759   5.922   -1.642  1.00 11.72 ? 63  GLN A OE1   1 
ATOM   486  N NE2   . GLN A 1 63  ? 11.783  6.037   -0.641  1.00 12.13 ? 63  GLN A NE2   1 
ATOM   487  N N     . SER A 1 64  ? 10.152  9.206   -0.648  1.00 10.11 ? 64  SER A N     1 
ATOM   488  C CA    . SER A 1 64  ? 10.571  10.107  -1.715  1.00 11.30 ? 64  SER A CA    1 
ATOM   489  C C     . SER A 1 64  ? 10.472  9.530   -3.123  1.00 10.95 ? 64  SER A C     1 
ATOM   490  O O     . SER A 1 64  ? 10.204  10.259  -4.071  1.00 11.82 ? 64  SER A O     1 
ATOM   491  C CB    . SER A 1 64  ? 11.975  10.627  -1.463  1.00 13.35 ? 64  SER A CB    1 
ATOM   492  O OG    . SER A 1 64  ? 12.861  9.580   -1.403  1.00 16.80 ? 64  SER A OG    1 
ATOM   493  N N     . ASP A 1 65  ? 10.667  8.237   -3.298  1.00 10.69 ? 65  ASP A N     1 
ATOM   494  C CA    . ASP A 1 65  ? 10.497  7.648   -4.606  1.00 11.19 ? 65  ASP A CA    1 
ATOM   495  C C     . ASP A 1 65  ? 9.038   7.622   -5.045  1.00 11.06 ? 65  ASP A C     1 
ATOM   496  O O     . ASP A 1 65  ? 8.739   7.886   -6.199  1.00 12.32 ? 65  ASP A O     1 
ATOM   497  C CB    . ASP A 1 65  ? 11.140  6.261   -4.671  1.00 11.85 ? 65  ASP A CB    1 
ATOM   498  C CG    . ASP A 1 65  ? 12.614  6.294   -4.338  1.00 12.88 ? 65  ASP A CG    1 
ATOM   499  O OD1   . ASP A 1 65  ? 13.341  7.073   -5.007  1.00 15.10 ? 65  ASP A OD1   1 
ATOM   500  O OD2   . ASP A 1 65  ? 13.037  5.587   -3.437  1.00 13.73 ? 65  ASP A OD2   1 
ATOM   501  N N     . TRP A 1 66  ? 8.120   7.386   -4.111  1.00 9.98  ? 66  TRP A N     1 
ATOM   502  C CA    . TRP A 1 66  ? 6.708   7.528   -4.425  1.00 10.73 ? 66  TRP A CA    1 
ATOM   503  C C     . TRP A 1 66  ? 6.352   8.996   -4.670  1.00 11.20 ? 66  TRP A C     1 
ATOM   504  O O     . TRP A 1 66  ? 5.507   9.284   -5.552  1.00 12.42 ? 66  TRP A O     1 
ATOM   505  C CB    . TRP A 1 66  ? 5.787   6.897   -3.375  1.00 9.99  ? 66  TRP A CB    1 
ATOM   506  C CG    . TRP A 1 66  ? 5.263   5.570   -3.768  1.00 9.56  ? 66  TRP A CG    1 
ATOM   507  C CD1   . TRP A 1 66  ? 5.460   4.367   -3.125  1.00 9.26  ? 66  TRP A CD1   1 
ATOM   508  C CD2   . TRP A 1 66  ? 4.436   5.283   -4.883  1.00 9.33  ? 66  TRP A CD2   1 
ATOM   509  N NE1   . TRP A 1 66  ? 4.836   3.364   -3.808  1.00 9.80  ? 66  TRP A NE1   1 
ATOM   510  C CE2   . TRP A 1 66  ? 4.169   3.902   -4.876  1.00 9.41  ? 66  TRP A CE2   1 
ATOM   511  C CE3   . TRP A 1 66  ? 3.895   6.050   -5.900  1.00 10.25 ? 66  TRP A CE3   1 
ATOM   512  C CZ2   . TRP A 1 66  ? 3.420   3.278   -5.849  1.00 10.66 ? 66  TRP A CZ2   1 
ATOM   513  C CZ3   . TRP A 1 66  ? 3.123   5.429   -6.854  1.00 12.05 ? 66  TRP A CZ3   1 
ATOM   514  C CH2   . TRP A 1 66  ? 2.898   4.046   -6.825  1.00 11.92 ? 66  TRP A CH2   1 
ATOM   515  N N     . GLU A 1 67  ? 6.967   9.935   -3.960  1.00 11.22 ? 67  GLU A N     1 
ATOM   516  C CA    . GLU A 1 67  ? 6.709   11.335  -4.236  1.00 13.30 ? 67  GLU A CA    1 
ATOM   517  C C     . GLU A 1 67  ? 7.026   11.659  -5.687  1.00 13.83 ? 67  GLU A C     1 
ATOM   518  O O     . GLU A 1 67  ? 6.255   12.391  -6.343  1.00 15.92 ? 67  GLU A O     1 
ATOM   519  C CB    . GLU A 1 67  ? 7.538   12.224  -3.317  1.00 15.27 ? 67  GLU A CB    1 
ATOM   520  C CG    . GLU A 1 67  ? 7.275   13.723  -3.463  1.00 18.57 ? 67  GLU A CG    1 
ATOM   521  C CD    . GLU A 1 67  ? 5.946   14.091  -2.894  1.00 23.30 ? 67  GLU A CD    1 
ATOM   522  O OE1   . GLU A 1 67  ? 5.122   14.705  -3.595  1.00 31.14 ? 67  GLU A OE1   1 
ATOM   523  O OE2   . GLU A 1 67  ? 5.759   13.749  -1.720  1.00 27.15 ? 67  GLU A OE2   1 
ATOM   524  N N     . GLY A 1 68  ? 8.125   11.134  -6.200  1.00 14.25 ? 68  GLY A N     1 
ATOM   525  C CA    . GLY A 1 68  ? 8.453   11.326  -7.629  1.00 16.11 ? 68  GLY A CA    1 
ATOM   526  C C     . GLY A 1 68  ? 7.391   10.830  -8.577  1.00 17.47 ? 68  GLY A C     1 
ATOM   527  O O     . GLY A 1 68  ? 6.971   11.506  -9.544  1.00 21.09 ? 68  GLY A O     1 
ATOM   528  N N     . LEU A 1 69  ? 6.902   9.643   -8.328  1.00 15.22 ? 69  LEU A N     1 
ATOM   529  C CA    . LEU A 1 69  ? 5.872   9.101   -9.209  1.00 17.31 ? 69  LEU A CA    1 
ATOM   530  C C     . LEU A 1 69  ? 4.520   9.760   -9.033  1.00 16.84 ? 69  LEU A C     1 
ATOM   531  O O     . LEU A 1 69  ? 3.730   9.851   -9.998  1.00 15.41 ? 69  LEU A O     1 
ATOM   532  C CB    . LEU A 1 69  ? 5.705   7.618   -8.992  1.00 19.55 ? 69  LEU A CB    1 
ATOM   533  C CG    . LEU A 1 69  ? 6.756   6.679   -9.537  1.00 23.28 ? 69  LEU A CG    1 
ATOM   534  C CD1   . LEU A 1 69  ? 6.069   5.319   -9.702  1.00 26.07 ? 69  LEU A CD1   1 
ATOM   535  C CD2   . LEU A 1 69  ? 7.389   7.137   -10.851 1.00 24.78 ? 69  LEU A CD2   1 
ATOM   536  N N     . TYR A 1 70  ? 4.219   10.209  -7.814  1.00 18.08 ? 70  TYR A N     1 
ATOM   537  C CA    . TYR A 1 70  ? 2.934   10.844  -7.514  1.00 16.22 ? 70  TYR A CA    1 
ATOM   538  C C     . TYR A 1 70  ? 2.623   11.956  -8.471  1.00 16.33 ? 70  TYR A C     1 
ATOM   539  O O     . TYR A 1 70  ? 1.478   12.078  -8.950  1.00 15.24 ? 70  TYR A O     1 
ATOM   540  C CB    . TYR A 1 70  ? 2.943   11.355  -6.075  1.00 16.98 ? 70  TYR A CB    1 
ATOM   541  C CG    . TYR A 1 70  ? 1.668   12.019  -5.636  1.00 15.58 ? 70  TYR A CG    1 
ATOM   542  C CD1   . TYR A 1 70  ? 0.632   11.286  -5.109  1.00 14.87 ? 70  TYR A CD1   1 
ATOM   543  C CD2   . TYR A 1 70  ? 1.507   13.380  -5.729  1.00 17.06 ? 70  TYR A CD2   1 
ATOM   544  C CE1   . TYR A 1 70  ? -0.510  11.871  -4.638  1.00 14.10 ? 70  TYR A CE1   1 
ATOM   545  C CE2   . TYR A 1 70  ? 0.323   13.995  -5.318  1.00 17.28 ? 70  TYR A CE2   1 
ATOM   546  C CZ    . TYR A 1 70  ? -0.682  13.241  -4.760  1.00 14.99 ? 70  TYR A CZ    1 
ATOM   547  O OH    . TYR A 1 70  ? -1.849  13.828  -4.336  1.00 18.71 ? 70  TYR A OH    1 
ATOM   548  N N     . SER A 1 71  ? 3.650   12.744  -8.770  1.00 18.68 ? 71  SER A N     1 
ATOM   549  C CA    . SER A 1 71  ? 3.488   13.856  -9.635  1.00 21.00 ? 71  SER A CA    1 
ATOM   550  C C     . SER A 1 71  ? 3.136   13.532  -11.089 1.00 20.52 ? 71  SER A C     1 
ATOM   551  O O     . SER A 1 71  ? 2.794   14.459  -11.817 1.00 24.11 ? 71  SER A O     1 
ATOM   552  C CB    . SER A 1 71  ? 4.764   14.702  -9.604  1.00 23.50 ? 71  SER A CB    1 
ATOM   553  O OG    . SER A 1 71  ? 5.869   13.951  -10.071 1.00 26.56 ? 71  SER A OG    1 
ATOM   554  N N     . LYS A 1 72  ? 3.272   12.263  -11.510 1.00 16.90 ? 72  LYS A N     1 
ATOM   555  C CA    . LYS A 1 72  ? 2.946   11.757  -12.838 1.00 17.74 ? 72  LYS A CA    1 
ATOM   556  C C     . LYS A 1 72  ? 1.690   10.877  -12.854 1.00 14.95 ? 72  LYS A C     1 
ATOM   557  O O     . LYS A 1 72  ? 1.271   10.411  -13.927 1.00 15.28 ? 72  LYS A O     1 
ATOM   558  C CB    . LYS A 1 72  ? 4.111   10.927  -13.385 1.00 21.47 ? 72  LYS A CB    1 
ATOM   559  C CG    . LYS A 1 72  ? 5.438   11.675  -13.472 1.00 26.79 ? 72  LYS A CG    1 
ATOM   560  C CD    . LYS A 1 72  ? 6.627   10.738  -13.338 1.00 32.44 ? 72  LYS A CD    1 
ATOM   561  C CE    . LYS A 1 72  ? 7.907   11.482  -12.972 1.00 36.67 ? 72  LYS A CE    1 
ATOM   562  N NZ    . LYS A 1 72  ? 8.506   12.213  -14.127 1.00 39.64 ? 72  LYS A NZ    1 
ATOM   563  N N     . LEU A 1 73  ? 1.074   10.607  -11.692 1.00 14.10 ? 73  LEU A N     1 
ATOM   564  C CA    . LEU A 1 73  ? -0.102  9.735   -11.674 1.00 13.40 ? 73  LEU A CA    1 
ATOM   565  C C     . LEU A 1 73  ? -1.280  10.339  -12.420 1.00 13.83 ? 73  LEU A C     1 
ATOM   566  O O     . LEU A 1 73  ? -2.152  9.609   -12.868 1.00 14.21 ? 73  LEU A O     1 
ATOM   567  C CB    . LEU A 1 73  ? -0.503  9.417   -10.231 1.00 13.23 ? 73  LEU A CB    1 
ATOM   568  C CG    . LEU A 1 73  ? 0.485   8.477   -9.501  1.00 12.95 ? 73  LEU A CG    1 
ATOM   569  C CD1   . LEU A 1 73  ? 0.105   8.400   -8.027  1.00 14.05 ? 73  LEU A CD1   1 
ATOM   570  C CD2   . LEU A 1 73  ? 0.507   7.076   -10.078 1.00 14.31 ? 73  LEU A CD2   1 
ATOM   571  N N     . ASP A 1 74  ? -1.286  11.667  -12.569 1.00 15.07 ? 74  ASP A N     1 
ATOM   572  C CA    . ASP A 1 74  ? -2.351  12.293  -13.359 1.00 16.54 ? 74  ASP A CA    1 
ATOM   573  C C     . ASP A 1 74  ? -2.248  11.954  -14.859 1.00 15.71 ? 74  ASP A C     1 
ATOM   574  O O     . ASP A 1 74  ? -3.199  12.284  -15.607 1.00 17.76 ? 74  ASP A O     1 
ATOM   575  C CB    . ASP A 1 74  ? -2.393  13.802  -13.160 1.00 20.00 ? 74  ASP A CB    1 
ATOM   576  C CG    . ASP A 1 74  ? -2.598  14.210  -11.722 1.00 21.94 ? 74  ASP A CG    1 
ATOM   577  O OD1   . ASP A 1 74  ? -3.565  13.762  -11.077 1.00 22.51 ? 74  ASP A OD1   1 
ATOM   578  O OD2   . ASP A 1 74  ? -1.740  14.995  -11.235 1.00 27.90 ? 74  ASP A OD2   1 
ATOM   579  N N     . ASP A 1 75  ? -1.149  11.373  -15.294 1.00 14.22 ? 75  ASP A N     1 
ATOM   580  C CA    . ASP A 1 75  ? -0.960  10.952  -16.686 1.00 16.52 ? 75  ASP A CA    1 
ATOM   581  C C     . ASP A 1 75  ? -1.443  9.519   -17.007 1.00 17.70 ? 75  ASP A C     1 
ATOM   582  O O     . ASP A 1 75  ? -1.309  9.067   -18.166 1.00 18.39 ? 75  ASP A O     1 
ATOM   583  C CB    . ASP A 1 75  ? 0.524   11.029  -17.065 1.00 17.53 ? 75  ASP A CB    1 
ATOM   584  C CG    . ASP A 1 75  ? 1.098   12.434  -16.969 1.00 19.05 ? 75  ASP A CG    1 
ATOM   585  O OD1   . ASP A 1 75  ? 0.363   13.449  -16.998 1.00 22.12 ? 75  ASP A OD1   1 
ATOM   586  O OD2   . ASP A 1 75  ? 2.330   12.535  -16.928 1.00 22.09 ? 75  ASP A OD2   1 
ATOM   587  N N     . VAL A 1 76  ? -1.967  8.805   -16.003 1.00 17.17 ? 76  VAL A N     1 
ATOM   588  C CA    . VAL A 1 76  ? -2.374  7.391   -16.074 1.00 17.66 ? 76  VAL A CA    1 
ATOM   589  C C     . VAL A 1 76  ? -3.852  7.253   -15.775 1.00 16.54 ? 76  VAL A C     1 
ATOM   590  O O     . VAL A 1 76  ? -4.390  7.969   -14.955 1.00 17.20 ? 76  VAL A O     1 
ATOM   591  C CB    . VAL A 1 76  ? -1.682  6.603   -14.922 1.00 20.88 ? 76  VAL A CB    1 
ATOM   592  C CG1   . VAL A 1 76  ? -2.058  5.119   -14.948 1.00 21.85 ? 76  VAL A CG1   1 
ATOM   593  C CG2   . VAL A 1 76  ? -0.194  6.798   -14.954 1.00 22.72 ? 76  VAL A CG2   1 
ATOM   594  N N     . ASP A 1 77  ? -4.504  6.317   -16.460 1.00 15.28 ? 77  ASP A N     1 
ATOM   595  C CA    . ASP A 1 77  ? -5.929  6.040   -16.289 1.00 16.18 ? 77  ASP A CA    1 
ATOM   596  C C     . ASP A 1 77  ? -6.048  4.700   -15.576 1.00 14.70 ? 77  ASP A C     1 
ATOM   597  O O     . ASP A 1 77  ? -5.585  3.695   -16.116 1.00 16.88 ? 77  ASP A O     1 
ATOM   598  C CB    . ASP A 1 77  ? -6.595  5.987   -17.678 1.00 17.05 ? 77  ASP A CB    1 
ATOM   599  C CG    . ASP A 1 77  ? -8.117  5.855   -17.610 1.00 19.03 ? 77  ASP A CG    1 
ATOM   600  O OD1   . ASP A 1 77  ? -8.671  5.645   -16.505 1.00 20.54 ? 77  ASP A OD1   1 
ATOM   601  O OD2   . ASP A 1 77  ? -8.813  5.962   -18.671 1.00 22.07 ? 77  ASP A OD2   1 
ATOM   602  N N     . PHE A 1 78  ? -6.650  4.711   -14.379 1.00 12.59 ? 78  PHE A N     1 
ATOM   603  C CA    . PHE A 1 78  ? -6.808  3.482   -13.593 1.00 11.55 ? 78  PHE A CA    1 
ATOM   604  C C     . PHE A 1 78  ? -8.194  2.871   -13.703 1.00 11.71 ? 78  PHE A C     1 
ATOM   605  O O     . PHE A 1 78  ? -8.499  1.909   -13.025 1.00 12.15 ? 78  PHE A O     1 
ATOM   606  C CB    . PHE A 1 78  ? -6.456  3.714   -12.121 1.00 12.59 ? 78  PHE A CB    1 
ATOM   607  C CG    . PHE A 1 78  ? -5.007  4.080   -11.862 1.00 12.82 ? 78  PHE A CG    1 
ATOM   608  C CD1   . PHE A 1 78  ? -4.597  5.365   -11.930 1.00 13.99 ? 78  PHE A CD1   1 
ATOM   609  C CD2   . PHE A 1 78  ? -4.095  3.124   -11.507 1.00 13.77 ? 78  PHE A CD2   1 
ATOM   610  C CE1   . PHE A 1 78  ? -3.293  5.737   -11.659 1.00 15.00 ? 78  PHE A CE1   1 
ATOM   611  C CE2   . PHE A 1 78  ? -2.764  3.468   -11.261 1.00 14.65 ? 78  PHE A CE2   1 
ATOM   612  C CZ    . PHE A 1 78  ? -2.363  4.768   -11.347 1.00 14.90 ? 78  PHE A CZ    1 
ATOM   613  N N     . ASN A 1 79  ? -9.054  3.382   -14.602 1.00 12.36 ? 79  ASN A N     1 
ATOM   614  C CA    . ASN A 1 79  ? -10.330 2.748   -14.823 1.00 12.17 ? 79  ASN A CA    1 
ATOM   615  C C     . ASN A 1 79  ? -10.159 1.327   -15.233 1.00 11.91 ? 79  ASN A C     1 
ATOM   616  O O     . ASN A 1 79  ? -9.299  0.993   -16.009 1.00 13.42 ? 79  ASN A O     1 
ATOM   617  C CB    . ASN A 1 79  ? -11.153 3.527   -15.851 1.00 14.41 ? 79  ASN A CB    1 
ATOM   618  C CG    . ASN A 1 79  ? -11.773 4.740   -15.219 1.00 16.10 ? 79  ASN A CG    1 
ATOM   619  O OD1   . ASN A 1 79  ? -12.779 4.619   -14.502 1.00 21.11 ? 79  ASN A OD1   1 
ATOM   620  N ND2   . ASN A 1 79  ? -11.138 5.888   -15.351 1.00 19.15 ? 79  ASN A ND2   1 
ATOM   621  N N     . GLY A 1 80  ? -11.012 0.488   -14.682 1.00 12.19 ? 80  GLY A N     1 
ATOM   622  C CA    . GLY A 1 80  ? -11.006 -0.895  -14.910 1.00 13.54 ? 80  GLY A CA    1 
ATOM   623  C C     . GLY A 1 80  ? -10.087 -1.679  -13.997 1.00 13.46 ? 80  GLY A C     1 
ATOM   624  O O     . GLY A 1 80  ? -10.164 -2.890  -14.000 1.00 17.69 ? 80  GLY A O     1 
ATOM   625  N N     . LYS A 1 81  ? -9.222  -1.011  -13.219 1.00 10.84 ? 81  LYS A N     1 
ATOM   626  C CA    . LYS A 1 81  ? -8.255  -1.703  -12.360 1.00 10.22 ? 81  LYS A CA    1 
ATOM   627  C C     . LYS A 1 81  ? -8.758  -1.762  -10.927 1.00 9.42  ? 81  LYS A C     1 
ATOM   628  O O     . LYS A 1 81  ? -9.423  -0.857  -10.430 1.00 10.62 ? 81  LYS A O     1 
ATOM   629  C CB    . LYS A 1 81  ? -6.932  -0.978  -12.400 1.00 11.70 ? 81  LYS A CB    1 
ATOM   630  C CG    . LYS A 1 81  ? -6.358  -0.832  -13.820 1.00 14.55 ? 81  LYS A CG    1 
ATOM   631  C CD    . LYS A 1 81  ? -4.933  -0.247  -13.749 1.00 17.43 ? 81  LYS A CD    1 
ATOM   632  C CE    . LYS A 1 81  ? -4.325  0.242   -15.055 1.00 21.59 ? 81  LYS A CE    1 
ATOM   633  N NZ    . LYS A 1 81  ? -4.253  -0.891  -15.972 1.00 23.27 ? 81  LYS A NZ    1 
ATOM   634  N N     . LEU A 1 82  ? -8.342  -2.844  -10.264 1.00 8.92  ? 82  LEU A N     1 
ATOM   635  C CA    . LEU A 1 82  ? -8.549  -2.995  -8.827  1.00 8.68  ? 82  LEU A CA    1 
ATOM   636  C C     . LEU A 1 82  ? -7.223  -2.735  -8.122  1.00 7.99  ? 82  LEU A C     1 
ATOM   637  O O     . LEU A 1 82  ? -6.194  -3.240  -8.587  1.00 8.52  ? 82  LEU A O     1 
ATOM   638  C CB    . LEU A 1 82  ? -9.045  -4.386  -8.473  1.00 9.26  ? 82  LEU A CB    1 
ATOM   639  C CG    . LEU A 1 82  ? -10.339 -4.840  -9.169  1.00 10.62 ? 82  LEU A CG    1 
ATOM   640  C CD1   . LEU A 1 82  ? -10.727 -6.225  -8.704  1.00 12.15 ? 82  LEU A CD1   1 
ATOM   641  C CD2   . LEU A 1 82  ? -11.462 -3.875  -8.887  1.00 12.11 ? 82  LEU A CD2   1 
ATOM   642  N N     . VAL A 1 83  ? -7.258  -1.937  -7.071  1.00 7.47  ? 83  VAL A N     1 
ATOM   643  C CA    . VAL A 1 83  ? -6.044  -1.463  -6.427  1.00 7.63  ? 83  VAL A CA    1 
ATOM   644  C C     . VAL A 1 83  ? -6.150  -1.659  -4.933  1.00 6.86  ? 83  VAL A C     1 
ATOM   645  O O     . VAL A 1 83  ? -7.132  -1.255  -4.309  1.00 8.06  ? 83  VAL A O     1 
ATOM   646  C CB    . VAL A 1 83  ? -5.796  0.032   -6.733  1.00 8.10  ? 83  VAL A CB    1 
ATOM   647  C CG1   . VAL A 1 83  ? -4.404  0.444   -6.242  1.00 8.46  ? 83  VAL A CG1   1 
ATOM   648  C CG2   . VAL A 1 83  ? -5.969  0.335   -8.227  1.00 8.91  ? 83  VAL A CG2   1 
ATOM   649  N N     . ALA A 1 84  ? -5.107  -2.266  -4.351  1.00 7.16  ? 84  ALA A N     1 
ATOM   650  C CA    . ALA A 1 84  ? -4.981  -2.433  -2.887  1.00 7.49  ? 84  ALA A CA    1 
ATOM   651  C C     . ALA A 1 84  ? -3.738  -1.682  -2.427  1.00 7.29  ? 84  ALA A C     1 
ATOM   652  O O     . ALA A 1 84  ? -2.827  -1.424  -3.219  1.00 7.88  ? 84  ALA A O     1 
ATOM   653  C CB    . ALA A 1 84  ? -4.856  -3.902  -2.543  1.00 8.21  ? 84  ALA A CB    1 
ATOM   654  N N     . TYR A 1 85  ? -3.711  -1.362  -1.145  1.00 6.88  ? 85  TYR A N     1 
ATOM   655  C CA    . TYR A 1 85  ? -2.695  -0.499  -0.566  1.00 7.15  ? 85  TYR A CA    1 
ATOM   656  C C     . TYR A 1 85  ? -2.156  -1.098  0.698   1.00 6.84  ? 85  TYR A C     1 
ATOM   657  O O     . TYR A 1 85  ? -2.923  -1.608  1.514   1.00 7.77  ? 85  TYR A O     1 
ATOM   658  C CB    . TYR A 1 85  ? -3.293  0.880   -0.220  1.00 7.48  ? 85  TYR A CB    1 
ATOM   659  C CG    . TYR A 1 85  ? -3.866  1.596   -1.405  1.00 7.56  ? 85  TYR A CG    1 
ATOM   660  C CD1   . TYR A 1 85  ? -5.131  1.295   -1.891  1.00 7.80  ? 85  TYR A CD1   1 
ATOM   661  C CD2   . TYR A 1 85  ? -3.093  2.491   -2.124  1.00 7.80  ? 85  TYR A CD2   1 
ATOM   662  C CE1   . TYR A 1 85  ? -5.638  1.893   -3.035  1.00 8.28  ? 85  TYR A CE1   1 
ATOM   663  C CE2   . TYR A 1 85  ? -3.610  3.121   -3.257  1.00 8.27  ? 85  TYR A CE2   1 
ATOM   664  C CZ    . TYR A 1 85  ? -4.856  2.793   -3.713  1.00 8.39  ? 85  TYR A CZ    1 
ATOM   665  O OH    . TYR A 1 85  ? -5.305  3.419   -4.866  1.00 9.55  ? 85  TYR A OH    1 
ATOM   666  N N     . PHE A 1 86  ? -0.850  -0.983  0.917   1.00 7.22  ? 86  PHE A N     1 
ATOM   667  C CA    . PHE A 1 86  ? -0.274  -1.322  2.233   1.00 7.39  ? 86  PHE A CA    1 
ATOM   668  C C     . PHE A 1 86  ? 0.810   -0.367  2.551   1.00 7.71  ? 86  PHE A C     1 
ATOM   669  O O     . PHE A 1 86  ? 1.475   0.194   1.719   1.00 7.59  ? 86  PHE A O     1 
ATOM   670  C CB    . PHE A 1 86  ? 0.242   -2.776  2.352   1.00 7.58  ? 86  PHE A CB    1 
ATOM   671  C CG    . PHE A 1 86  ? 1.495   -3.046  1.585   1.00 7.18  ? 86  PHE A CG    1 
ATOM   672  C CD1   . PHE A 1 86  ? 1.475   -3.311  0.218   1.00 7.66  ? 86  PHE A CD1   1 
ATOM   673  C CD2   . PHE A 1 86  ? 2.733   -3.034  2.223   1.00 7.84  ? 86  PHE A CD2   1 
ATOM   674  C CE1   . PHE A 1 86  ? 2.624   -3.548  -0.469  1.00 7.74  ? 86  PHE A CE1   1 
ATOM   675  C CE2   . PHE A 1 86  ? 3.893   -3.268  1.519   1.00 8.41  ? 86  PHE A CE2   1 
ATOM   676  C CZ    . PHE A 1 86  ? 3.852   -3.525  0.188   1.00 8.63  ? 86  PHE A CZ    1 
ATOM   677  N N     . GLY A 1 87  ? 1.030   -0.181  3.848   1.00 8.97  ? 87  GLY A N     1 
ATOM   678  C CA    . GLY A 1 87  ? 2.137   0.658   4.305   1.00 10.90 ? 87  GLY A CA    1 
ATOM   679  C C     . GLY A 1 87  ? 2.740   0.147   5.560   1.00 10.14 ? 87  GLY A C     1 
ATOM   680  O O     . GLY A 1 87  ? 2.110   -0.583  6.308   1.00 10.35 ? 87  GLY A O     1 
ATOM   681  N N     . THR A 1 88  ? 3.994   0.553   5.798   1.00 11.11 ? 88  THR A N     1 
ATOM   682  C CA    . THR A 1 88  ? 4.581   0.450   7.120   1.00 10.66 ? 88  THR A CA    1 
ATOM   683  C C     . THR A 1 88  ? 4.695   1.877   7.684   1.00 9.72  ? 88  THR A C     1 
ATOM   684  O O     . THR A 1 88  ? 4.705   2.865   6.951   1.00 10.32 ? 88  THR A O     1 
ATOM   685  C CB    . THR A 1 88  ? 5.937   -0.290  7.119   1.00 11.46 ? 88  THR A CB    1 
ATOM   686  O OG1   . THR A 1 88  ? 6.954   0.426   6.415   1.00 11.53 ? 88  THR A OG1   1 
ATOM   687  C CG2   . THR A 1 88  ? 5.804   -1.675  6.529   1.00 12.82 ? 88  THR A CG2   1 
ATOM   688  N N     . GLY A 1 89  ? 4.678   1.971   9.018   1.00 9.16  ? 89  GLY A N     1 
ATOM   689  C CA    . GLY A 1 89  ? 4.649   3.254   9.713   1.00 8.93  ? 89  GLY A CA    1 
ATOM   690  C C     . GLY A 1 89  ? 4.881   3.029   11.183  1.00 8.86  ? 89  GLY A C     1 
ATOM   691  O O     . GLY A 1 89  ? 5.022   1.922   11.639  1.00 10.51 ? 89  GLY A O     1 
ATOM   692  N N     . ASP A 1 90  ? 4.847   4.124   11.925  1.00 9.07  ? 90  ASP A N     1 
ATOM   693  C CA    . ASP A 1 90  ? 5.161   4.108   13.379  1.00 9.76  ? 90  ASP A CA    1 
ATOM   694  C C     . ASP A 1 90  ? 4.059   4.851   14.117  1.00 9.63  ? 90  ASP A C     1 
ATOM   695  O O     . ASP A 1 90  ? 4.030   6.081   14.139  1.00 9.84  ? 90  ASP A O     1 
ATOM   696  C CB    . ASP A 1 90  ? 6.535   4.730   13.591  1.00 10.91 ? 90  ASP A CB    1 
ATOM   697  C CG    . ASP A 1 90  ? 6.870   4.981   15.059  1.00 11.87 ? 90  ASP A CG    1 
ATOM   698  O OD1   . ASP A 1 90  ? 6.142   4.564   15.954  1.00 11.84 ? 90  ASP A OD1   1 
ATOM   699  O OD2   . ASP A 1 90  ? 7.888   5.732   15.270  1.00 15.12 ? 90  ASP A OD2   1 
ATOM   700  N N     . GLN A 1 91  ? 3.159   4.100   14.705  1.00 9.38  ? 91  GLN A N     1 
ATOM   701  C CA    . GLN A 1 91  ? 1.985   4.703   15.339  1.00 10.39 ? 91  GLN A CA    1 
ATOM   702  C C     . GLN A 1 91  ? 2.337   5.432   16.629  1.00 10.69 ? 91  GLN A C     1 
ATOM   703  O O     . GLN A 1 91  ? 1.548   6.262   17.085  1.00 12.99 ? 91  GLN A O     1 
ATOM   704  C CB    . GLN A 1 91  ? 0.910   3.646   15.617  1.00 10.99 ? 91  GLN A CB    1 
ATOM   705  C CG    . GLN A 1 91  ? 1.253   2.609   16.707  1.00 11.25 ? 91  GLN A CG    1 
ATOM   706  C CD    . GLN A 1 91  ? 0.499   1.320   16.522  1.00 12.32 ? 91  GLN A CD    1 
ATOM   707  O OE1   . GLN A 1 91  ? -0.547  1.109   17.135  1.00 13.71 ? 91  GLN A OE1   1 
ATOM   708  N NE2   . GLN A 1 91  ? 0.980   0.453   15.647  1.00 12.33 ? 91  GLN A NE2   1 
ATOM   709  N N     . ALA A 1 92  ? 3.450   5.058   17.250  1.00 10.65 ? 92  ALA A N     1 
ATOM   710  C CA    . ALA A 1 92  ? 3.904   5.677   18.524  1.00 12.21 ? 92  ALA A CA    1 
ATOM   711  C C     . ALA A 1 92  ? 4.616   6.992   18.272  1.00 12.33 ? 92  ALA A C     1 
ATOM   712  O O     . ALA A 1 92  ? 4.308   8.014   18.902  1.00 15.58 ? 92  ALA A O     1 
ATOM   713  C CB    . ALA A 1 92  ? 4.778   4.714   19.291  1.00 13.20 ? 92  ALA A CB    1 
ATOM   714  N N     . GLY A 1 93  ? 5.573   6.996   17.372  1.00 11.87 ? 93  GLY A N     1 
ATOM   715  C CA    . GLY A 1 93  ? 6.324   8.190   17.070  1.00 12.49 ? 93  GLY A CA    1 
ATOM   716  C C     . GLY A 1 93  ? 5.634   9.225   16.241  1.00 11.35 ? 93  GLY A C     1 
ATOM   717  O O     . GLY A 1 93  ? 5.945   10.411  16.341  1.00 12.30 ? 93  GLY A O     1 
ATOM   718  N N     . TYR A 1 94  ? 4.666   8.789   15.420  1.00 10.15 ? 94  TYR A N     1 
ATOM   719  C CA    . TYR A 1 94  ? 4.016   9.663   14.458  1.00 9.99  ? 94  TYR A CA    1 
ATOM   720  C C     . TYR A 1 94  ? 2.529   9.471   14.546  1.00 9.59  ? 94  TYR A C     1 
ATOM   721  O O     . TYR A 1 94  ? 1.826   9.236   13.550  1.00 10.47 ? 94  TYR A O     1 
ATOM   722  C CB    . TYR A 1 94  ? 4.615   9.421   13.052  1.00 10.31 ? 94  TYR A CB    1 
ATOM   723  C CG    . TYR A 1 94  ? 6.058   9.834   13.049  1.00 11.07 ? 94  TYR A CG    1 
ATOM   724  C CD1   . TYR A 1 94  ? 6.383   11.152  12.872  1.00 12.23 ? 94  TYR A CD1   1 
ATOM   725  C CD2   . TYR A 1 94  ? 7.075   8.945   13.365  1.00 12.29 ? 94  TYR A CD2   1 
ATOM   726  C CE1   . TYR A 1 94  ? 7.724   11.576  12.943  1.00 13.32 ? 94  TYR A CE1   1 
ATOM   727  C CE2   . TYR A 1 94  ? 8.391   9.368   13.476  1.00 13.62 ? 94  TYR A CE2   1 
ATOM   728  C CZ    . TYR A 1 94  ? 8.677   10.671  13.264  1.00 13.16 ? 94  TYR A CZ    1 
ATOM   729  O OH    . TYR A 1 94  ? 9.999   11.058  13.357  1.00 16.74 ? 94  TYR A OH    1 
ATOM   730  N N     . ALA A 1 95  ? 2.010   9.625   15.762  1.00 10.44 ? 95  ALA A N     1 
ATOM   731  C CA    . ALA A 1 95  ? 0.587   9.349   16.020  1.00 10.71 ? 95  ALA A CA    1 
ATOM   732  C C     . ALA A 1 95  ? -0.369  10.212  15.267  1.00 10.26 ? 95  ALA A C     1 
ATOM   733  O O     . ALA A 1 95  ? -1.523  9.805   15.076  1.00 10.88 ? 95  ALA A O     1 
ATOM   734  C CB    . ALA A 1 95  ? 0.308   9.442   17.519  1.00 12.13 ? 95  ALA A CB    1 
ATOM   735  N N     . ASP A 1 96  ? 0.047   11.406  14.878  1.00 10.12 ? 96  ASP A N     1 
ATOM   736  C CA    . ASP A 1 96  ? -0.813  12.314  14.151  1.00 10.72 ? 96  ASP A CA    1 
ATOM   737  C C     . ASP A 1 96  ? -0.825  12.130  12.652  1.00 10.19 ? 96  ASP A C     1 
ATOM   738  O O     . ASP A 1 96  ? -1.616  12.740  11.963  1.00 11.33 ? 96  ASP A O     1 
ATOM   739  C CB    . ASP A 1 96  ? -0.449  13.789  14.448  1.00 13.46 ? 96  ASP A CB    1 
ATOM   740  C CG    . ASP A 1 96  ? -0.567  14.177  15.901  1.00 15.40 ? 96  ASP A CG    1 
ATOM   741  O OD1   . ASP A 1 96  ? -1.331  13.545  16.639  1.00 16.64 ? 96  ASP A OD1   1 
ATOM   742  O OD2   . ASP A 1 96  ? 0.145   15.166  16.267  1.00 19.94 ? 96  ASP A OD2   1 
ATOM   743  N N     . ASN A 1 97  ? 0.101   11.295  12.142  1.00 9.59  ? 97  ASN A N     1 
ATOM   744  C CA    . ASN A 1 97  ? 0.335   11.137  10.697  1.00 9.64  ? 97  ASN A CA    1 
ATOM   745  C C     . ASN A 1 97  ? 0.507   9.666   10.376  1.00 8.94  ? 97  ASN A C     1 
ATOM   746  O O     . ASN A 1 97  ? 1.205   9.339   9.398   1.00 8.95  ? 97  ASN A O     1 
ATOM   747  C CB    . ASN A 1 97  ? 1.604   11.878  10.282  1.00 10.54 ? 97  ASN A CB    1 
ATOM   748  C CG    . ASN A 1 97  ? 1.462   13.373  10.460  1.00 11.32 ? 97  ASN A CG    1 
ATOM   749  O OD1   . ASN A 1 97  ? 2.041   13.923  11.433  1.00 13.68 ? 97  ASN A OD1   1 
ATOM   750  N ND2   . ASN A 1 97  ? 0.696   14.012  9.636   1.00 12.25 ? 97  ASN A ND2   1 
ATOM   751  N N     . PHE A 1 98  ? -0.123  8.790   11.133  1.00 8.75  ? 98  PHE A N     1 
ATOM   752  C CA    . PHE A 1 98  ? 0.176   7.361   11.018  1.00 8.67  ? 98  PHE A CA    1 
ATOM   753  C C     . PHE A 1 98  ? -0.362  6.861   9.692   1.00 8.20  ? 98  PHE A C     1 
ATOM   754  O O     . PHE A 1 98  ? -1.586  6.949   9.459   1.00 9.59  ? 98  PHE A O     1 
ATOM   755  C CB    . PHE A 1 98  ? -0.474  6.620   12.164  1.00 9.43  ? 98  PHE A CB    1 
ATOM   756  C CG    . PHE A 1 98  ? -0.281  5.133   12.127  1.00 9.63  ? 98  PHE A CG    1 
ATOM   757  C CD1   . PHE A 1 98  ? 0.971   4.581   12.040  1.00 9.14  ? 98  PHE A CD1   1 
ATOM   758  C CD2   . PHE A 1 98  ? -1.379  4.282   12.229  1.00 10.49 ? 98  PHE A CD2   1 
ATOM   759  C CE1   . PHE A 1 98  ? 1.133   3.207   12.035  1.00 9.59  ? 98  PHE A CE1   1 
ATOM   760  C CE2   . PHE A 1 98  ? -1.222  2.915   12.234  1.00 10.59 ? 98  PHE A CE2   1 
ATOM   761  C CZ    . PHE A 1 98  ? 0.052   2.377   12.141  1.00 10.24 ? 98  PHE A CZ    1 
ATOM   762  N N     . GLN A 1 99  ? 0.500   6.382   8.821   1.00 7.75  ? 99  GLN A N     1 
ATOM   763  C CA    . GLN A 1 99  ? 0.092   5.802   7.524   1.00 8.22  ? 99  GLN A CA    1 
ATOM   764  C C     . GLN A 1 99  ? -0.531  6.804   6.608   1.00 8.21  ? 99  GLN A C     1 
ATOM   765  O O     . GLN A 1 99  ? -1.283  6.438   5.674   1.00 9.46  ? 99  GLN A O     1 
ATOM   766  C CB    . GLN A 1 99  ? -0.840  4.576   7.706   1.00 8.91  ? 99  GLN A CB    1 
ATOM   767  C CG    . GLN A 1 99  ? -0.216  3.537   8.585   1.00 9.81  ? 99  GLN A CG    1 
ATOM   768  C CD    . GLN A 1 99  ? 0.804   2.671   7.888   1.00 10.98 ? 99  GLN A CD    1 
ATOM   769  O OE1   . GLN A 1 99  ? 0.992   2.719   6.676   1.00 12.65 ? 99  GLN A OE1   1 
ATOM   770  N NE2   . GLN A 1 99  ? 1.409   1.784   8.674   1.00 12.30 ? 99  GLN A NE2   1 
ATOM   771  N N     . ASP A 1 100 ? -0.216  8.098   6.745   1.00 8.25  ? 100 ASP A N     1 
ATOM   772  C CA    . ASP A 1 100 ? -0.786  9.052   5.843   1.00 8.45  ? 100 ASP A CA    1 
ATOM   773  C C     . ASP A 1 100 ? -0.491  8.717   4.385   1.00 8.32  ? 100 ASP A C     1 
ATOM   774  O O     . ASP A 1 100 ? -1.324  9.029   3.510   1.00 9.23  ? 100 ASP A O     1 
ATOM   775  C CB    . ASP A 1 100 ? -0.255  10.453  6.090   1.00 9.01  ? 100 ASP A CB    1 
ATOM   776  C CG    . ASP A 1 100 ? -0.858  11.157  7.291   1.00 9.71  ? 100 ASP A CG    1 
ATOM   777  O OD1   . ASP A 1 100 ? -1.759  10.657  7.956   1.00 9.90  ? 100 ASP A OD1   1 
ATOM   778  O OD2   . ASP A 1 100 ? -0.357  12.307  7.560   1.00 11.62 ? 100 ASP A OD2   1 
ATOM   779  N N     . ALA A 1 101 ? 0.691   8.187   4.068   1.00 8.36  ? 101 ALA A N     1 
ATOM   780  C CA    . ALA A 1 101 ? 1.086   8.012   2.657   1.00 8.71  ? 101 ALA A CA    1 
ATOM   781  C C     . ALA A 1 101 ? 0.109   7.147   1.875   1.00 8.84  ? 101 ALA A C     1 
ATOM   782  O O     . ALA A 1 101 ? -0.218  7.500   0.731   1.00 9.08  ? 101 ALA A O     1 
ATOM   783  C CB    . ALA A 1 101 ? 2.484   7.439   2.567   1.00 9.69  ? 101 ALA A CB    1 
ATOM   784  N N     . ILE A 1 102 ? -0.352  6.028   2.412   1.00 9.12  ? 102 ILE A N     1 
ATOM   785  C CA    . ILE A 1 102 ? -1.303  5.236   1.625   1.00 9.35  ? 102 ILE A CA    1 
ATOM   786  C C     . ILE A 1 102 ? -2.629  5.942   1.454   1.00 9.23  ? 102 ILE A C     1 
ATOM   787  O O     . ILE A 1 102 ? -3.315  5.740   0.457   1.00 9.68  ? 102 ILE A O     1 
ATOM   788  C CB    . ILE A 1 102 ? -1.492  3.790   2.103   1.00 10.12 ? 102 ILE A CB    1 
ATOM   789  C CG1   . ILE A 1 102 ? -2.043  3.703   3.523   1.00 10.62 ? 102 ILE A CG1   1 
ATOM   790  C CG2   . ILE A 1 102 ? -0.210  3.003   1.864   1.00 11.87 ? 102 ILE A CG2   1 
ATOM   791  C CD1   . ILE A 1 102 ? -2.457  2.284   3.863   1.00 11.57 ? 102 ILE A CD1   1 
ATOM   792  N N     . GLY A 1 103 ? -3.017  6.780   2.412   1.00 9.17  ? 103 GLY A N     1 
ATOM   793  C CA    . GLY A 1 103 ? -4.203  7.599   2.218   1.00 9.65  ? 103 GLY A CA    1 
ATOM   794  C C     . GLY A 1 103 ? -4.061  8.593   1.099   1.00 9.23  ? 103 GLY A C     1 
ATOM   795  O O     . GLY A 1 103 ? -4.958  8.780   0.293   1.00 10.70 ? 103 GLY A O     1 
ATOM   796  N N     . ILE A 1 104 ? -2.903  9.227   1.025   1.00 8.99  ? 104 ILE A N     1 
ATOM   797  C CA    . ILE A 1 104 ? -2.617  10.196  -0.033  1.00 9.68  ? 104 ILE A CA    1 
ATOM   798  C C     . ILE A 1 104 ? -2.608  9.478   -1.368  1.00 9.83  ? 104 ILE A C     1 
ATOM   799  O O     . ILE A 1 104 ? -3.205  9.973   -2.364  1.00 9.85  ? 104 ILE A O     1 
ATOM   800  C CB    . ILE A 1 104 ? -1.246  10.875  0.242   1.00 10.82 ? 104 ILE A CB    1 
ATOM   801  C CG1   . ILE A 1 104 ? -1.369  11.762  1.497   1.00 12.01 ? 104 ILE A CG1   1 
ATOM   802  C CG2   . ILE A 1 104 ? -0.729  11.652  -0.989  1.00 12.08 ? 104 ILE A CG2   1 
ATOM   803  C CD1   . ILE A 1 104 ? -0.082  12.230  2.075   1.00 12.93 ? 104 ILE A CD1   1 
ATOM   804  N N     . LEU A 1 105 ? -1.943  8.327   -1.465  1.00 9.07  ? 105 LEU A N     1 
ATOM   805  C CA    . LEU A 1 105 ? -1.906  7.596   -2.741  1.00 9.33  ? 105 LEU A CA    1 
ATOM   806  C C     . LEU A 1 105 ? -3.274  7.091   -3.138  1.00 9.21  ? 105 LEU A C     1 
ATOM   807  O O     . LEU A 1 105 ? -3.634  7.201   -4.339  1.00 10.14 ? 105 LEU A O     1 
ATOM   808  C CB    . LEU A 1 105 ? -0.902  6.440   -2.656  1.00 9.26  ? 105 LEU A CB    1 
ATOM   809  C CG    . LEU A 1 105 ? 0.553   6.906   -2.646  1.00 10.09 ? 105 LEU A CG    1 
ATOM   810  C CD1   . LEU A 1 105 ? 1.481   5.783   -2.260  1.00 10.97 ? 105 LEU A CD1   1 
ATOM   811  C CD2   . LEU A 1 105 ? 0.991   7.481   -3.996  1.00 13.35 ? 105 LEU A CD2   1 
ATOM   812  N N     . GLU A 1 106 ? -4.071  6.590   -2.212  1.00 9.06  ? 106 GLU A N     1 
ATOM   813  C CA    . GLU A 1 106 ? -5.374  6.083   -2.589  1.00 9.74  ? 106 GLU A CA    1 
ATOM   814  C C     . GLU A 1 106 ? -6.292  7.193   -3.049  1.00 10.37 ? 106 GLU A C     1 
ATOM   815  O O     . GLU A 1 106 ? -7.118  7.004   -3.960  1.00 10.51 ? 106 GLU A O     1 
ATOM   816  C CB    . GLU A 1 106 ? -5.997  5.295   -1.421  1.00 10.12 ? 106 GLU A CB    1 
ATOM   817  C CG    . GLU A 1 106 ? -7.318  4.609   -1.802  1.00 11.01 ? 106 GLU A CG    1 
ATOM   818  C CD    . GLU A 1 106 ? -8.608  5.387   -1.631  1.00 11.48 ? 106 GLU A CD    1 
ATOM   819  O OE1   . GLU A 1 106 ? -8.603  6.508   -1.055  1.00 12.59 ? 106 GLU A OE1   1 
ATOM   820  O OE2   . GLU A 1 106 ? -9.651  4.828   -2.050  1.00 12.64 ? 106 GLU A OE2   1 
ATOM   821  N N     . GLU A 1 107 ? -6.220  8.345   -2.400  1.00 10.17 ? 107 GLU A N     1 
ATOM   822  C CA    . GLU A 1 107 ? -7.052  9.450   -2.856  1.00 11.94 ? 107 GLU A CA    1 
ATOM   823  C C     . GLU A 1 107 ? -6.740  9.767   -4.321  1.00 11.51 ? 107 GLU A C     1 
ATOM   824  O O     . GLU A 1 107 ? -7.665  9.944   -5.137  1.00 12.72 ? 107 GLU A O     1 
ATOM   825  C CB    . GLU A 1 107 ? -6.815  10.659  -1.975  1.00 14.34 ? 107 GLU A CB    1 
ATOM   826  C CG    . GLU A 1 107 ? -7.656  11.865  -2.327  1.00 19.97 ? 107 GLU A CG    1 
ATOM   827  C CD    . GLU A 1 107 ? -7.589  13.002  -1.301  1.00 26.00 ? 107 GLU A CD    1 
ATOM   828  O OE1   . GLU A 1 107 ? -7.327  12.745  -0.104  1.00 31.66 ? 107 GLU A OE1   1 
ATOM   829  O OE2   . GLU A 1 107 ? -7.811  14.171  -1.697  1.00 32.57 ? 107 GLU A OE2   1 
ATOM   830  N N     . LYS A 1 108 ? -5.474  9.845   -4.669  1.00 10.86 ? 108 LYS A N     1 
ATOM   831  C CA    . LYS A 1 108 ? -5.088  10.173  -6.039  1.00 11.78 ? 108 LYS A CA    1 
ATOM   832  C C     . LYS A 1 108 ? -5.493  9.083   -7.022  1.00 11.47 ? 108 LYS A C     1 
ATOM   833  O O     . LYS A 1 108 ? -6.095  9.362   -8.051  1.00 12.44 ? 108 LYS A O     1 
ATOM   834  C CB    . LYS A 1 108 ? -3.594  10.422  -6.085  1.00 13.43 ? 108 LYS A CB    1 
ATOM   835  C CG    . LYS A 1 108 ? -2.967  10.590  -7.451  1.00 14.36 ? 108 LYS A CG    1 
ATOM   836  C CD    . LYS A 1 108 ? -3.516  11.797  -8.161  1.00 16.22 ? 108 LYS A CD    1 
ATOM   837  C CE    . LYS A 1 108 ? -2.936  13.075  -7.572  1.00 17.96 ? 108 LYS A CE    1 
ATOM   838  N NZ    . LYS A 1 108 ? -3.470  14.279  -8.293  1.00 20.41 ? 108 LYS A NZ    1 
ATOM   839  N N     . ILE A 1 109 ? -5.159  7.835   -6.730  1.00 10.78 ? 109 ILE A N     1 
ATOM   840  C CA    . ILE A 1 109 ? -5.393  6.756   -7.688  1.00 10.57 ? 109 ILE A CA    1 
ATOM   841  C C     . ILE A 1 109 ? -6.890  6.524   -7.821  1.00 10.71 ? 109 ILE A C     1 
ATOM   842  O O     . ILE A 1 109 ? -7.363  6.265   -8.946  1.00 11.49 ? 109 ILE A O     1 
ATOM   843  C CB    . ILE A 1 109 ? -4.600  5.512   -7.256  1.00 10.43 ? 109 ILE A CB    1 
ATOM   844  C CG1   . ILE A 1 109 ? -3.122  5.802   -7.513  1.00 10.86 ? 109 ILE A CG1   1 
ATOM   845  C CG2   . ILE A 1 109 ? -5.049  4.283   -8.007  1.00 10.74 ? 109 ILE A CG2   1 
ATOM   846  C CD1   . ILE A 1 109 ? -2.178  4.776   -6.903  1.00 11.12 ? 109 ILE A CD1   1 
ATOM   847  N N     . SER A 1 110 ? -7.674  6.645   -6.759  1.00 10.72 ? 110 SER A N     1 
ATOM   848  C CA    A SER A 1 110 ? -9.113  6.491   -6.926  0.50 11.41 ? 110 SER A CA    1 
ATOM   849  C CA    B SER A 1 110 ? -9.125  6.549   -6.870  0.50 11.69 ? 110 SER A CA    1 
ATOM   850  C C     . SER A 1 110 ? -9.717  7.637   -7.746  1.00 12.87 ? 110 SER A C     1 
ATOM   851  O O     . SER A 1 110 ? -10.607 7.377   -8.563  1.00 14.42 ? 110 SER A O     1 
ATOM   852  C CB    A SER A 1 110 ? -9.822  6.284   -5.590  0.50 11.59 ? 110 SER A CB    1 
ATOM   853  C CB    B SER A 1 110 ? -9.741  6.594   -5.481  0.50 11.76 ? 110 SER A CB    1 
ATOM   854  O OG    A SER A 1 110 ? -9.788  7.422   -4.762  0.50 11.35 ? 110 SER A OG    1 
ATOM   855  O OG    B SER A 1 110 ? -9.465  5.348   -4.871  0.50 13.26 ? 110 SER A OG    1 
ATOM   856  N N     . GLN A 1 111 ? -9.231  8.832   -7.591  1.00 13.62 ? 111 GLN A N     1 
ATOM   857  C CA    . GLN A 1 111 ? -9.699  9.943   -8.431  1.00 15.90 ? 111 GLN A CA    1 
ATOM   858  C C     . GLN A 1 111 ? -9.278  9.757   -9.875  1.00 17.02 ? 111 GLN A C     1 
ATOM   859  O O     . GLN A 1 111 ? -9.970  10.265  -10.792 1.00 18.50 ? 111 GLN A O     1 
ATOM   860  C CB    . GLN A 1 111 ? -9.223  11.239  -7.845  1.00 18.82 ? 111 GLN A CB    1 
ATOM   861  C CG    . GLN A 1 111 ? -10.013 11.621  -6.592  1.00 20.97 ? 111 GLN A CG    1 
ATOM   862  C CD    . GLN A 1 111 ? -9.424  12.744  -5.731  1.00 24.91 ? 111 GLN A CD    1 
ATOM   863  O OE1   . GLN A 1 111 ? -10.083 13.205  -4.797  1.00 30.56 ? 111 GLN A OE1   1 
ATOM   864  N NE2   . GLN A 1 111 ? -8.200  13.156  -5.996  1.00 27.69 ? 111 GLN A NE2   1 
ATOM   865  N N     . ARG A 1 112 ? -8.196  9.039   -10.131 1.00 15.79 ? 112 ARG A N     1 
ATOM   866  C CA    . ARG A 1 112 ? -7.771  8.650   -11.486 1.00 16.33 ? 112 ARG A CA    1 
ATOM   867  C C     . ARG A 1 112 ? -8.426  7.339   -11.971 1.00 15.64 ? 112 ARG A C     1 
ATOM   868  O O     . ARG A 1 112 ? -8.052  6.807   -13.046 1.00 16.69 ? 112 ARG A O     1 
ATOM   869  C CB    . ARG A 1 112 ? -6.267  8.485   -11.547 1.00 17.82 ? 112 ARG A CB    1 
ATOM   870  C CG    . ARG A 1 112 ? -5.366  9.650   -11.173 1.00 19.83 ? 112 ARG A CG    1 
ATOM   871  C CD    . ARG A 1 112 ? -5.466  10.784  -12.109 1.00 21.12 ? 112 ARG A CD    1 
ATOM   872  N NE    . ARG A 1 112 ? -5.290  10.335  -13.488 1.00 20.79 ? 112 ARG A NE    1 
ATOM   873  C CZ    . ARG A 1 112 ? -5.950  10.846  -14.520 1.00 22.94 ? 112 ARG A CZ    1 
ATOM   874  N NH1   . ARG A 1 112 ? -5.764  10.336  -15.721 1.00 22.81 ? 112 ARG A NH1   1 
ATOM   875  N NH2   . ARG A 1 112 ? -6.763  11.888  -14.362 1.00 26.28 ? 112 ARG A NH2   1 
ATOM   876  N N     . GLY A 1 113 ? -9.414  6.847   -11.241 1.00 14.35 ? 113 GLY A N     1 
ATOM   877  C CA    . GLY A 1 113 ? -10.263 5.794   -11.667 1.00 13.97 ? 113 GLY A CA    1 
ATOM   878  C C     . GLY A 1 113 ? -10.117 4.420   -11.027 1.00 13.49 ? 113 GLY A C     1 
ATOM   879  O O     . GLY A 1 113 ? -10.846 3.518   -11.357 1.00 14.49 ? 113 GLY A O     1 
ATOM   880  N N     . GLY A 1 114 ? -9.117  4.247   -10.159 1.00 12.14 ? 114 GLY A N     1 
ATOM   881  C CA    . GLY A 1 114 ? -8.849  2.929   -9.559  1.00 11.78 ? 114 GLY A CA    1 
ATOM   882  C C     . GLY A 1 114 ? -9.877  2.582   -8.494  1.00 11.82 ? 114 GLY A C     1 
ATOM   883  O O     . GLY A 1 114 ? -10.266 3.452   -7.723  1.00 15.18 ? 114 GLY A O     1 
ATOM   884  N N     . LYS A 1 115 ? -10.297 1.330   -8.420  1.00 10.98 ? 115 LYS A N     1 
ATOM   885  C CA    . LYS A 1 115 ? -11.254 0.900   -7.383  1.00 10.15 ? 115 LYS A CA    1 
ATOM   886  C C     . LYS A 1 115 ? -10.488 0.261   -6.248  1.00 9.62  ? 115 LYS A C     1 
ATOM   887  O O     . LYS A 1 115 ? -9.819  -0.767  -6.463  1.00 9.56  ? 115 LYS A O     1 
ATOM   888  C CB    . LYS A 1 115 ? -12.247 -0.051  -7.957  1.00 12.62 ? 115 LYS A CB    1 
ATOM   889  C CG    . LYS A 1 115 ? -13.219 -0.583  -6.914  1.00 13.99 ? 115 LYS A CG    1 
ATOM   890  C CD    . LYS A 1 115 ? -14.260 -1.527  -7.497  1.00 17.34 ? 115 LYS A CD    1 
ATOM   891  C CE    . LYS A 1 115 ? -15.239 -2.043  -6.459  1.00 22.93 ? 115 LYS A CE    1 
ATOM   892  N NZ    . LYS A 1 115 ? -15.740 -0.982  -5.545  1.00 27.90 ? 115 LYS A NZ    1 
ATOM   893  N N     . THR A 1 116 ? -10.626 0.836   -5.076  1.00 9.03  ? 116 THR A N     1 
ATOM   894  C CA    . THR A 1 116 ? -9.926  0.283   -3.882  1.00 8.28  ? 116 THR A CA    1 
ATOM   895  C C     . THR A 1 116 ? -10.573 -0.984  -3.425  1.00 8.63  ? 116 THR A C     1 
ATOM   896  O O     . THR A 1 116 ? -11.808 -1.038  -3.238  1.00 9.41  ? 116 THR A O     1 
ATOM   897  C CB    . THR A 1 116 ? -9.937  1.334   -2.794  1.00 9.30  ? 116 THR A CB    1 
ATOM   898  O OG1   . THR A 1 116 ? -9.327  2.506   -3.331  1.00 10.44 ? 116 THR A OG1   1 
ATOM   899  C CG2   . THR A 1 116 ? -9.220  0.851   -1.562  1.00 9.72  ? 116 THR A CG2   1 
ATOM   900  N N     . VAL A 1 117 ? -9.752  -1.982  -3.161  1.00 8.41  ? 117 VAL A N     1 
ATOM   901  C CA    . VAL A 1 117 ? -10.141 -3.192  -2.478  1.00 8.58  ? 117 VAL A CA    1 
ATOM   902  C C     . VAL A 1 117 ? -9.163  -3.398  -1.325  1.00 8.52  ? 117 VAL A C     1 
ATOM   903  O O     . VAL A 1 117 ? -8.062  -2.859  -1.338  1.00 9.76  ? 117 VAL A O     1 
ATOM   904  C CB    . VAL A 1 117 ? -10.132 -4.407  -3.436  1.00 9.78  ? 117 VAL A CB    1 
ATOM   905  C CG1   . VAL A 1 117 ? -11.162 -4.197  -4.544  1.00 11.57 ? 117 VAL A CG1   1 
ATOM   906  C CG2   . VAL A 1 117 ? -8.761  -4.708  -3.986  1.00 10.30 ? 117 VAL A CG2   1 
ATOM   907  N N     . GLY A 1 118 ? -9.541  -4.192  -0.338  1.00 8.88  ? 118 GLY A N     1 
ATOM   908  C CA    . GLY A 1 118 ? -8.635  -4.528  0.759   1.00 9.33  ? 118 GLY A CA    1 
ATOM   909  C C     . GLY A 1 118 ? -8.690  -3.601  1.950   1.00 8.87  ? 118 GLY A C     1 
ATOM   910  O O     . GLY A 1 118 ? -7.697  -3.484  2.676   1.00 9.34  ? 118 GLY A O     1 
ATOM   911  N N     . TYR A 1 119 ? -9.843  -3.029  2.249   1.00 9.08  ? 119 TYR A N     1 
ATOM   912  C CA    . TYR A 1 119 ? -9.997  -2.210  3.438   1.00 9.18  ? 119 TYR A CA    1 
ATOM   913  C C     . TYR A 1 119 ? -9.709  -3.041  4.696   1.00 8.93  ? 119 TYR A C     1 
ATOM   914  O O     . TYR A 1 119 ? -9.923  -4.262  4.709   1.00 10.97 ? 119 TYR A O     1 
ATOM   915  C CB    . TYR A 1 119 ? -11.409 -1.669  3.516   1.00 10.05 ? 119 TYR A CB    1 
ATOM   916  C CG    . TYR A 1 119 ? -11.768 -0.661  2.449   1.00 11.29 ? 119 TYR A CG    1 
ATOM   917  C CD1   . TYR A 1 119 ? -11.510 0.644   2.615   1.00 12.73 ? 119 TYR A CD1   1 
ATOM   918  C CD2   . TYR A 1 119 ? -12.318 -1.075  1.218   1.00 12.97 ? 119 TYR A CD2   1 
ATOM   919  C CE1   . TYR A 1 119 ? -11.837 1.591   1.616   1.00 13.78 ? 119 TYR A CE1   1 
ATOM   920  C CE2   . TYR A 1 119 ? -12.650 -0.146  0.225   1.00 13.72 ? 119 TYR A CE2   1 
ATOM   921  C CZ    . TYR A 1 119 ? -12.389 1.156   0.443   1.00 13.88 ? 119 TYR A CZ    1 
ATOM   922  O OH    . TYR A 1 119 ? -12.720 2.088   -0.547  1.00 16.15 ? 119 TYR A OH    1 
ATOM   923  N N     . TRP A 1 120 ? -9.213  -2.387  5.736   1.00 8.64  ? 120 TRP A N     1 
ATOM   924  C CA    . TRP A 1 120 ? -8.611  -3.071  6.869   1.00 9.22  ? 120 TRP A CA    1 
ATOM   925  C C     . TRP A 1 120 ? -9.107  -2.475  8.170   1.00 9.32  ? 120 TRP A C     1 
ATOM   926  O O     . TRP A 1 120 ? -9.151  -1.292  8.330   1.00 10.18 ? 120 TRP A O     1 
ATOM   927  C CB    . TRP A 1 120 ? -7.073  -2.962  6.748   1.00 9.05  ? 120 TRP A CB    1 
ATOM   928  C CG    . TRP A 1 120 ? -6.292  -3.737  7.766   1.00 8.77  ? 120 TRP A CG    1 
ATOM   929  C CD1   . TRP A 1 120 ? -5.581  -3.235  8.819   1.00 9.60  ? 120 TRP A CD1   1 
ATOM   930  C CD2   . TRP A 1 120 ? -6.141  -5.139  7.815   1.00 9.48  ? 120 TRP A CD2   1 
ATOM   931  N NE1   . TRP A 1 120 ? -5.017  -4.260  9.524   1.00 10.58 ? 120 TRP A NE1   1 
ATOM   932  C CE2   . TRP A 1 120 ? -5.326  -5.440  8.913   1.00 10.14 ? 120 TRP A CE2   1 
ATOM   933  C CE3   . TRP A 1 120 ? -6.622  -6.178  7.031   1.00 10.64 ? 120 TRP A CE3   1 
ATOM   934  C CZ2   . TRP A 1 120 ? -4.985  -6.747  9.239   1.00 12.28 ? 120 TRP A CZ2   1 
ATOM   935  C CZ3   . TRP A 1 120 ? -6.261  -7.459  7.341   1.00 12.54 ? 120 TRP A CZ3   1 
ATOM   936  C CH2   . TRP A 1 120 ? -5.451  -7.732  8.437   1.00 13.42 ? 120 TRP A CH2   1 
ATOM   937  N N     . SER A 1 121 ? -9.448  -3.332  9.136   1.00 10.71 ? 121 SER A N     1 
ATOM   938  C CA    . SER A 1 121 ? -9.930  -2.857  10.448  1.00 12.26 ? 121 SER A CA    1 
ATOM   939  C C     . SER A 1 121 ? -8.897  -2.027  11.196  1.00 11.53 ? 121 SER A C     1 
ATOM   940  O O     . SER A 1 121 ? -7.686  -2.302  11.155  1.00 11.33 ? 121 SER A O     1 
ATOM   941  C CB    . SER A 1 121 ? -10.279 -4.054  11.300  1.00 13.94 ? 121 SER A CB    1 
ATOM   942  O OG    . SER A 1 121 ? -10.628 -3.679  12.624  1.00 15.85 ? 121 SER A OG    1 
ATOM   943  N N     . THR A 1 122 ? -9.393  -1.027  11.915  1.00 12.06 ? 122 THR A N     1 
ATOM   944  C CA    . THR A 1 122 ? -8.548  -0.255  12.828  1.00 12.72 ? 122 THR A CA    1 
ATOM   945  C C     . THR A 1 122 ? -8.313  -0.917  14.179  1.00 12.86 ? 122 THR A C     1 
ATOM   946  O O     . THR A 1 122 ? -7.582  -0.379  14.993  1.00 12.47 ? 122 THR A O     1 
ATOM   947  C CB    . THR A 1 122 ? -9.158  1.107   13.086  1.00 13.96 ? 122 THR A CB    1 
ATOM   948  O OG1   . THR A 1 122 ? -10.477 0.945   13.635  1.00 16.87 ? 122 THR A OG1   1 
ATOM   949  C CG2   . THR A 1 122 ? -9.238  1.916   11.805  1.00 15.21 ? 122 THR A CG2   1 
ATOM   950  N N     . ASP A 1 123 ? -8.890  -2.075  14.417  1.00 13.32 ? 123 ASP A N     1 
ATOM   951  C CA    . ASP A 1 123 ? -8.644  -2.775  15.682  1.00 13.89 ? 123 ASP A CA    1 
ATOM   952  C C     . ASP A 1 123 ? -7.173  -3.100  15.883  1.00 14.09 ? 123 ASP A C     1 
ATOM   953  O O     . ASP A 1 123 ? -6.531  -3.615  14.984  1.00 14.34 ? 123 ASP A O     1 
ATOM   954  C CB    . ASP A 1 123 ? -9.438  -4.085  15.730  1.00 16.22 ? 123 ASP A CB    1 
ATOM   955  C CG    . ASP A 1 123 ? -10.949 -3.889  15.847  1.00 20.17 ? 123 ASP A CG    1 
ATOM   956  O OD1   . ASP A 1 123 ? -11.426 -2.755  16.015  1.00 24.99 ? 123 ASP A OD1   1 
ATOM   957  O OD2   . ASP A 1 123 ? -11.676 -4.907  15.755  1.00 26.88 ? 123 ASP A OD2   1 
ATOM   958  N N     . GLY A 1 124 ? -6.659  -2.836  17.073  1.00 13.54 ? 124 GLY A N     1 
ATOM   959  C CA    . GLY A 1 124 ? -5.303  -3.226  17.420  1.00 14.58 ? 124 GLY A CA    1 
ATOM   960  C C     . GLY A 1 124 ? -4.231  -2.201  17.144  1.00 13.23 ? 124 GLY A C     1 
ATOM   961  O O     . GLY A 1 124 ? -3.045  -2.521  17.230  1.00 14.98 ? 124 GLY A O     1 
ATOM   962  N N     . TYR A 1 125 ? -4.625  -0.988  16.785  1.00 11.66 ? 125 TYR A N     1 
ATOM   963  C CA    . TYR A 1 125 ? -3.723  0.122   16.593  1.00 11.19 ? 125 TYR A CA    1 
ATOM   964  C C     . TYR A 1 125 ? -4.102  1.255   17.532  1.00 12.11 ? 125 TYR A C     1 
ATOM   965  O O     . TYR A 1 125 ? -5.305  1.417   17.865  1.00 14.98 ? 125 TYR A O     1 
ATOM   966  C CB    . TYR A 1 125 ? -3.810  0.654   15.158  1.00 11.02 ? 125 TYR A CB    1 
ATOM   967  C CG    . TYR A 1 125 ? -3.529  -0.362  14.090  1.00 10.09 ? 125 TYR A CG    1 
ATOM   968  C CD1   . TYR A 1 125 ? -2.249  -0.616  13.631  1.00 10.07 ? 125 TYR A CD1   1 
ATOM   969  C CD2   . TYR A 1 125 ? -4.536  -1.156  13.638  1.00 10.52 ? 125 TYR A CD2   1 
ATOM   970  C CE1   . TYR A 1 125 ? -2.017  -1.573  12.686  1.00 10.06 ? 125 TYR A CE1   1 
ATOM   971  C CE2   . TYR A 1 125 ? -4.315  -2.131  12.679  1.00 10.11 ? 125 TYR A CE2   1 
ATOM   972  C CZ    . TYR A 1 125 ? -3.041  -2.348  12.212  1.00 9.54  ? 125 TYR A CZ    1 
ATOM   973  O OH    . TYR A 1 125 ? -2.851  -3.323  11.279  1.00 10.06 ? 125 TYR A OH    1 
ATOM   974  N N     . LYS A 1 126 ? -3.138  2.053   17.928  1.00 11.32 ? 126 LYS A N     1 
ATOM   975  C CA    . LYS A 1 126 ? -3.334  3.219   18.795  1.00 12.35 ? 126 LYS A CA    1 
ATOM   976  C C     . LYS A 1 126 ? -2.652  4.385   18.134  1.00 11.71 ? 126 LYS A C     1 
ATOM   977  O O     . LYS A 1 126 ? -1.430  4.399   17.976  1.00 12.22 ? 126 LYS A O     1 
ATOM   978  C CB    . LYS A 1 126 ? -2.762  2.953   20.192  1.00 15.35 ? 126 LYS A CB    1 
ATOM   979  C CG    . LYS A 1 126 ? -2.809  4.193   21.080  1.00 18.64 ? 126 LYS A CG    1 
ATOM   980  C CD    . LYS A 1 126 ? -3.294  3.982   22.509  1.00 23.46 ? 126 LYS A CD    1 
ATOM   981  C CE    . LYS A 1 126 ? -4.088  5.209   22.993  1.00 26.33 ? 126 LYS A CE    1 
ATOM   982  N NZ    . LYS A 1 126 ? -4.468  5.135   24.421  1.00 30.34 ? 126 LYS A NZ    1 
ATOM   983  N N     . PHE A 1 127 ? -3.445  5.346   17.703  1.00 11.23 ? 127 PHE A N     1 
ATOM   984  C CA    . PHE A 1 127 ? -2.930  6.478   16.965  1.00 11.51 ? 127 PHE A CA    1 
ATOM   985  C C     . PHE A 1 127 ? -3.936  7.629   17.082  1.00 10.67 ? 127 PHE A C     1 
ATOM   986  O O     . PHE A 1 127 ? -5.097  7.394   17.460  1.00 12.59 ? 127 PHE A O     1 
ATOM   987  C CB    . PHE A 1 127 ? -2.677  6.111   15.471  1.00 12.35 ? 127 PHE A CB    1 
ATOM   988  C CG    . PHE A 1 127 ? -3.902  5.799   14.723  1.00 12.61 ? 127 PHE A CG    1 
ATOM   989  C CD1   . PHE A 1 127 ? -4.496  4.561   14.866  1.00 13.76 ? 127 PHE A CD1   1 
ATOM   990  C CD2   . PHE A 1 127 ? -4.507  6.728   13.899  1.00 13.65 ? 127 PHE A CD2   1 
ATOM   991  C CE1   . PHE A 1 127 ? -5.672  4.258   14.220  1.00 15.08 ? 127 PHE A CE1   1 
ATOM   992  C CE2   . PHE A 1 127 ? -5.670  6.439   13.272  1.00 14.90 ? 127 PHE A CE2   1 
ATOM   993  C CZ    . PHE A 1 127 ? -6.255  5.212   13.421  1.00 15.44 ? 127 PHE A CZ    1 
ATOM   994  N N     . ASN A 1 128 ? -3.510  8.826   16.744  1.00 10.69 ? 128 ASN A N     1 
ATOM   995  C CA    . ASN A 1 128 ? -4.387  10.000  16.886  1.00 10.69 ? 128 ASN A CA    1 
ATOM   996  C C     . ASN A 1 128 ? -5.103  10.370  15.616  1.00 11.02 ? 128 ASN A C     1 
ATOM   997  O O     . ASN A 1 128 ? -6.329  10.648  15.658  1.00 11.43 ? 128 ASN A O     1 
ATOM   998  C CB    . ASN A 1 128 ? -3.563  11.175  17.369  1.00 10.72 ? 128 ASN A CB    1 
ATOM   999  C CG    . ASN A 1 128 ? -4.428  12.343  17.832  1.00 10.70 ? 128 ASN A CG    1 
ATOM   1000 O OD1   . ASN A 1 128 ? -5.397  12.145  18.578  1.00 11.17 ? 128 ASN A OD1   1 
ATOM   1001 N ND2   . ASN A 1 128 ? -4.117  13.514  17.393  1.00 11.52 ? 128 ASN A ND2   1 
ATOM   1002 N N     . ASP A 1 129 ? -4.399  10.383  14.467  1.00 10.31 ? 129 ASP A N     1 
ATOM   1003 C CA    . ASP A 1 129 ? -5.021  10.730  13.211  1.00 11.45 ? 129 ASP A CA    1 
ATOM   1004 C C     . ASP A 1 129 ? -4.260  10.020  12.080  1.00 10.13 ? 129 ASP A C     1 
ATOM   1005 O O     . ASP A 1 129 ? -3.068  9.650   12.236  1.00 10.30 ? 129 ASP A O     1 
ATOM   1006 C CB    . ASP A 1 129 ? -5.037  12.240  13.007  1.00 13.69 ? 129 ASP A CB    1 
ATOM   1007 C CG    . ASP A 1 129 ? -6.162  12.707  12.104  1.00 16.57 ? 129 ASP A CG    1 
ATOM   1008 O OD1   . ASP A 1 129 ? -6.908  11.899  11.561  1.00 17.51 ? 129 ASP A OD1   1 
ATOM   1009 O OD2   . ASP A 1 129 ? -6.278  13.952  11.977  1.00 21.04 ? 129 ASP A OD2   1 
ATOM   1010 N N     . SER A 1 130 ? -4.954  9.864   10.966  1.00 10.17 ? 130 SER A N     1 
ATOM   1011 C CA    . SER A 1 130 ? -4.370  9.236   9.777   1.00 10.12 ? 130 SER A CA    1 
ATOM   1012 C C     . SER A 1 130 ? -5.131  9.604   8.531   1.00 9.56  ? 130 SER A C     1 
ATOM   1013 O O     . SER A 1 130 ? -6.389  9.447   8.515   1.00 10.69 ? 130 SER A O     1 
ATOM   1014 C CB    . SER A 1 130 ? -4.448  7.723   9.917   1.00 10.54 ? 130 SER A CB    1 
ATOM   1015 O OG    . SER A 1 130 ? -4.066  7.033   8.712   1.00 10.77 ? 130 SER A OG    1 
ATOM   1016 N N     . LYS A 1 131 ? -4.444  9.968   7.488   1.00 9.78  ? 131 LYS A N     1 
ATOM   1017 C CA    . LYS A 1 131 ? -5.087  10.195  6.201   1.00 10.23 ? 131 LYS A CA    1 
ATOM   1018 C C     . LYS A 1 131 ? -5.520  8.884   5.554   1.00 10.18 ? 131 LYS A C     1 
ATOM   1019 O O     . LYS A 1 131 ? -6.232  8.926   4.533   1.00 11.34 ? 131 LYS A O     1 
ATOM   1020 C CB    . LYS A 1 131 ? -4.204  10.974  5.279   1.00 10.91 ? 131 LYS A CB    1 
ATOM   1021 C CG    . LYS A 1 131 ? -4.042  12.445  5.698   1.00 12.96 ? 131 LYS A CG    1 
ATOM   1022 C CD    . LYS A 1 131 ? -3.196  13.231  4.721   1.00 14.93 ? 131 LYS A CD    1 
ATOM   1023 C CE    . LYS A 1 131 ? -3.085  14.690  5.135   1.00 17.33 ? 131 LYS A CE    1 
ATOM   1024 N NZ    . LYS A 1 131 ? -2.100  15.400  4.276   1.00 19.01 ? 131 LYS A NZ    1 
ATOM   1025 N N     . ALA A 1 132 ? -5.099  7.746   6.091   1.00 9.35  ? 132 ALA A N     1 
ATOM   1026 C CA    . ALA A 1 132 ? -5.522  6.446   5.597   1.00 9.54  ? 132 ALA A CA    1 
ATOM   1027 C C     . ALA A 1 132 ? -6.865  6.010   6.176   1.00 9.18  ? 132 ALA A C     1 
ATOM   1028 O O     . ALA A 1 132 ? -7.399  4.984   5.779   1.00 9.87  ? 132 ALA A O     1 
ATOM   1029 C CB    . ALA A 1 132 ? -4.458  5.400   5.898   1.00 10.30 ? 132 ALA A CB    1 
ATOM   1030 N N     . LEU A 1 133 ? -7.390  6.754   7.151   1.00 9.81  ? 133 LEU A N     1 
ATOM   1031 C CA    . LEU A 1 133 ? -8.708  6.442   7.722   1.00 11.18 ? 133 LEU A CA    1 
ATOM   1032 C C     . LEU A 1 133 ? -9.814  6.749   6.744   1.00 12.37 ? 133 LEU A C     1 
ATOM   1033 O O     . LEU A 1 133 ? -9.821  7.746   6.000   1.00 14.86 ? 133 LEU A O     1 
ATOM   1034 C CB    . LEU A 1 133 ? -8.954  7.249   8.954   1.00 13.96 ? 133 LEU A CB    1 
ATOM   1035 C CG    . LEU A 1 133 ? -8.463  6.639   10.197  1.00 18.85 ? 133 LEU A CG    1 
ATOM   1036 C CD1   . LEU A 1 133 ? -8.497  7.743   11.248  1.00 20.59 ? 133 LEU A CD1   1 
ATOM   1037 C CD2   . LEU A 1 133 ? -9.383  5.502   10.636  1.00 20.67 ? 133 LEU A CD2   1 
ATOM   1038 N N     . ARG A 1 134 ? -10.766 5.835   6.716   1.00 13.11 ? 134 ARG A N     1 
ATOM   1039 C CA    . ARG A 1 134 ? -11.943 5.954   5.861   1.00 16.71 ? 134 ARG A CA    1 
ATOM   1040 C C     . ARG A 1 134 ? -13.090 5.599   6.780   1.00 16.77 ? 134 ARG A C     1 
ATOM   1041 O O     . ARG A 1 134 ? -13.413 4.488   6.788   1.00 17.86 ? 134 ARG A O     1 
ATOM   1042 C CB    . ARG A 1 134 ? -11.831 4.886   4.734   1.00 18.16 ? 134 ARG A CB    1 
ATOM   1043 C CG    . ARG A 1 134 ? -10.653 5.076   3.798   1.00 18.47 ? 134 ARG A CG    1 
ATOM   1044 C CD    . ARG A 1 134 ? -10.884 6.289   2.921   1.00 18.05 ? 134 ARG A CD    1 
ATOM   1045 N NE    . ARG A 1 134 ? -9.788  6.600   1.966   1.00 18.33 ? 134 ARG A NE    1 
ATOM   1046 C CZ    . ARG A 1 134 ? -8.691  7.356   2.229   1.00 16.88 ? 134 ARG A CZ    1 
ATOM   1047 N NH1   . ARG A 1 134 ? -7.739  7.657   1.281   1.00 15.83 ? 134 ARG A NH1   1 
ATOM   1048 N NH2   . ARG A 1 134 ? -8.563  7.866   3.457   1.00 16.91 ? 134 ARG A NH2   1 
ATOM   1049 N N     . ASN A 1 135 ? -13.604 6.498   7.615   1.00 19.89 ? 135 ASN A N     1 
ATOM   1050 C CA    . ASN A 1 135 ? -14.728 6.153   8.529   1.00 17.30 ? 135 ASN A CA    1 
ATOM   1051 C C     . ASN A 1 135 ? -14.579 4.812   9.330   1.00 18.11 ? 135 ASN A C     1 
ATOM   1052 O O     . ASN A 1 135 ? -15.317 3.876   9.168   1.00 17.99 ? 135 ASN A O     1 
ATOM   1053 C CB    . ASN A 1 135 ? -16.068 6.179   7.763   1.00 17.40 ? 135 ASN A CB    1 
ATOM   1054 C CG    . ASN A 1 135 ? -17.225 5.779   8.657   1.00 16.38 ? 135 ASN A CG    1 
ATOM   1055 O OD1   . ASN A 1 135 ? -17.248 6.132   9.847   1.00 18.30 ? 135 ASN A OD1   1 
ATOM   1056 N ND2   . ASN A 1 135 ? -18.132 4.998   8.129   1.00 14.80 ? 135 ASN A ND2   1 
ATOM   1057 N N     . GLY A 1 136 ? -13.583 4.705   10.218  1.00 20.52 ? 136 GLY A N     1 
ATOM   1058 C CA    . GLY A 1 136 ? -13.439 3.489   11.024  1.00 18.73 ? 136 GLY A CA    1 
ATOM   1059 C C     . GLY A 1 136 ? -12.775 2.241   10.380  1.00 21.18 ? 136 GLY A C     1 
ATOM   1060 O O     . GLY A 1 136 ? -12.839 1.148   10.898  1.00 24.57 ? 136 GLY A O     1 
ATOM   1061 N N     . LYS A 1 137 ? -12.234 2.379   9.175   1.00 17.62 ? 137 LYS A N     1 
ATOM   1062 C CA    . LYS A 1 137 ? -11.427 1.358   8.462   1.00 13.68 ? 137 LYS A CA    1 
ATOM   1063 C C     . LYS A 1 137 ? -10.276 2.118   7.921   1.00 11.85 ? 137 LYS A C     1 
ATOM   1064 O O     . LYS A 1 137 ? -10.397 3.294   7.573   1.00 15.55 ? 137 LYS A O     1 
ATOM   1065 C CB    . LYS A 1 137 ? -12.146 0.777   7.196   1.00 15.76 ? 137 LYS A CB    1 
ATOM   1066 C CG    . LYS A 1 137 ? -13.283 -0.191  7.376   1.00 17.50 ? 137 LYS A CG    1 
ATOM   1067 C CD    . LYS A 1 137 ? -12.841 -1.600  7.743   1.00 18.20 ? 137 LYS A CD    1 
ATOM   1068 C CE    . LYS A 1 137 ? -14.083 -2.411  8.084   1.00 20.44 ? 137 LYS A CE    1 
ATOM   1069 N NZ    . LYS A 1 137 ? -14.392 -2.373  9.561   1.00 22.24 ? 137 LYS A NZ    1 
ATOM   1070 N N     . PHE A 1 138 ? -9.155  1.431   7.732   1.00 10.04 ? 138 PHE A N     1 
ATOM   1071 C CA    . PHE A 1 138 ? -8.076  1.927   6.924   1.00 9.60  ? 138 PHE A CA    1 
ATOM   1072 C C     . PHE A 1 138 ? -8.311  1.547   5.467   1.00 8.90  ? 138 PHE A C     1 
ATOM   1073 O O     . PHE A 1 138 ? -8.906  0.518   5.171   1.00 9.41  ? 138 PHE A O     1 
ATOM   1074 C CB    . PHE A 1 138 ? -6.755  1.312   7.397   1.00 10.51 ? 138 PHE A CB    1 
ATOM   1075 C CG    . PHE A 1 138 ? -6.268  1.806   8.734   1.00 10.30 ? 138 PHE A CG    1 
ATOM   1076 C CD1   . PHE A 1 138 ? -5.822  3.093   8.878   1.00 11.74 ? 138 PHE A CD1   1 
ATOM   1077 C CD2   . PHE A 1 138 ? -6.171  0.971   9.819   1.00 11.52 ? 138 PHE A CD2   1 
ATOM   1078 C CE1   . PHE A 1 138 ? -5.281  3.550   10.075  1.00 12.70 ? 138 PHE A CE1   1 
ATOM   1079 C CE2   . PHE A 1 138 ? -5.595  1.421   11.023  1.00 12.93 ? 138 PHE A CE2   1 
ATOM   1080 C CZ    . PHE A 1 138 ? -5.166  2.691   11.119  1.00 12.73 ? 138 PHE A CZ    1 
ATOM   1081 N N     . VAL A 1 139 ? -7.792  2.370   4.583   1.00 9.36  ? 139 VAL A N     1 
ATOM   1082 C CA    . VAL A 1 139 ? -7.889  2.142   3.134   1.00 10.08 ? 139 VAL A CA    1 
ATOM   1083 C C     . VAL A 1 139 ? -7.114  0.930   2.666   1.00 8.95  ? 139 VAL A C     1 
ATOM   1084 O O     . VAL A 1 139 ? -7.338  0.448   1.568   1.00 10.33 ? 139 VAL A O     1 
ATOM   1085 C CB    . VAL A 1 139 ? -7.425  3.423   2.398   1.00 12.91 ? 139 VAL A CB    1 
ATOM   1086 C CG1   . VAL A 1 139 ? -5.900  3.617   2.437   1.00 13.60 ? 139 VAL A CG1   1 
ATOM   1087 C CG2   . VAL A 1 139 ? -7.914  3.457   1.028   1.00 16.19 ? 139 VAL A CG2   1 
ATOM   1088 N N     . GLY A 1 140 ? -6.191  0.409   3.487   1.00 8.66  ? 140 GLY A N     1 
ATOM   1089 C CA    . GLY A 1 140 ? -5.485  -0.818  3.177   1.00 8.36  ? 140 GLY A CA    1 
ATOM   1090 C C     . GLY A 1 140 ? -4.738  -1.333  4.404   1.00 7.59  ? 140 GLY A C     1 
ATOM   1091 O O     . GLY A 1 140 ? -4.942  -0.830  5.525   1.00 8.42  ? 140 GLY A O     1 
ATOM   1092 N N     . LEU A 1 141 ? -3.935  -2.351  4.206   1.00 7.64  ? 141 LEU A N     1 
ATOM   1093 C CA    . LEU A 1 141 ? -3.219  -2.999  5.278   1.00 7.61  ? 141 LEU A CA    1 
ATOM   1094 C C     . LEU A 1 141 ? -2.195  -2.067  5.858   1.00 8.09  ? 141 LEU A C     1 
ATOM   1095 O O     . LEU A 1 141 ? -1.347  -1.530  5.170   1.00 9.58  ? 141 LEU A O     1 
ATOM   1096 C CB    . LEU A 1 141 ? -2.560  -4.265  4.770   1.00 7.98  ? 141 LEU A CB    1 
ATOM   1097 C CG    . LEU A 1 141 ? -1.670  -4.977  5.794   1.00 8.71  ? 141 LEU A CG    1 
ATOM   1098 C CD1   . LEU A 1 141 ? -2.487  -5.487  6.962   1.00 10.18 ? 141 LEU A CD1   1 
ATOM   1099 C CD2   . LEU A 1 141 ? -0.940  -6.124  5.114   1.00 9.67  ? 141 LEU A CD2   1 
ATOM   1100 N N     . VAL A 1 142 ? -2.240  -1.917  7.182   1.00 8.33  ? 142 VAL A N     1 
ATOM   1101 C CA    . VAL A 1 142 ? -1.271  -1.085  7.868   1.00 9.38  ? 142 VAL A CA    1 
ATOM   1102 C C     . VAL A 1 142 ? -0.435  -1.952  8.806   1.00 9.12  ? 142 VAL A C     1 
ATOM   1103 O O     . VAL A 1 142 ? -0.929  -2.742  9.618   1.00 10.51 ? 142 VAL A O     1 
ATOM   1104 C CB    . VAL A 1 142 ? -1.872  0.154   8.494   1.00 12.33 ? 142 VAL A CB    1 
ATOM   1105 C CG1   . VAL A 1 142 ? -2.395  1.152   7.428   1.00 13.21 ? 142 VAL A CG1   1 
ATOM   1106 C CG2   . VAL A 1 142 ? -2.927  -0.180  9.398   1.00 12.92 ? 142 VAL A CG2   1 
ATOM   1107 N N     . LEU A 1 143 ? 0.859   -1.898  8.584   1.00 8.94  ? 143 LEU A N     1 
ATOM   1108 C CA    . LEU A 1 143 ? 1.841   -2.648  9.360   1.00 9.24  ? 143 LEU A CA    1 
ATOM   1109 C C     . LEU A 1 143 ? 2.696   -1.685  10.150  1.00 9.39  ? 143 LEU A C     1 
ATOM   1110 O O     . LEU A 1 143 ? 2.964   -0.561  9.725   1.00 9.67  ? 143 LEU A O     1 
ATOM   1111 C CB    . LEU A 1 143 ? 2.697   -3.472  8.443   1.00 10.17 ? 143 LEU A CB    1 
ATOM   1112 C CG    . LEU A 1 143 ? 1.910   -4.513  7.644   1.00 10.57 ? 143 LEU A CG    1 
ATOM   1113 C CD1   . LEU A 1 143 ? 2.771   -5.097  6.567   1.00 12.86 ? 143 LEU A CD1   1 
ATOM   1114 C CD2   . LEU A 1 143 ? 1.319   -5.591  8.498   1.00 10.90 ? 143 LEU A CD2   1 
ATOM   1115 N N     . ASP A 1 144 ? 3.171   -2.152  11.305  1.00 9.34  ? 144 ASP A N     1 
ATOM   1116 C CA    . ASP A 1 144 ? 4.062   -1.334  12.099  1.00 9.77  ? 144 ASP A CA    1 
ATOM   1117 C C     . ASP A 1 144 ? 5.185   -2.249  12.569  1.00 10.05 ? 144 ASP A C     1 
ATOM   1118 O O     . ASP A 1 144 ? 5.043   -3.047  13.497  1.00 10.89 ? 144 ASP A O     1 
ATOM   1119 C CB    . ASP A 1 144 ? 3.309   -0.650  13.246  1.00 10.42 ? 144 ASP A CB    1 
ATOM   1120 C CG    . ASP A 1 144 ? 4.175   0.239   14.081  1.00 10.33 ? 144 ASP A CG    1 
ATOM   1121 O OD1   . ASP A 1 144 ? 5.414   0.034   14.103  1.00 11.22 ? 144 ASP A OD1   1 
ATOM   1122 O OD2   . ASP A 1 144 ? 3.621   1.138   14.743  1.00 11.79 ? 144 ASP A OD2   1 
ATOM   1123 N N     . GLU A 1 145 ? 6.286   -2.201  11.829  1.00 10.87 ? 145 GLU A N     1 
ATOM   1124 C CA    . GLU A 1 145 ? 7.484   -3.003  12.147  1.00 13.10 ? 145 GLU A CA    1 
ATOM   1125 C C     . GLU A 1 145 ? 8.255   -2.418  13.298  1.00 13.85 ? 145 GLU A C     1 
ATOM   1126 O O     . GLU A 1 145 ? 9.068   -3.129  13.926  1.00 18.20 ? 145 GLU A O     1 
ATOM   1127 C CB    . GLU A 1 145 ? 8.371   -3.120  10.914  1.00 14.54 ? 145 GLU A CB    1 
ATOM   1128 C CG    . GLU A 1 145 ? 7.733   -3.984  9.830   1.00 17.11 ? 145 GLU A CG    1 
ATOM   1129 C CD    . GLU A 1 145 ? 7.896   -5.484  10.144  1.00 19.40 ? 145 GLU A CD    1 
ATOM   1130 O OE1   . GLU A 1 145 ? 7.049   -6.083  10.821  1.00 22.14 ? 145 GLU A OE1   1 
ATOM   1131 O OE2   . GLU A 1 145 ? 8.943   -6.092  9.777   1.00 28.36 ? 145 GLU A OE2   1 
ATOM   1132 N N     . ASP A 1 146 ? 8.058   -1.155  13.604  1.00 12.93 ? 146 ASP A N     1 
ATOM   1133 C CA    . ASP A 1 146 ? 8.760   -0.515  14.715  1.00 13.71 ? 146 ASP A CA    1 
ATOM   1134 C C     . ASP A 1 146 ? 8.189   -0.904  16.057  1.00 13.69 ? 146 ASP A C     1 
ATOM   1135 O O     . ASP A 1 146 ? 8.969   -1.038  17.041  1.00 16.75 ? 146 ASP A O     1 
ATOM   1136 C CB    . ASP A 1 146 ? 8.694   0.987   14.490  1.00 14.49 ? 146 ASP A CB    1 
ATOM   1137 C CG    . ASP A 1 146 ? 9.468   1.421   13.258  1.00 15.55 ? 146 ASP A CG    1 
ATOM   1138 O OD1   . ASP A 1 146 ? 10.405  0.726   12.802  1.00 20.35 ? 146 ASP A OD1   1 
ATOM   1139 O OD2   . ASP A 1 146 ? 9.203   2.484   12.704  1.00 17.21 ? 146 ASP A OD2   1 
ATOM   1140 N N     . ASN A 1 147 ? 6.869   -1.084  16.167  1.00 13.50 ? 147 ASN A N     1 
ATOM   1141 C CA    . ASN A 1 147 ? 6.195   -1.336  17.433  1.00 13.32 ? 147 ASN A CA    1 
ATOM   1142 C C     . ASN A 1 147 ? 5.443   -2.653  17.479  1.00 12.87 ? 147 ASN A C     1 
ATOM   1143 O O     . ASN A 1 147 ? 5.120   -3.149  18.581  1.00 14.61 ? 147 ASN A O     1 
ATOM   1144 C CB    . ASN A 1 147 ? 5.178   -0.203  17.716  1.00 13.96 ? 147 ASN A CB    1 
ATOM   1145 C CG    . ASN A 1 147 ? 5.838   1.135   17.709  1.00 14.95 ? 147 ASN A CG    1 
ATOM   1146 O OD1   . ASN A 1 147 ? 6.709   1.410   18.559  1.00 18.55 ? 147 ASN A OD1   1 
ATOM   1147 N ND2   . ASN A 1 147 ? 5.485   1.968   16.760  1.00 14.01 ? 147 ASN A ND2   1 
ATOM   1148 N N     . GLN A 1 148 ? 5.075   -3.225  16.314  1.00 12.09 ? 148 GLN A N     1 
ATOM   1149 C CA    . GLN A 1 148 ? 4.195   -4.410  16.249  1.00 11.78 ? 148 GLN A CA    1 
ATOM   1150 C C     . GLN A 1 148 ? 4.729   -5.408  15.269  1.00 11.78 ? 148 GLN A C     1 
ATOM   1151 O O     . GLN A 1 148 ? 3.963   -6.055  14.548  1.00 11.11 ? 148 GLN A O     1 
ATOM   1152 C CB    . GLN A 1 148 ? 2.769   -3.999  15.906  1.00 11.90 ? 148 GLN A CB    1 
ATOM   1153 C CG    . GLN A 1 148 ? 2.133   -3.119  16.968  1.00 12.43 ? 148 GLN A CG    1 
ATOM   1154 C CD    . GLN A 1 148 ? 0.699   -2.734  16.629  1.00 12.48 ? 148 GLN A CD    1 
ATOM   1155 O OE1   . GLN A 1 148 ? 0.342   -2.537  15.447  1.00 11.79 ? 148 GLN A OE1   1 
ATOM   1156 N NE2   . GLN A 1 148 ? -0.150  -2.637  17.619  1.00 14.27 ? 148 GLN A NE2   1 
ATOM   1157 N N     . SER A 1 149 ? 6.058   -5.612  15.244  1.00 12.33 ? 149 SER A N     1 
ATOM   1158 C CA    . SER A 1 149 ? 6.615   -6.519  14.259  1.00 13.96 ? 149 SER A CA    1 
ATOM   1159 C C     . SER A 1 149 ? 6.140   -7.965  14.455  1.00 13.60 ? 149 SER A C     1 
ATOM   1160 O O     . SER A 1 149 ? 6.051   -8.706  13.492  1.00 14.83 ? 149 SER A O     1 
ATOM   1161 C CB    . SER A 1 149 ? 8.142   -6.479  14.234  1.00 16.44 ? 149 SER A CB    1 
ATOM   1162 O OG    . SER A 1 149 ? 8.676   -6.960  15.449  1.00 20.59 ? 149 SER A OG    1 
ATOM   1163 N N     . ASP A 1 150 ? 5.820   -8.342  15.699  1.00 14.14 ? 150 ASP A N     1 
ATOM   1164 C CA    . ASP A 1 150 ? 5.308   -9.686  16.001  1.00 15.38 ? 150 ASP A CA    1 
ATOM   1165 C C     . ASP A 1 150 ? 3.934   -9.963  15.394  1.00 15.17 ? 150 ASP A C     1 
ATOM   1166 O O     . ASP A 1 150 ? 3.524   -11.108 15.316  1.00 16.61 ? 150 ASP A O     1 
ATOM   1167 C CB    . ASP A 1 150 ? 5.268   -9.921  17.527  1.00 18.43 ? 150 ASP A CB    1 
ATOM   1168 C CG    . ASP A 1 150 ? 4.376   -8.925  18.279  1.00 23.53 ? 150 ASP A CG    1 
ATOM   1169 O OD1   . ASP A 1 150 ? 4.281   -7.728  17.931  1.00 28.26 ? 150 ASP A OD1   1 
ATOM   1170 O OD2   . ASP A 1 150 ? 3.733   -9.340  19.268  1.00 31.60 ? 150 ASP A OD2   1 
ATOM   1171 N N     . LEU A 1 151 ? 3.215   -8.916  14.957  1.00 13.02 ? 151 LEU A N     1 
ATOM   1172 C CA    . LEU A 1 151 ? 1.885   -9.065  14.372  1.00 12.30 ? 151 LEU A CA    1 
ATOM   1173 C C     . LEU A 1 151 ? 1.898   -9.087  12.853  1.00 11.78 ? 151 LEU A C     1 
ATOM   1174 O O     . LEU A 1 151 ? 0.888   -9.461  12.238  1.00 11.80 ? 151 LEU A O     1 
ATOM   1175 C CB    . LEU A 1 151 ? 0.982   -7.903  14.823  1.00 13.05 ? 151 LEU A CB    1 
ATOM   1176 C CG    . LEU A 1 151 ? 0.834   -7.812  16.351  1.00 14.93 ? 151 LEU A CG    1 
ATOM   1177 C CD1   . LEU A 1 151 ? -0.171  -6.723  16.681  1.00 15.15 ? 151 LEU A CD1   1 
ATOM   1178 C CD2   . LEU A 1 151 ? 0.430   -9.122  17.043  1.00 16.83 ? 151 LEU A CD2   1 
ATOM   1179 N N     . THR A 1 152 ? 3.015   -8.759  12.232  1.00 10.94 ? 152 THR A N     1 
ATOM   1180 C CA    . THR A 1 152 ? 3.060   -8.605  10.769  1.00 11.07 ? 152 THR A CA    1 
ATOM   1181 C C     . THR A 1 152 ? 2.683   -9.839  10.004  1.00 11.63 ? 152 THR A C     1 
ATOM   1182 O O     . THR A 1 152 ? 1.924   -9.777  9.043   1.00 12.01 ? 152 THR A O     1 
ATOM   1183 C CB    . THR A 1 152 ? 4.422   -8.045  10.373  1.00 11.51 ? 152 THR A CB    1 
ATOM   1184 O OG1   . THR A 1 152 ? 4.490   -6.711  10.879  1.00 12.50 ? 152 THR A OG1   1 
ATOM   1185 C CG2   . THR A 1 152 ? 4.618   -8.024  8.885   1.00 12.23 ? 152 THR A CG2   1 
ATOM   1186 N N     . ASP A 1 153 ? 3.268   -10.966 10.367  1.00 13.29 ? 153 ASP A N     1 
ATOM   1187 C CA    . ASP A 1 153 ? 3.044   -12.150 9.555   1.00 13.94 ? 153 ASP A CA    1 
ATOM   1188 C C     . ASP A 1 153 ? 1.587   -12.557 9.511   1.00 12.56 ? 153 ASP A C     1 
ATOM   1189 O O     . ASP A 1 153 ? 1.061   -12.859 8.427   1.00 12.73 ? 153 ASP A O     1 
ATOM   1190 C CB    . ASP A 1 153 ? 3.895   -13.318 10.068  1.00 17.25 ? 153 ASP A CB    1 
ATOM   1191 C CG    . ASP A 1 153 ? 5.347   -13.202 9.649   1.00 23.75 ? 153 ASP A CG    1 
ATOM   1192 O OD1   . ASP A 1 153 ? 5.685   -12.364 8.779   1.00 28.95 ? 153 ASP A OD1   1 
ATOM   1193 O OD2   . ASP A 1 153 ? 6.180   -13.956 10.218  1.00 30.80 ? 153 ASP A OD2   1 
ATOM   1194 N N     . ASP A 1 154 ? 0.907   -12.538 10.661  1.00 12.42 ? 154 ASP A N     1 
ATOM   1195 C CA    . ASP A 1 154 ? -0.490  -12.898 10.669  1.00 12.27 ? 154 ASP A CA    1 
ATOM   1196 C C     . ASP A 1 154 ? -1.369  -11.866 9.975   1.00 10.38 ? 154 ASP A C     1 
ATOM   1197 O O     . ASP A 1 154 ? -2.344  -12.234 9.321   1.00 10.84 ? 154 ASP A O     1 
ATOM   1198 C CB    . ASP A 1 154 ? -0.932  -13.219 12.072  1.00 15.82 ? 154 ASP A CB    1 
ATOM   1199 C CG    . ASP A 1 154 ? -0.320  -14.541 12.599  1.00 19.13 ? 154 ASP A CG    1 
ATOM   1200 O OD1   . ASP A 1 154 ? 0.058   -15.452 11.816  1.00 23.79 ? 154 ASP A OD1   1 
ATOM   1201 O OD2   . ASP A 1 154 ? -0.232  -14.648 13.840  1.00 27.73 ? 154 ASP A OD2   1 
ATOM   1202 N N     . ARG A 1 155 ? -1.017  -10.609 10.132  1.00 9.45  ? 155 ARG A N     1 
ATOM   1203 C CA    . ARG A 1 155 ? -1.741  -9.551  9.387   1.00 8.77  ? 155 ARG A CA    1 
ATOM   1204 C C     . ARG A 1 155 ? -1.639  -9.759  7.872   1.00 9.13  ? 155 ARG A C     1 
ATOM   1205 O O     . ARG A 1 155 ? -2.662  -9.687  7.185   1.00 9.00  ? 155 ARG A O     1 
ATOM   1206 C CB    . ARG A 1 155 ? -1.226  -8.188  9.816   1.00 8.97  ? 155 ARG A CB    1 
ATOM   1207 C CG    . ARG A 1 155 ? -1.671  -7.770  11.212  1.00 9.76  ? 155 ARG A CG    1 
ATOM   1208 C CD    . ARG A 1 155 ? -1.056  -6.465  11.626  1.00 9.87  ? 155 ARG A CD    1 
ATOM   1209 N NE    . ARG A 1 155 ? -1.656  -5.971  12.845  1.00 10.22 ? 155 ARG A NE    1 
ATOM   1210 C CZ    . ARG A 1 155 ? -1.185  -4.930  13.536  1.00 10.25 ? 155 ARG A CZ    1 
ATOM   1211 N NH1   . ARG A 1 155 ? -1.888  -4.468  14.534  1.00 10.44 ? 155 ARG A NH1   1 
ATOM   1212 N NH2   . ARG A 1 155 ? -0.004  -4.409  13.286  1.00 10.55 ? 155 ARG A NH2   1 
ATOM   1213 N N     . ILE A 1 156 ? -0.440  -10.026 7.375   1.00 9.04  ? 156 ILE A N     1 
ATOM   1214 C CA    . ILE A 1 156 ? -0.274  -10.253 5.942   1.00 9.76  ? 156 ILE A CA    1 
ATOM   1215 C C     . ILE A 1 156 ? -1.063  -11.486 5.508   1.00 9.89  ? 156 ILE A C     1 
ATOM   1216 O O     . ILE A 1 156 ? -1.728  -11.454 4.451   1.00 10.31 ? 156 ILE A O     1 
ATOM   1217 C CB    . ILE A 1 156 ? 1.207   -10.385 5.582   1.00 9.60  ? 156 ILE A CB    1 
ATOM   1218 C CG1   . ILE A 1 156 ? 1.889   -9.041  5.753   1.00 10.30 ? 156 ILE A CG1   1 
ATOM   1219 C CG2   . ILE A 1 156 ? 1.386   -10.926 4.167   1.00 11.18 ? 156 ILE A CG2   1 
ATOM   1220 C CD1   . ILE A 1 156 ? 3.392   -9.078  5.632   1.00 10.67 ? 156 ILE A CD1   1 
ATOM   1221 N N     . LYS A 1 157 ? -1.011  -12.575 6.286   1.00 9.83  ? 157 LYS A N     1 
ATOM   1222 C CA    . LYS A 1 157 ? -1.767  -13.747 5.868   1.00 10.65 ? 157 LYS A CA    1 
ATOM   1223 C C     . LYS A 1 157 ? -3.243  -13.456 5.753   1.00 9.96  ? 157 LYS A C     1 
ATOM   1224 O O     . LYS A 1 157 ? -3.916  -13.915 4.775   1.00 10.56 ? 157 LYS A O     1 
ATOM   1225 C CB    . LYS A 1 157 ? -1.498  -14.916 6.835   1.00 12.04 ? 157 LYS A CB    1 
ATOM   1226 C CG    . LYS A 1 157 ? -0.083  -15.435 6.795   1.00 16.83 ? 157 LYS A CG    1 
ATOM   1227 C CD    . LYS A 1 157 ? 0.203   -16.536 7.817   1.00 19.79 ? 157 LYS A CD    1 
ATOM   1228 C CE    . LYS A 1 157 ? 1.681   -16.898 7.882   1.00 24.12 ? 157 LYS A CE    1 
ATOM   1229 N NZ    . LYS A 1 157 ? 2.305   -17.143 6.571   1.00 28.99 ? 157 LYS A NZ    1 
ATOM   1230 N N     . SER A 1 158 ? -3.779  -12.734 6.696   1.00 9.20  ? 158 SER A N     1 
ATOM   1231 C CA    . SER A 1 158 ? -5.183  -12.396 6.655   1.00 9.58  ? 158 SER A CA    1 
ATOM   1232 C C     . SER A 1 158 ? -5.541  -11.496 5.476   1.00 8.53  ? 158 SER A C     1 
ATOM   1233 O O     . SER A 1 158 ? -6.506  -11.716 4.781   1.00 9.67  ? 158 SER A O     1 
ATOM   1234 C CB    . SER A 1 158 ? -5.518  -11.670 7.937   1.00 10.45 ? 158 SER A CB    1 
ATOM   1235 O OG    . SER A 1 158 ? -6.844  -11.258 7.956   1.00 13.60 ? 158 SER A OG    1 
ATOM   1236 N N     . TRP A 1 159 ? -4.728  -10.462 5.264   1.00 8.25  ? 159 TRP A N     1 
ATOM   1237 C CA    . TRP A 1 159 ? -4.980  -9.527  4.179   1.00 8.32  ? 159 TRP A CA    1 
ATOM   1238 C C     . TRP A 1 159 ? -4.890  -10.192 2.818   1.00 8.30  ? 159 TRP A C     1 
ATOM   1239 O O     . TRP A 1 159 ? -5.721  -9.898  1.924   1.00 8.91  ? 159 TRP A O     1 
ATOM   1240 C CB    . TRP A 1 159 ? -4.047  -8.332  4.295   1.00 8.68  ? 159 TRP A CB    1 
ATOM   1241 C CG    . TRP A 1 159 ? -4.423  -7.182  3.421   1.00 8.09  ? 159 TRP A CG    1 
ATOM   1242 C CD1   . TRP A 1 159 ? -5.541  -6.415  3.524   1.00 8.47  ? 159 TRP A CD1   1 
ATOM   1243 C CD2   . TRP A 1 159 ? -3.609  -6.558  2.427   1.00 7.74  ? 159 TRP A CD2   1 
ATOM   1244 N NE1   . TRP A 1 159 ? -5.500  -5.382  2.631   1.00 8.27  ? 159 TRP A NE1   1 
ATOM   1245 C CE2   . TRP A 1 159 ? -4.320  -5.428  1.968   1.00 8.12  ? 159 TRP A CE2   1 
ATOM   1246 C CE3   . TRP A 1 159 ? -2.342  -6.807  1.907   1.00 8.92  ? 159 TRP A CE3   1 
ATOM   1247 C CZ2   . TRP A 1 159 ? -3.787  -4.525  1.040   1.00 8.33  ? 159 TRP A CZ2   1 
ATOM   1248 C CZ3   . TRP A 1 159 ? -1.828  -5.892  0.941   1.00 8.82  ? 159 TRP A CZ3   1 
ATOM   1249 C CH2   . TRP A 1 159 ? -2.564  -4.789  0.541   1.00 8.94  ? 159 TRP A CH2   1 
ATOM   1250 N N     . VAL A 1 160 ? -3.877  -10.990 2.595   1.00 8.32  ? 160 VAL A N     1 
ATOM   1251 C CA    . VAL A 1 160 ? -3.717  -11.632 1.295   1.00 9.11  ? 160 VAL A CA    1 
ATOM   1252 C C     . VAL A 1 160 ? -4.895  -12.579 0.999   1.00 9.02  ? 160 VAL A C     1 
ATOM   1253 O O     . VAL A 1 160 ? -5.381  -12.629 -0.130  1.00 9.44  ? 160 VAL A O     1 
ATOM   1254 C CB    . VAL A 1 160 ? -2.356  -12.324 1.173   1.00 10.19 ? 160 VAL A CB    1 
ATOM   1255 C CG1   . VAL A 1 160 ? -2.303  -13.230 -0.051  1.00 11.05 ? 160 VAL A CG1   1 
ATOM   1256 C CG2   . VAL A 1 160 ? -1.248  -11.274 1.120   1.00 10.29 ? 160 VAL A CG2   1 
ATOM   1257 N N     . ALA A 1 161 ? -5.381  -13.300 2.011   1.00 9.30  ? 161 ALA A N     1 
ATOM   1258 C CA    . ALA A 1 161 ? -6.584  -14.122 1.808   1.00 9.82  ? 161 ALA A CA    1 
ATOM   1259 C C     . ALA A 1 161 ? -7.747  -13.266 1.357   1.00 9.56  ? 161 ALA A C     1 
ATOM   1260 O O     . ALA A 1 161 ? -8.443  -13.596 0.401   1.00 9.80  ? 161 ALA A O     1 
ATOM   1261 C CB    . ALA A 1 161 ? -6.901  -14.883 3.087   1.00 10.64 ? 161 ALA A CB    1 
ATOM   1262 N N     . GLN A 1 162 ? -7.953  -12.168 2.052   1.00 9.63  ? 162 GLN A N     1 
ATOM   1263 C CA    . GLN A 1 162 ? -8.984  -11.219 1.684   1.00 9.84  ? 162 GLN A CA    1 
ATOM   1264 C C     . GLN A 1 162 ? -8.811  -10.715 0.252   1.00 9.58  ? 162 GLN A C     1 
ATOM   1265 O O     . GLN A 1 162 ? -9.798  -10.627 -0.490  1.00 9.88  ? 162 GLN A O     1 
ATOM   1266 C CB    . GLN A 1 162 ? -8.976  -10.085 2.708   1.00 11.72 ? 162 GLN A CB    1 
ATOM   1267 C CG    . GLN A 1 162 ? -9.907  -8.964  2.496   1.00 13.91 ? 162 GLN A CG    1 
ATOM   1268 C CD    . GLN A 1 162 ? -9.629  -7.791  3.433   1.00 13.75 ? 162 GLN A CD    1 
ATOM   1269 O OE1   . GLN A 1 162 ? -8.912  -7.903  4.460   1.00 15.52 ? 162 GLN A OE1   1 
ATOM   1270 N NE2   . GLN A 1 162 ? -10.181 -6.651  3.077   1.00 13.36 ? 162 GLN A NE2   1 
ATOM   1271 N N     . LEU A 1 163 ? -7.606  -10.345 -0.140  1.00 8.72  ? 163 LEU A N     1 
ATOM   1272 C CA    . LEU A 1 163 ? -7.356  -9.846  -1.500  1.00 8.77  ? 163 LEU A CA    1 
ATOM   1273 C C     . LEU A 1 163 ? -7.582  -10.904 -2.541  1.00 9.48  ? 163 LEU A C     1 
ATOM   1274 O O     . LEU A 1 163 ? -8.056  -10.584 -3.630  1.00 9.78  ? 163 LEU A O     1 
ATOM   1275 C CB    . LEU A 1 163 ? -5.932  -9.305  -1.631  1.00 9.20  ? 163 LEU A CB    1 
ATOM   1276 C CG    . LEU A 1 163 ? -5.639  -8.002  -0.902  1.00 10.39 ? 163 LEU A CG    1 
ATOM   1277 C CD1   . LEU A 1 163 ? -4.216  -7.577  -1.202  1.00 10.09 ? 163 LEU A CD1   1 
ATOM   1278 C CD2   . LEU A 1 163 ? -6.606  -6.906  -1.233  1.00 11.12 ? 163 LEU A CD2   1 
ATOM   1279 N N     . LYS A 1 164 ? -7.211  -12.151 -2.285  1.00 9.30  ? 164 LYS A N     1 
ATOM   1280 C CA    . LYS A 1 164 ? -7.468  -13.172 -3.286  1.00 10.24 ? 164 LYS A CA    1 
ATOM   1281 C C     . LYS A 1 164 ? -8.956  -13.251 -3.579  1.00 10.45 ? 164 LYS A C     1 
ATOM   1282 O O     . LYS A 1 164 ? -9.371  -13.440 -4.739  1.00 12.49 ? 164 LYS A O     1 
ATOM   1283 C CB    . LYS A 1 164 ? -6.948  -14.532 -2.839  1.00 10.42 ? 164 LYS A CB    1 
ATOM   1284 C CG    . LYS A 1 164 ? -5.427  -14.601 -2.857  1.00 10.93 ? 164 LYS A CG    1 
ATOM   1285 C CD    . LYS A 1 164 ? -4.904  -15.935 -2.378  1.00 12.84 ? 164 LYS A CD    1 
ATOM   1286 C CE    . LYS A 1 164 ? -3.400  -15.997 -2.472  1.00 15.08 ? 164 LYS A CE    1 
ATOM   1287 N NZ    . LYS A 1 164 ? -2.905  -17.112 -1.588  1.00 18.18 ? 164 LYS A NZ    1 
ATOM   1288 N N     . SER A 1 165 ? -9.779  -13.069 -2.556  1.00 10.01 ? 165 SER A N     1 
ATOM   1289 C CA    . SER A 1 165 ? -11.237 -13.029 -2.763  1.00 10.50 ? 165 SER A CA    1 
ATOM   1290 C C     . SER A 1 165 ? -11.693 -11.739 -3.453  1.00 10.77 ? 165 SER A C     1 
ATOM   1291 O O     . SER A 1 165 ? -12.452 -11.764 -4.436  1.00 11.70 ? 165 SER A O     1 
ATOM   1292 C CB    . SER A 1 165 ? -11.899 -13.177 -1.406  1.00 11.29 ? 165 SER A CB    1 
ATOM   1293 O OG    . SER A 1 165 ? -13.300 -13.126 -1.553  1.00 13.36 ? 165 SER A OG    1 
ATOM   1294 N N     . GLU A 1 166 ? -11.228 -10.589 -2.960  1.00 10.69 ? 166 GLU A N     1 
ATOM   1295 C CA    . GLU A 1 166 ? -11.688 -9.336  -3.513  1.00 11.63 ? 166 GLU A CA    1 
ATOM   1296 C C     . GLU A 1 166 ? -11.210 -9.063  -4.920  1.00 11.60 ? 166 GLU A C     1 
ATOM   1297 O O     . GLU A 1 166 ? -11.931 -8.373  -5.676  1.00 13.10 ? 166 GLU A O     1 
ATOM   1298 C CB    . GLU A 1 166 ? -11.322 -8.174  -2.558  1.00 11.98 ? 166 GLU A CB    1 
ATOM   1299 C CG    . GLU A 1 166 ? -12.032 -8.249  -1.224  1.00 13.11 ? 166 GLU A CG    1 
ATOM   1300 C CD    . GLU A 1 166 ? -11.890 -7.021  -0.363  1.00 14.86 ? 166 GLU A CD    1 
ATOM   1301 O OE1   . GLU A 1 166 ? -11.823 -5.886  -0.895  1.00 16.53 ? 166 GLU A OE1   1 
ATOM   1302 O OE2   . GLU A 1 166 ? -11.992 -7.120  0.880   1.00 18.31 ? 166 GLU A OE2   1 
ATOM   1303 N N     . PHE A 1 167 ? -10.031 -9.542  -5.280  1.00 10.85 ? 167 PHE A N     1 
ATOM   1304 C CA    . PHE A 1 167 ? -9.548  -9.458  -6.644  1.00 11.72 ? 167 PHE A CA    1 
ATOM   1305 C C     . PHE A 1 167 ? -10.289 -10.455 -7.556  1.00 13.65 ? 167 PHE A C     1 
ATOM   1306 O O     . PHE A 1 167 ? -10.188 -10.362 -8.788  1.00 15.87 ? 167 PHE A O     1 
ATOM   1307 C CB    . PHE A 1 167 ? -8.050  -9.699  -6.753  1.00 11.09 ? 167 PHE A CB    1 
ATOM   1308 C CG    . PHE A 1 167 ? -7.141  -8.554  -6.335  1.00 10.18 ? 167 PHE A CG    1 
ATOM   1309 C CD1   . PHE A 1 167 ? -7.396  -7.240  -6.618  1.00 11.12 ? 167 PHE A CD1   1 
ATOM   1310 C CD2   . PHE A 1 167 ? -5.933  -8.847  -5.742  1.00 11.43 ? 167 PHE A CD2   1 
ATOM   1311 C CE1   . PHE A 1 167 ? -6.480  -6.239  -6.314  1.00 10.81 ? 167 PHE A CE1   1 
ATOM   1312 C CE2   . PHE A 1 167 ? -5.006  -7.853  -5.431  1.00 11.29 ? 167 PHE A CE2   1 
ATOM   1313 C CZ    . PHE A 1 167 ? -5.273  -6.551  -5.732  1.00 10.90 ? 167 PHE A CZ    1 
ATOM   1314 N N     . GLY A 1 168 ? -10.977 -11.433 -6.998  1.00 13.56 ? 168 GLY A N     1 
ATOM   1315 C CA    . GLY A 1 168 ? -11.661 -12.464 -7.783  1.00 15.19 ? 168 GLY A CA    1 
ATOM   1316 C C     . GLY A 1 168 ? -10.738 -13.429 -8.455  1.00 17.24 ? 168 GLY A C     1 
ATOM   1317 O O     . GLY A 1 168 ? -11.024 -13.917 -9.574  1.00 19.81 ? 168 GLY A O     1 
ATOM   1318 N N     . LEU A 1 169 ? -9.656  -13.770 -7.781  1.00 17.72 ? 169 LEU A N     1 
ATOM   1319 C CA    . LEU A 1 169 ? -8.674  -14.696 -8.347  1.00 20.19 ? 169 LEU A CA    1 
ATOM   1320 C C     . LEU A 1 169 ? -9.143  -16.151 -8.380  1.00 22.72 ? 169 LEU A C     1 
ATOM   1321 O O     . LEU A 1 169 ? -9.948  -16.580 -7.547  1.00 27.51 ? 169 LEU A O     1 
ATOM   1322 C CB    . LEU A 1 169 ? -7.354  -14.608 -7.579  1.00 19.27 ? 169 LEU A CB    1 
ATOM   1323 C CG    . LEU A 1 169 ? -6.663  -13.236 -7.469  1.00 19.78 ? 169 LEU A CG    1 
ATOM   1324 C CD1   . LEU A 1 169 ? -5.269  -13.390 -6.885  1.00 20.37 ? 169 LEU A CD1   1 
ATOM   1325 C CD2   . LEU A 1 169 ? -6.579  -12.490 -8.780  1.00 20.79 ? 169 LEU A CD2   1 
ATOM   1326 O OXT   . LEU A 1 169 ? -8.701  -16.899 -9.258  1.00 26.78 ? 169 LEU A OXT   1 
HETATM 1327 N N1    . FMN B 2 .   ? 5.462   6.644   10.204  1.00 8.08  ? 201 FMN A N1    1 
HETATM 1328 C C2    . FMN B 2 .   ? 4.205   7.119   9.988   1.00 7.92  ? 201 FMN A C2    1 
HETATM 1329 O O2    . FMN B 2 .   ? 3.210   6.362   9.983   1.00 8.55  ? 201 FMN A O2    1 
HETATM 1330 N N3    . FMN B 2 .   ? 4.008   8.452   9.778   1.00 8.17  ? 201 FMN A N3    1 
HETATM 1331 C C4    . FMN B 2 .   ? 5.008   9.373   9.750   1.00 8.43  ? 201 FMN A C4    1 
HETATM 1332 O O4    . FMN B 2 .   ? 4.739   10.590  9.495   1.00 9.61  ? 201 FMN A O4    1 
HETATM 1333 C C4A   . FMN B 2 .   ? 6.324   8.905   9.921   1.00 8.48  ? 201 FMN A C4A   1 
HETATM 1334 N N5    . FMN B 2 .   ? 7.381   9.770   9.892   1.00 9.04  ? 201 FMN A N5    1 
HETATM 1335 C C5A   . FMN B 2 .   ? 8.653   9.270   10.130  1.00 8.66  ? 201 FMN A C5A   1 
HETATM 1336 C C6    . FMN B 2 .   ? 9.737   10.116  10.198  1.00 9.48  ? 201 FMN A C6    1 
HETATM 1337 C C7    . FMN B 2 .   ? 11.029  9.688   10.438  1.00 9.76  ? 201 FMN A C7    1 
HETATM 1338 C C7M   . FMN B 2 .   ? 12.157  10.687  10.493  1.00 10.77 ? 201 FMN A C7M   1 
HETATM 1339 C C8    . FMN B 2 .   ? 11.247  8.286   10.637  1.00 9.84  ? 201 FMN A C8    1 
HETATM 1340 C C8M   . FMN B 2 .   ? 12.614  7.755   10.966  1.00 10.01 ? 201 FMN A C8M   1 
HETATM 1341 C C9    . FMN B 2 .   ? 10.181  7.416   10.570  1.00 9.06  ? 201 FMN A C9    1 
HETATM 1342 C C9A   . FMN B 2 .   ? 8.877   7.873   10.331  1.00 8.82  ? 201 FMN A C9A   1 
HETATM 1343 N N10   . FMN B 2 .   ? 7.761   6.999   10.311  1.00 8.19  ? 201 FMN A N10   1 
HETATM 1344 C C10   . FMN B 2 .   ? 6.485   7.512   10.165  1.00 8.67  ? 201 FMN A C10   1 
HETATM 1345 C "C1'" . FMN B 2 .   ? 7.962   5.557   10.463  1.00 8.52  ? 201 FMN A "C1'" 1 
HETATM 1346 C "C2'" . FMN B 2 .   ? 8.366   4.887   9.150   1.00 8.12  ? 201 FMN A "C2'" 1 
HETATM 1347 O "O2'" . FMN B 2 .   ? 7.309   4.945   8.208   1.00 8.77  ? 201 FMN A "O2'" 1 
HETATM 1348 C "C3'" . FMN B 2 .   ? 8.604   3.401   9.451   1.00 8.71  ? 201 FMN A "C3'" 1 
HETATM 1349 O "O3'" . FMN B 2 .   ? 9.871   3.292   10.164  1.00 9.33  ? 201 FMN A "O3'" 1 
HETATM 1350 C "C4'" . FMN B 2 .   ? 8.602   2.538   8.200   1.00 9.05  ? 201 FMN A "C4'" 1 
HETATM 1351 O "O4'" . FMN B 2 .   ? 8.645   1.160   8.559   1.00 10.37 ? 201 FMN A "O4'" 1 
HETATM 1352 C "C5'" . FMN B 2 .   ? 9.721   2.865   7.264   1.00 8.83  ? 201 FMN A "C5'" 1 
HETATM 1353 O "O5'" . FMN B 2 .   ? 9.542   2.060   6.076   1.00 8.82  ? 201 FMN A "O5'" 1 
HETATM 1354 P P     . FMN B 2 .   ? 10.757  1.879   5.043   1.00 8.37  ? 201 FMN A P     1 
HETATM 1355 O O1P   . FMN B 2 .   ? 11.880  1.163   5.766   1.00 9.07  ? 201 FMN A O1P   1 
HETATM 1356 O O2P   . FMN B 2 .   ? 11.190  3.227   4.540   1.00 9.48  ? 201 FMN A O2P   1 
HETATM 1357 O O3P   . FMN B 2 .   ? 10.136  0.985   3.967   1.00 8.38  ? 201 FMN A O3P   1 
HETATM 1358 O O     . HOH C 3 .   ? 6.305   1.751   -19.197 1.00 32.36 ? 301 HOH A O     1 
HETATM 1359 O O     . HOH C 3 .   ? 4.358   13.979  0.354   1.00 19.92 ? 302 HOH A O     1 
HETATM 1360 O O     . HOH C 3 .   ? -2.549  16.253  -4.707  1.00 31.63 ? 303 HOH A O     1 
HETATM 1361 O O     . HOH C 3 .   ? -3.687  12.603  -2.999  1.00 14.91 ? 304 HOH A O     1 
HETATM 1362 O O     . HOH C 3 .   ? 8.850   -14.165 2.320   1.00 28.47 ? 305 HOH A O     1 
HETATM 1363 O O     . HOH C 3 .   ? -11.878 3.086   13.997  1.00 35.00 ? 306 HOH A O     1 
HETATM 1364 O O     . HOH C 3 .   ? 7.735   -12.033 -7.929  1.00 22.21 ? 307 HOH A O     1 
HETATM 1365 O O     . HOH C 3 .   ? 9.774   5.809   13.474  1.00 22.83 ? 308 HOH A O     1 
HETATM 1366 O O     . HOH C 3 .   ? -14.101 3.920   -12.353 1.00 26.73 ? 309 HOH A O     1 
HETATM 1367 O O     . HOH C 3 .   ? -3.084  -7.988  -14.644 1.00 15.62 ? 310 HOH A O     1 
HETATM 1368 O O     . HOH C 3 .   ? 3.298   5.036   7.387   1.00 15.88 ? 311 HOH A O     1 
HETATM 1369 O O     . HOH C 3 .   ? 13.575  -5.139  6.699   1.00 27.41 ? 312 HOH A O     1 
HETATM 1370 O O     . HOH C 3 .   ? -9.471  -5.295  -13.210 1.00 21.84 ? 313 HOH A O     1 
HETATM 1371 O O     . HOH C 3 .   ? 10.488  13.570  12.676  1.00 32.65 ? 314 HOH A O     1 
HETATM 1372 O O     . HOH C 3 .   ? -11.138 -0.119  16.082  1.00 29.26 ? 315 HOH A O     1 
HETATM 1373 O O     . HOH C 3 .   ? -13.983 -6.806  -5.014  1.00 26.17 ? 316 HOH A O     1 
HETATM 1374 O O     . HOH C 3 .   ? -11.462 6.158   -18.930 1.00 29.41 ? 317 HOH A O     1 
HETATM 1375 O O     . HOH C 3 .   ? -1.700  17.662  -11.141 1.00 30.91 ? 318 HOH A O     1 
HETATM 1376 O O     . HOH C 3 .   ? -3.218  -16.098 3.135   1.00 18.62 ? 319 HOH A O     1 
HETATM 1377 O O     . HOH C 3 .   ? 9.104   -0.934  -13.123 1.00 25.42 ? 320 HOH A O     1 
HETATM 1378 O O     . HOH C 3 .   ? -13.269 -13.304 -10.905 1.00 31.95 ? 321 HOH A O     1 
HETATM 1379 O O     . HOH C 3 .   ? -11.272 -10.068 -11.340 1.00 27.97 ? 322 HOH A O     1 
HETATM 1380 O O     . HOH C 3 .   ? -0.802  -18.821 5.176   1.00 30.30 ? 323 HOH A O     1 
HETATM 1381 O O     . HOH C 3 .   ? 10.838  16.884  5.117   1.00 30.84 ? 324 HOH A O     1 
HETATM 1382 O O     . HOH C 3 .   ? -6.198  -1.618  0.158   1.00 9.30  ? 325 HOH A O     1 
HETATM 1383 O O     . HOH C 3 .   ? 0.287   5.773   19.539  1.00 18.08 ? 326 HOH A O     1 
HETATM 1384 O O     . HOH C 3 .   ? 13.989  -6.841  1.340   1.00 22.37 ? 327 HOH A O     1 
HETATM 1385 O O     . HOH C 3 .   ? -13.514 -9.060  1.995   1.00 27.90 ? 328 HOH A O     1 
HETATM 1386 O O     . HOH C 3 .   ? -7.043  1.771   -17.338 1.00 26.67 ? 329 HOH A O     1 
HETATM 1387 O O     . HOH C 3 .   ? -7.899  2.998   -5.577  1.00 11.68 ? 330 HOH A O     1 
HETATM 1388 O O     . HOH C 3 .   ? -4.703  15.863  13.073  1.00 28.75 ? 331 HOH A O     1 
HETATM 1389 O O     . HOH C 3 .   ? 15.047  1.379   -2.875  1.00 30.93 ? 332 HOH A O     1 
HETATM 1390 O O     . HOH C 3 .   ? 5.292   -18.673 -2.192  1.00 30.90 ? 333 HOH A O     1 
HETATM 1391 O O     . HOH C 3 .   ? 0.087   14.125  5.526   1.00 15.37 ? 334 HOH A O     1 
HETATM 1392 O O     . HOH C 3 .   ? -7.280  -9.998  10.325  1.00 27.49 ? 335 HOH A O     1 
HETATM 1393 O O     . HOH C 3 .   ? -0.141  -12.430 15.418  1.00 28.32 ? 336 HOH A O     1 
HETATM 1394 O O     . HOH C 3 .   ? -14.621 -13.254 -5.170  1.00 30.10 ? 337 HOH A O     1 
HETATM 1395 O O     . HOH C 3 .   ? 12.647  3.323   9.635   1.00 13.24 ? 338 HOH A O     1 
HETATM 1396 O O     . HOH C 3 .   ? 1.774   4.687   4.726   1.00 13.31 ? 339 HOH A O     1 
HETATM 1397 O O     . HOH C 3 .   ? 12.944  8.254   -7.455  1.00 25.89 ? 340 HOH A O     1 
HETATM 1398 O O     . HOH C 3 .   ? 15.168  -2.963  6.691   1.00 26.48 ? 341 HOH A O     1 
HETATM 1399 O O     . HOH C 3 .   ? -13.662 0.971   -2.921  1.00 16.71 ? 342 HOH A O     1 
HETATM 1400 O O     . HOH C 3 .   ? 9.613   12.062  2.699   1.00 24.83 ? 343 HOH A O     1 
HETATM 1401 O O     . HOH C 3 .   ? -16.884 -1.908  -3.211  1.00 31.80 ? 344 HOH A O     1 
HETATM 1402 O O     . HOH C 3 .   ? -10.543 8.456   -1.417  1.00 25.15 ? 345 HOH A O     1 
HETATM 1403 O O     . HOH C 3 .   ? 11.690  8.785   1.697   1.00 15.48 ? 346 HOH A O     1 
HETATM 1404 O O     . HOH C 3 .   ? 14.146  13.044  7.886   1.00 17.66 ? 347 HOH A O     1 
HETATM 1405 O O     . HOH C 3 .   ? -9.632  -14.518 -11.899 1.00 31.77 ? 348 HOH A O     1 
HETATM 1406 O O     . HOH C 3 .   ? -4.137  10.828  20.682  1.00 23.40 ? 349 HOH A O     1 
HETATM 1407 O O     . HOH C 3 .   ? -6.871  -4.674  12.431  1.00 13.91 ? 350 HOH A O     1 
HETATM 1408 O O     . HOH C 3 .   ? -9.480  -11.343 -14.934 1.00 18.01 ? 351 HOH A O     1 
HETATM 1409 O O     . HOH C 3 .   ? 2.162   16.595  12.221  1.00 31.29 ? 352 HOH A O     1 
HETATM 1410 O O     . HOH C 3 .   ? -3.881  -14.459 10.001  1.00 18.21 ? 353 HOH A O     1 
HETATM 1411 O O     . HOH C 3 .   ? -13.921 -5.415  -2.671  1.00 22.96 ? 354 HOH A O     1 
HETATM 1412 O O     . HOH C 3 .   ? -3.032  12.552  9.565   1.00 14.18 ? 355 HOH A O     1 
HETATM 1413 O O     . HOH C 3 .   ? 14.855  10.509  0.313   1.00 21.38 ? 356 HOH A O     1 
HETATM 1414 O O     . HOH C 3 .   ? 12.069  -5.733  -6.027  1.00 36.56 ? 357 HOH A O     1 
HETATM 1415 O O     . HOH C 3 .   ? 14.668  -4.631  2.579   1.00 20.95 ? 358 HOH A O     1 
HETATM 1416 O O     . HOH C 3 .   ? 7.081   0.233   10.683  1.00 12.67 ? 359 HOH A O     1 
HETATM 1417 O O     . HOH C 3 .   ? -12.449 5.286   -8.313  1.00 33.66 ? 360 HOH A O     1 
HETATM 1418 O O     . HOH C 3 .   ? 2.663   -5.019  12.159  1.00 10.18 ? 361 HOH A O     1 
HETATM 1419 O O     . HOH C 3 .   ? -0.670  -8.229  -16.108 1.00 22.28 ? 362 HOH A O     1 
HETATM 1420 O O     . HOH C 3 .   ? -0.182  14.334  -8.897  1.00 33.52 ? 363 HOH A O     1 
HETATM 1421 O O     . HOH C 3 .   ? -11.486 4.845   0.066   1.00 18.58 ? 364 HOH A O     1 
HETATM 1422 O O     . HOH C 3 .   ? -8.832  -9.940  6.382   1.00 20.08 ? 365 HOH A O     1 
HETATM 1423 O O     . HOH C 3 .   ? 7.983   13.384  -0.029  1.00 24.82 ? 366 HOH A O     1 
HETATM 1424 O O     . HOH C 3 .   ? -7.994  -1.374  19.062  1.00 31.80 ? 367 HOH A O     1 
HETATM 1425 O O     . HOH C 3 .   ? -1.954  14.268  -18.355 1.00 23.13 ? 368 HOH A O     1 
HETATM 1426 O O     . HOH C 3 .   ? -7.704  2.027   16.437  1.00 24.32 ? 369 HOH A O     1 
HETATM 1427 O O     . HOH C 3 .   ? 10.397  7.448   -8.429  1.00 24.05 ? 370 HOH A O     1 
HETATM 1428 O O     . HOH C 3 .   ? -14.049 -2.622  -2.608  1.00 21.92 ? 371 HOH A O     1 
HETATM 1429 O O     . HOH C 3 .   ? 14.611  0.304   12.817  1.00 32.85 ? 372 HOH A O     1 
HETATM 1430 O O     . HOH C 3 .   ? 5.333   -11.188 12.358  1.00 19.20 ? 373 HOH A O     1 
HETATM 1431 O O     . HOH C 3 .   ? 2.253   -12.538 13.236  1.00 17.37 ? 374 HOH A O     1 
HETATM 1432 O O     . HOH C 3 .   ? -12.542 -4.427  1.554   1.00 19.22 ? 375 HOH A O     1 
HETATM 1433 O O     . HOH C 3 .   ? -0.410  0.158   19.798  1.00 31.85 ? 376 HOH A O     1 
HETATM 1434 O O     . HOH C 3 .   ? 11.989  2.964   -3.097  1.00 13.18 ? 377 HOH A O     1 
HETATM 1435 O O     . HOH C 3 .   ? 2.329   14.990  2.327   1.00 32.17 ? 378 HOH A O     1 
HETATM 1436 O O     . HOH C 3 .   ? -9.536  -6.172  8.975   1.00 21.64 ? 379 HOH A O     1 
HETATM 1437 O O     . HOH C 3 .   ? -5.655  13.488  -4.760  1.00 23.08 ? 380 HOH A O     1 
HETATM 1438 O O     . HOH C 3 .   ? 10.798  -0.966  -10.834 1.00 26.86 ? 381 HOH A O     1 
HETATM 1439 O O     . HOH C 3 .   ? -14.601 -10.754 -0.643  1.00 22.29 ? 382 HOH A O     1 
HETATM 1440 O O     . HOH C 3 .   ? 12.095  -3.091  -9.239  1.00 22.61 ? 383 HOH A O     1 
HETATM 1441 O O     . HOH C 3 .   ? -3.089  4.987   -18.615 1.00 22.90 ? 384 HOH A O     1 
HETATM 1442 O O     . HOH C 3 .   ? 12.536  10.015  14.185  1.00 29.93 ? 385 HOH A O     1 
HETATM 1443 O O     . HOH C 3 .   ? 10.140  -5.367  -11.876 1.00 31.02 ? 386 HOH A O     1 
HETATM 1444 O O     . HOH C 3 .   ? 5.789   -5.723  -16.034 1.00 41.09 ? 387 HOH A O     1 
HETATM 1445 O O     . HOH C 3 .   ? 8.877   6.200   17.930  1.00 31.00 ? 388 HOH A O     1 
HETATM 1446 O O     . HOH C 3 .   ? -2.168  15.560  11.835  1.00 32.30 ? 389 HOH A O     1 
HETATM 1447 O O     . HOH C 3 .   ? -0.858  -18.585 1.112   1.00 32.35 ? 390 HOH A O     1 
HETATM 1448 O O     . HOH C 3 .   ? 0.515   -14.313 -13.177 1.00 25.99 ? 391 HOH A O     1 
HETATM 1449 O O     . HOH C 3 .   ? 4.937   -15.143 2.974   1.00 24.89 ? 392 HOH A O     1 
HETATM 1450 O O     . HOH C 3 .   ? -4.098  11.778  -18.298 1.00 26.68 ? 393 HOH A O     1 
HETATM 1451 O O     . HOH C 3 .   ? -0.643  12.772  19.329  1.00 35.53 ? 394 HOH A O     1 
HETATM 1452 O O     . HOH C 3 .   ? -2.674  -4.977  18.737  1.00 31.03 ? 395 HOH A O     1 
HETATM 1453 O O     . HOH C 3 .   ? -12.276 3.229   -5.004  1.00 21.44 ? 396 HOH A O     1 
HETATM 1454 O O     . HOH C 3 .   ? -4.287  -5.920  15.314  1.00 29.35 ? 397 HOH A O     1 
HETATM 1455 O O     . HOH C 3 .   ? 2.405   12.696  15.999  1.00 30.96 ? 398 HOH A O     1 
HETATM 1456 O O     . HOH C 3 .   ? -1.314  -10.353 13.939  1.00 21.03 ? 399 HOH A O     1 
HETATM 1457 O O     . HOH C 3 .   ? 2.662   12.476  13.903  1.00 18.88 ? 400 HOH A O     1 
HETATM 1458 O O     . HOH C 3 .   ? 11.302  -10.303 3.531   1.00 19.92 ? 401 HOH A O     1 
HETATM 1459 O O     . HOH C 3 .   ? 3.454   10.759  18.061  1.00 25.50 ? 402 HOH A O     1 
HETATM 1460 O O     . HOH C 3 .   ? 8.122   -4.302  16.889  1.00 24.93 ? 403 HOH A O     1 
HETATM 1461 O O     . HOH C 3 .   ? -10.444 -6.628  6.633   1.00 33.85 ? 404 HOH A O     1 
HETATM 1462 O O     . HOH C 3 .   ? -12.454 11.858  -10.996 1.00 34.32 ? 405 HOH A O     1 
HETATM 1463 O O     . HOH C 3 .   ? 0.868   -2.849  20.395  1.00 33.46 ? 406 HOH A O     1 
HETATM 1464 O O     . HOH C 3 .   ? -11.883 -15.386 -5.627  1.00 29.51 ? 407 HOH A O     1 
HETATM 1465 O O     . HOH C 3 .   ? 7.043   15.199  -7.113  1.00 76.97 ? 408 HOH A O     1 
HETATM 1466 O O     . HOH C 3 .   ? -4.649  -6.353  12.649  1.00 18.99 ? 409 HOH A O     1 
HETATM 1467 O O     . HOH C 3 .   ? 0.864   8.168   -20.069 1.00 23.37 ? 410 HOH A O     1 
HETATM 1468 O O     . HOH C 3 .   ? -5.705  12.988  8.979   1.00 24.78 ? 411 HOH A O     1 
HETATM 1469 O O     . HOH C 3 .   ? -8.616  -1.355  -18.146 1.00 29.67 ? 412 HOH A O     1 
HETATM 1470 O O     . HOH C 3 .   ? -4.564  7.598   20.463  1.00 37.82 ? 413 HOH A O     1 
HETATM 1471 O O     . HOH C 3 .   ? -15.633 1.932   -4.611  1.00 28.69 ? 414 HOH A O     1 
HETATM 1472 O O     . HOH C 3 .   ? -4.263  13.849  -0.486  1.00 33.39 ? 415 HOH A O     1 
HETATM 1473 O O     . HOH C 3 .   ? -6.650  13.470  -9.927  1.00 34.63 ? 416 HOH A O     1 
HETATM 1474 O O     . HOH C 3 .   ? 12.105  4.270   12.894  1.00 28.81 ? 417 HOH A O     1 
HETATM 1475 O O     . HOH C 3 .   ? 11.998  11.043  3.718   1.00 25.21 ? 418 HOH A O     1 
HETATM 1476 O O     . HOH C 3 .   ? -8.484  -6.943  12.762  1.00 27.14 ? 419 HOH A O     1 
HETATM 1477 O O     . HOH C 3 .   ? 2.903   1.487   19.755  1.00 28.83 ? 420 HOH A O     1 
HETATM 1478 O O     . HOH C 3 .   ? -5.073  -13.172 12.133  1.00 28.98 ? 421 HOH A O     1 
HETATM 1479 O O     . HOH C 3 .   ? 1.099   16.506  -8.172  1.00 31.01 ? 422 HOH A O     1 
HETATM 1480 O O     . HOH C 3 .   ? -5.186  -9.118  11.972  1.00 29.17 ? 423 HOH A O     1 
# 
